data_9QLS
#
_entry.id   9QLS
#
_cell.length_a   1.00
_cell.length_b   1.00
_cell.length_c   1.00
_cell.angle_alpha   90.00
_cell.angle_beta   90.00
_cell.angle_gamma   90.00
#
_symmetry.space_group_name_H-M   'P 1'
#
loop_
_entity.id
_entity.type
_entity.pdbx_description
1 polymer Dysferlin
2 non-polymer 'CALCIUM ION'
#
_entity_poly.entity_id   1
_entity_poly.type   'polypeptide(L)'
_entity_poly.pdbx_seq_one_letter_code
;MASWSHPQFEKGGGSGGGSGGGSWSHPQFEKLEVLFQGPGSGGGSGGMLRVFILYAENVHTPDTDISDAYCSAVFAGVKK
RTKVIKNSVNPVWNEGFEWDLKGIPLDQGSELHVVVKDHETMGRNRFLGEAKVPLREVLATPSLSASFNAPLLDTKKQPT
GASLVLQVSYTPLPGAVPLFPPPTPLEPSPTLPDLDVVADTGGEEDTEDQGLTGDEAEPFLDQSGGPGAPTTPRKLPSRP
PPHYPGIKRKRSAPTSRKLLSDKPQDFQIRVQVIEGRQLPGVNIKPVVKVTAAGQTKRTRIHKGNSPLFNETLFFNLFDS
PGELFDEPIFITVVDSRSLRTDALLGEFRMDVGTIYREPRHAYLRKWLLLSDPDDFSAGARGYLKTSLCVLGPGDEAPLE
RKDPSEDKEDIESNLLRPTGVALRGAHFCLKVFRAEDLPQMDDAVMDNVKQIFGFESNKKNLVDPFVEVSFAGKMLCSKI
LEKTANPQWNQNITLPAMFPSMCEKMRIRIIDWDRLTHNDIVATTYLSMSKISAPGGEIEEEPAGAVKPSKASDLDDYLG
FLPTFGPCYINLYGSPREFTGFPDPYTELNTGKGEGVAYRGRLLLSLETKLVEHSEQKVEDLPADDILRVEKYLRRRKYS
LFAAFYSATMLQDVDDAIQFEVSIGNYGNKFDMTCLPLASTTQYSRAVFDGCHYYYLPWGNVKPVVVLSSYWEDISHRIE
TQNQLLGIADRLEAGLEQVHLALKAQCSTEDVDSLVAQLTDELIAGCSQPLGDIHETPSATHLDQYLYQLRTHHLSQITE
AALALKLGHSELPAALEQAEDWLLRLRALAEEPQNSLPDIVIWMLQGDKRVAYQRVPAHQVLFSRRGANYCGKNCGKLQT
IFLKYPMEKVPGARMPVQIRVKLWFGLSVDEKEFNQFAEGKLSVFAETYENETKLALVGNWGTTGLTYPKFSDVTGKIKL
PKDSFRPSAGWTWAGDWFVCPEKTLLHDMDAGHLSFVEEVFENQTRLPGGQWIYMSDNYTDVNGEKVLPKDDIECPLGWK
WEDEEWSTDLNRAVDEQGWEYSITIPPERKPKHWVPAEKMYYTHRRRRWVRLRRRDLSQMEALKRHRQAEAEGEGWEYAS
LFGWKFHLEYRKTDAFRRRRWRRRMEPLEKTGPAAVFALEGALGGVMDDKSEDSMSVSTLSFGVNRPTISCIFDYGNRYH
LRCYMYQARDLAAMDKDSFSDPYAIVSFLHQSQKTVVVKNTLNPTWDQTLIFYEIEIFGEPATVAEQPPSIVVELYDHDT
YGADEFMGRCICQPSLERMPRLAWFPLTRGSQPSGELLASFELIQREKPAIHHIPGFEVQETSRILDESEDTDLPYPPPQ
REANIYMVPQNIKPALQRTAIEILAWGLRNMKSYQLANISSPSLVVECGGQTVQSCVIRNLRKNPNFDICTLFMEVMLPR
EELYCPPITVKVIDNRQFGRRPVVGQCTIRSLESFLCDPYSAESPSPQGGPDDVSLLSPGEDVLIDIDDKEPLIPIQEEE
FIDWWSKFFASIGEREKCGSYLEKDFDTLKVYDTQLENVEAFEGLSDFCNTFKLYRGKTQEETEDPSVIGEFKGLFKIYP
LPEDPAIPMPPRQFHQLAAQGPQECLVRIYIVRAFGLQPKDPNGKCDPYIKISIGKKSVSDQDNYIPCTLEPVFGKMFEL
TCTLPLEKDLKITLYDYDLLSKDEKIGETVVDLENRLLSKFGARCGLPQTYCVSGPNQWRDQLRPSQLLHLFCQQHRVKA
PVYRTDRVMFQDKEYSIEEIEAGRIPNPHLGPVEERLALHVLQQQGLVPEHVESRPLYSPLQPDIEQGKLQMWVDLFPKA
LGRPGPPFNITPRRARRFFLRCIIWNTRDVILDDLSLTGEKMSDIYVKGWMIGFEEHKQKTDVHYRSLGGEGNFNWRFIF
PFDYLPAEQVCTIAKKDAFWRLDKTESKIPARVVFQIWDNDKFSFDDFLGSLQLDLNRMPKPAKTAKKCSLDQLDDAFHP
EWFVSLFEQKTVKGWWPCVAEEGEKKILAGKLEMTLEIVAESEHEERPAGQGRDEPNMNPKLED
;
_entity_poly.pdbx_strand_id   A
#
# COMPACT_ATOMS: atom_id res chain seq x y z
N GLN A 265 -17.88 -38.87 0.12
CA GLN A 265 -18.01 -38.30 1.46
C GLN A 265 -16.81 -37.42 1.80
N ASP A 266 -16.91 -36.14 1.44
CA ASP A 266 -15.84 -35.18 1.67
C ASP A 266 -16.39 -34.00 2.46
N PHE A 267 -15.53 -33.40 3.28
CA PHE A 267 -15.89 -32.21 4.04
C PHE A 267 -14.73 -31.23 4.00
N GLN A 268 -15.05 -29.96 4.19
CA GLN A 268 -14.12 -28.87 3.96
C GLN A 268 -14.02 -28.00 5.20
N ILE A 269 -12.83 -27.48 5.47
CA ILE A 269 -12.57 -26.60 6.61
C ILE A 269 -11.99 -25.30 6.10
N ARG A 270 -12.57 -24.18 6.53
CA ARG A 270 -12.07 -22.85 6.19
C ARG A 270 -11.52 -22.20 7.44
N VAL A 271 -10.25 -21.79 7.40
CA VAL A 271 -9.57 -21.15 8.52
C VAL A 271 -9.07 -19.79 8.04
N GLN A 272 -9.52 -18.73 8.71
CA GLN A 272 -9.12 -17.37 8.41
C GLN A 272 -8.41 -16.81 9.65
N VAL A 273 -7.14 -16.47 9.50
CA VAL A 273 -6.32 -15.97 10.61
C VAL A 273 -6.01 -14.51 10.35
N ILE A 274 -6.32 -13.65 11.33
CA ILE A 274 -6.33 -12.22 11.10
C ILE A 274 -5.08 -11.56 11.66
N GLU A 275 -4.86 -11.67 12.96
CA GLU A 275 -3.81 -10.90 13.62
C GLU A 275 -3.43 -11.56 14.93
N GLY A 276 -2.29 -11.12 15.47
CA GLY A 276 -1.90 -11.48 16.81
C GLY A 276 -1.41 -10.27 17.56
N ARG A 277 -1.63 -10.27 18.87
CA ARG A 277 -1.24 -9.15 19.72
C ARG A 277 -0.36 -9.64 20.86
N GLN A 278 0.71 -8.87 21.14
CA GLN A 278 1.60 -9.06 22.29
C GLN A 278 2.26 -10.45 22.30
N LEU A 279 2.92 -10.79 21.19
CA LEU A 279 3.58 -12.08 21.08
C LEU A 279 4.82 -12.14 21.97
N PRO A 280 5.19 -13.32 22.46
CA PRO A 280 6.43 -13.45 23.23
C PRO A 280 7.66 -13.33 22.33
N GLY A 281 8.77 -12.99 22.96
CA GLY A 281 10.00 -12.76 22.23
C GLY A 281 10.08 -11.34 21.69
N VAL A 282 11.24 -11.03 21.13
CA VAL A 282 11.52 -9.71 20.59
C VAL A 282 12.16 -9.86 19.22
N ASN A 283 11.86 -8.90 18.33
CA ASN A 283 12.35 -8.83 16.95
C ASN A 283 12.03 -10.09 16.14
N ILE A 284 10.83 -10.65 16.33
CA ILE A 284 10.49 -11.90 15.69
C ILE A 284 9.89 -11.66 14.31
N LYS A 285 9.85 -12.73 13.51
CA LYS A 285 9.18 -12.76 12.21
C LYS A 285 8.18 -13.91 12.22
N PRO A 286 7.00 -13.68 12.80
CA PRO A 286 6.08 -14.79 13.04
C PRO A 286 5.34 -15.23 11.78
N VAL A 287 4.86 -16.47 11.81
CA VAL A 287 4.03 -17.05 10.77
C VAL A 287 3.21 -18.17 11.43
N VAL A 288 2.06 -18.48 10.83
CA VAL A 288 1.15 -19.48 11.39
C VAL A 288 1.20 -20.72 10.51
N LYS A 289 1.56 -21.84 11.11
CA LYS A 289 1.49 -23.14 10.44
C LYS A 289 0.19 -23.86 10.82
N VAL A 290 -0.88 -23.49 10.12
CA VAL A 290 -2.19 -24.05 10.40
C VAL A 290 -2.28 -25.49 9.89
N THR A 291 -2.65 -26.39 10.79
CA THR A 291 -2.75 -27.80 10.44
C THR A 291 -4.12 -28.33 10.84
N ALA A 292 -4.80 -28.94 9.88
CA ALA A 292 -6.12 -29.51 10.12
C ALA A 292 -6.06 -31.01 9.88
N ALA A 293 -6.08 -31.76 10.99
CA ALA A 293 -6.06 -33.24 11.00
C ALA A 293 -4.86 -33.82 10.25
N GLY A 294 -3.70 -33.17 10.39
CA GLY A 294 -2.49 -33.64 9.76
C GLY A 294 -2.15 -32.96 8.45
N GLN A 295 -3.08 -32.25 7.83
CA GLN A 295 -2.81 -31.54 6.60
C GLN A 295 -2.26 -30.15 6.91
N THR A 296 -1.02 -29.89 6.51
CA THR A 296 -0.30 -28.70 6.91
C THR A 296 -0.45 -27.60 5.87
N LYS A 297 -0.29 -26.35 6.33
CA LYS A 297 -0.32 -25.17 5.49
C LYS A 297 0.47 -24.08 6.19
N ARG A 298 0.71 -22.98 5.47
CA ARG A 298 1.50 -21.88 6.02
C ARG A 298 0.94 -20.56 5.53
N THR A 299 0.97 -19.56 6.40
CA THR A 299 0.46 -18.24 6.09
C THR A 299 1.57 -17.31 5.59
N ARG A 300 1.26 -16.02 5.53
CA ARG A 300 2.21 -15.04 5.04
C ARG A 300 3.20 -14.64 6.13
N ILE A 301 4.43 -14.32 5.73
CA ILE A 301 5.44 -13.87 6.67
C ILE A 301 5.16 -12.43 7.08
N HIS A 302 5.26 -12.15 8.38
CA HIS A 302 5.00 -10.81 8.90
C HIS A 302 6.10 -10.44 9.90
N LYS A 303 5.96 -9.25 10.48
CA LYS A 303 7.02 -8.61 11.24
C LYS A 303 6.48 -8.07 12.56
N GLY A 304 7.32 -8.10 13.59
CA GLY A 304 7.04 -7.44 14.84
C GLY A 304 6.27 -8.31 15.82
N ASN A 305 6.03 -7.74 17.00
CA ASN A 305 5.27 -8.42 18.05
C ASN A 305 3.77 -8.36 17.83
N SER A 306 3.30 -7.58 16.85
CA SER A 306 1.88 -7.50 16.52
C SER A 306 1.70 -7.76 15.04
N PRO A 307 1.66 -9.01 14.62
CA PRO A 307 1.48 -9.33 13.19
C PRO A 307 0.04 -9.18 12.73
N LEU A 308 -0.12 -9.06 11.41
CA LEU A 308 -1.39 -8.74 10.76
C LEU A 308 -1.62 -9.67 9.56
N PHE A 309 -1.53 -10.99 9.80
CA PHE A 309 -1.53 -12.06 8.79
C PHE A 309 -2.59 -11.98 7.69
N ASN A 310 -3.86 -11.80 8.07
CA ASN A 310 -5.04 -11.61 7.21
C ASN A 310 -5.25 -12.66 6.11
N GLU A 311 -4.65 -13.84 6.25
CA GLU A 311 -4.70 -14.84 5.18
C GLU A 311 -5.81 -15.86 5.42
N THR A 312 -6.16 -16.58 4.36
CA THR A 312 -7.20 -17.59 4.39
C THR A 312 -6.66 -18.89 3.79
N LEU A 313 -6.94 -20.01 4.48
CA LEU A 313 -6.49 -21.33 4.05
C LEU A 313 -7.67 -22.29 4.06
N PHE A 314 -7.56 -23.36 3.26
CA PHE A 314 -8.62 -24.34 3.11
C PHE A 314 -8.06 -25.75 3.21
N PHE A 315 -8.89 -26.69 3.68
CA PHE A 315 -8.51 -28.08 3.85
C PHE A 315 -9.67 -28.97 3.45
N ASN A 316 -9.36 -30.23 3.14
CA ASN A 316 -10.38 -31.20 2.74
C ASN A 316 -9.85 -32.60 3.02
N LEU A 317 -10.77 -33.52 3.37
CA LEU A 317 -10.40 -34.90 3.66
C LEU A 317 -11.60 -35.80 3.38
N PHE A 318 -11.31 -37.02 2.92
CA PHE A 318 -12.34 -37.99 2.55
C PHE A 318 -12.53 -38.99 3.69
N ASP A 319 -13.61 -38.80 4.46
CA ASP A 319 -14.03 -39.77 5.47
C ASP A 319 -15.49 -39.49 5.83
N SER A 320 -16.00 -40.31 6.74
CA SER A 320 -17.35 -40.14 7.27
C SER A 320 -17.40 -38.89 8.17
N PRO A 321 -18.57 -38.24 8.27
CA PRO A 321 -18.68 -37.10 9.21
C PRO A 321 -18.55 -37.49 10.66
N GLY A 322 -18.79 -38.75 11.02
CA GLY A 322 -18.59 -39.19 12.39
C GLY A 322 -17.14 -39.35 12.77
N GLU A 323 -16.22 -39.30 11.79
CA GLU A 323 -14.79 -39.44 12.03
C GLU A 323 -14.03 -38.16 11.70
N LEU A 324 -14.71 -37.15 11.17
CA LEU A 324 -14.07 -35.89 10.83
C LEU A 324 -14.45 -34.75 11.77
N PHE A 325 -15.56 -34.85 12.47
CA PHE A 325 -15.95 -33.82 13.43
C PHE A 325 -15.37 -34.04 14.82
N ASP A 326 -14.45 -34.99 14.98
CA ASP A 326 -13.69 -35.14 16.21
C ASP A 326 -12.24 -34.67 16.08
N GLU A 327 -11.83 -34.27 14.89
CA GLU A 327 -10.45 -33.88 14.63
C GLU A 327 -10.14 -32.52 15.27
N PRO A 328 -8.87 -32.25 15.57
CA PRO A 328 -8.51 -30.92 16.06
C PRO A 328 -8.08 -29.96 14.96
N ILE A 329 -8.15 -28.67 15.30
CA ILE A 329 -7.59 -27.62 14.46
C ILE A 329 -6.39 -27.04 15.20
N PHE A 330 -5.31 -26.79 14.47
CA PHE A 330 -4.06 -26.30 15.05
C PHE A 330 -3.76 -24.91 14.52
N ILE A 331 -3.45 -23.99 15.43
CA ILE A 331 -3.21 -22.60 15.09
C ILE A 331 -1.76 -22.26 15.39
N THR A 332 -0.86 -23.20 15.12
CA THR A 332 0.51 -23.21 15.64
C THR A 332 1.37 -22.08 15.06
N VAL A 333 1.45 -20.97 15.79
CA VAL A 333 2.21 -19.82 15.33
C VAL A 333 3.63 -19.90 15.91
N VAL A 334 4.61 -19.76 15.04
CA VAL A 334 6.02 -19.90 15.40
C VAL A 334 6.79 -18.70 14.88
N ASP A 335 7.93 -18.43 15.51
CA ASP A 335 8.86 -17.43 15.02
C ASP A 335 9.82 -18.09 14.05
N SER A 336 9.94 -17.50 12.86
CA SER A 336 10.71 -18.09 11.76
C SER A 336 11.83 -17.13 11.36
N ARG A 337 12.99 -17.31 11.97
CA ARG A 337 14.17 -16.57 11.53
C ARG A 337 14.71 -17.17 10.24
N SER A 338 15.49 -16.38 9.51
CA SER A 338 16.00 -16.80 8.21
C SER A 338 17.09 -17.86 8.32
N LEU A 339 17.78 -17.95 9.47
CA LEU A 339 18.84 -18.92 9.67
C LEU A 339 18.57 -19.85 10.84
N ARG A 340 17.33 -19.88 11.35
CA ARG A 340 17.00 -20.68 12.53
C ARG A 340 15.69 -21.41 12.29
N THR A 341 15.49 -22.48 13.06
CA THR A 341 14.28 -23.28 12.94
C THR A 341 13.09 -22.59 13.61
N ASP A 342 11.94 -23.25 13.55
CA ASP A 342 10.72 -22.68 14.11
C ASP A 342 10.68 -22.89 15.62
N ALA A 343 10.55 -21.79 16.37
CA ALA A 343 10.38 -21.83 17.82
C ALA A 343 8.94 -21.52 18.16
N LEU A 344 8.36 -22.34 19.03
CA LEU A 344 6.92 -22.29 19.29
C LEU A 344 6.54 -21.05 20.10
N LEU A 345 5.46 -20.40 19.68
CA LEU A 345 4.91 -19.23 20.35
C LEU A 345 3.47 -19.40 20.80
N GLY A 346 2.68 -20.17 20.06
CA GLY A 346 1.28 -20.38 20.44
C GLY A 346 0.75 -21.64 19.80
N GLU A 347 -0.17 -22.29 20.52
CA GLU A 347 -0.69 -23.59 20.13
C GLU A 347 -1.97 -23.87 20.92
N PHE A 348 -2.98 -24.40 20.21
CA PHE A 348 -4.23 -24.83 20.83
C PHE A 348 -4.86 -25.95 20.00
N ARG A 349 -5.86 -26.59 20.59
CA ARG A 349 -6.37 -27.87 20.10
C ARG A 349 -7.91 -27.95 20.18
N MET A 350 -8.62 -26.95 19.66
CA MET A 350 -10.08 -26.99 19.71
C MET A 350 -10.61 -28.04 18.73
N ASP A 351 -11.88 -28.40 18.93
CA ASP A 351 -12.47 -29.52 18.21
C ASP A 351 -13.26 -28.99 17.02
N VAL A 352 -13.22 -29.71 15.89
CA VAL A 352 -13.98 -29.36 14.68
C VAL A 352 -15.48 -29.36 14.96
N GLY A 353 -15.94 -30.28 15.80
CA GLY A 353 -17.36 -30.34 16.12
C GLY A 353 -17.84 -29.19 16.98
N THR A 354 -16.91 -28.51 17.66
CA THR A 354 -17.28 -27.30 18.40
C THR A 354 -17.43 -26.11 17.46
N ILE A 355 -16.98 -26.25 16.21
CA ILE A 355 -17.34 -25.28 15.18
C ILE A 355 -18.63 -25.70 14.50
N TYR A 356 -18.83 -27.00 14.32
CA TYR A 356 -19.89 -27.50 13.45
C TYR A 356 -21.26 -27.41 14.12
N ARG A 357 -21.34 -27.67 15.42
CA ARG A 357 -22.63 -27.71 16.10
C ARG A 357 -23.20 -26.30 16.32
N GLU A 358 -22.33 -25.31 16.46
CA GLU A 358 -22.74 -23.93 16.72
C GLU A 358 -23.36 -23.31 15.47
N PRO A 359 -24.19 -22.27 15.63
CA PRO A 359 -24.85 -21.64 14.47
C PRO A 359 -23.88 -21.07 13.44
N ARG A 360 -24.31 -21.13 12.17
CA ARG A 360 -23.57 -20.84 10.93
C ARG A 360 -22.47 -21.87 10.66
N HIS A 361 -22.33 -22.89 11.52
CA HIS A 361 -21.24 -23.87 11.54
C HIS A 361 -19.87 -23.16 11.54
N ALA A 362 -19.78 -22.06 12.27
CA ALA A 362 -18.67 -21.13 12.07
C ALA A 362 -18.49 -20.25 13.30
N TYR A 363 -17.28 -19.70 13.42
CA TYR A 363 -16.97 -18.61 14.34
C TYR A 363 -16.60 -17.39 13.50
N LEU A 364 -16.95 -16.21 14.00
CA LEU A 364 -16.69 -14.95 13.32
C LEU A 364 -16.00 -13.97 14.26
N ARG A 365 -14.73 -13.67 13.97
CA ARG A 365 -13.93 -12.66 14.66
C ARG A 365 -13.79 -12.94 16.15
N LYS A 366 -13.68 -14.22 16.51
CA LYS A 366 -13.57 -14.59 17.91
C LYS A 366 -12.15 -14.35 18.42
N TRP A 367 -12.03 -13.68 19.56
CA TRP A 367 -10.74 -13.51 20.20
C TRP A 367 -10.31 -14.81 20.87
N LEU A 368 -9.04 -15.15 20.73
CA LEU A 368 -8.51 -16.43 21.18
C LEU A 368 -7.30 -16.22 22.09
N LEU A 369 -7.12 -17.17 23.00
CA LEU A 369 -5.93 -17.20 23.83
C LEU A 369 -4.77 -17.81 23.05
N LEU A 370 -3.55 -17.61 23.57
CA LEU A 370 -2.37 -18.31 23.08
C LEU A 370 -1.71 -18.99 24.27
N SER A 371 -1.07 -20.14 24.02
CA SER A 371 -0.45 -20.91 25.08
C SER A 371 0.71 -21.71 24.53
N ASP A 372 1.59 -22.13 25.42
CA ASP A 372 2.80 -22.85 25.06
C ASP A 372 2.92 -24.09 25.95
N PRO A 373 3.08 -25.29 25.37
CA PRO A 373 3.25 -26.50 26.20
C PRO A 373 4.58 -26.57 26.95
N ASP A 374 5.50 -25.64 26.75
CA ASP A 374 6.66 -25.53 27.63
C ASP A 374 6.22 -25.20 29.05
N ASP A 375 5.24 -24.30 29.20
CA ASP A 375 4.66 -24.00 30.51
C ASP A 375 3.22 -23.56 30.27
N PHE A 376 2.28 -24.49 30.50
CA PHE A 376 0.86 -24.17 30.34
C PHE A 376 0.34 -23.29 31.47
N SER A 377 1.04 -23.23 32.60
CA SER A 377 0.61 -22.40 33.72
C SER A 377 0.98 -20.94 33.54
N ALA A 378 1.74 -20.60 32.50
CA ALA A 378 2.12 -19.22 32.24
C ALA A 378 0.96 -18.37 31.75
N GLY A 379 -0.12 -18.99 31.27
CA GLY A 379 -1.28 -18.21 30.86
C GLY A 379 -1.20 -17.82 29.40
N ALA A 380 -1.38 -16.51 29.15
CA ALA A 380 -1.45 -16.00 27.80
C ALA A 380 -0.07 -15.77 27.19
N ARG A 381 0.22 -16.47 26.09
CA ARG A 381 1.37 -16.16 25.26
C ARG A 381 0.94 -15.22 24.14
N GLY A 382 0.25 -14.13 24.50
CA GLY A 382 -0.34 -13.26 23.50
C GLY A 382 -1.78 -13.66 23.19
N TYR A 383 -2.31 -13.00 22.16
CA TYR A 383 -3.69 -13.23 21.72
C TYR A 383 -3.72 -13.38 20.21
N LEU A 384 -4.89 -13.70 19.69
CA LEU A 384 -5.09 -13.95 18.28
C LEU A 384 -6.54 -13.64 17.95
N LYS A 385 -6.81 -13.35 16.68
CA LYS A 385 -8.17 -13.18 16.19
C LYS A 385 -8.36 -14.05 14.96
N THR A 386 -9.43 -14.83 14.95
CA THR A 386 -9.60 -15.88 13.95
C THR A 386 -11.07 -16.06 13.63
N SER A 387 -11.33 -16.73 12.50
CA SER A 387 -12.68 -17.07 12.06
C SER A 387 -12.66 -18.43 11.38
N LEU A 388 -13.43 -19.38 11.92
CA LEU A 388 -13.48 -20.73 11.37
C LEU A 388 -14.77 -20.92 10.60
N CYS A 389 -14.87 -22.03 9.86
CA CYS A 389 -16.08 -22.45 9.20
C CYS A 389 -15.98 -23.93 8.86
N VAL A 390 -17.14 -24.58 8.77
CA VAL A 390 -17.26 -25.98 8.39
C VAL A 390 -18.20 -26.07 7.19
N LEU A 391 -17.71 -26.68 6.11
CA LEU A 391 -18.45 -26.82 4.86
C LEU A 391 -18.71 -28.28 4.57
N GLY A 392 -19.82 -28.56 3.91
CA GLY A 392 -20.19 -29.93 3.56
C GLY A 392 -19.36 -30.49 2.42
N HIS A 427 -5.04 -1.77 38.46
CA HIS A 427 -5.91 -0.77 37.86
C HIS A 427 -5.17 0.20 36.97
N PHE A 428 -5.94 0.99 36.22
CA PHE A 428 -5.42 2.16 35.51
C PHE A 428 -6.05 3.40 36.13
N CYS A 429 -5.27 4.10 36.94
CA CYS A 429 -5.75 5.33 37.57
C CYS A 429 -5.73 6.47 36.57
N LEU A 430 -6.82 6.62 35.82
CA LEU A 430 -6.95 7.65 34.80
C LEU A 430 -7.50 8.90 35.46
N LYS A 431 -6.64 9.88 35.68
CA LYS A 431 -6.99 11.11 36.40
C LYS A 431 -7.21 12.22 35.40
N VAL A 432 -8.47 12.58 35.18
CA VAL A 432 -8.84 13.64 34.25
C VAL A 432 -9.02 14.94 35.04
N PHE A 433 -8.31 15.98 34.61
CA PHE A 433 -8.29 17.25 35.34
C PHE A 433 -9.23 18.28 34.73
N ARG A 434 -9.01 18.64 33.47
CA ARG A 434 -9.73 19.77 32.88
C ARG A 434 -9.67 19.66 31.36
N ALA A 435 -10.47 20.49 30.71
CA ALA A 435 -10.48 20.67 29.26
C ALA A 435 -10.67 22.14 28.94
N GLU A 436 -10.41 22.50 27.69
CA GLU A 436 -10.58 23.87 27.25
C GLU A 436 -10.80 23.90 25.75
N ASP A 437 -11.33 25.03 25.27
CA ASP A 437 -11.61 25.29 23.85
C ASP A 437 -12.56 24.26 23.24
N LEU A 438 -13.59 23.88 23.98
CA LEU A 438 -14.57 22.94 23.46
C LEU A 438 -15.59 23.69 22.60
N PRO A 439 -15.89 23.22 21.39
CA PRO A 439 -16.78 23.97 20.50
C PRO A 439 -18.24 23.95 20.96
N GLN A 440 -18.97 24.97 20.48
CA GLN A 440 -20.39 25.08 20.76
C GLN A 440 -21.16 23.94 20.12
N MET A 441 -22.04 23.29 20.92
CA MET A 441 -22.99 22.29 20.40
C MET A 441 -24.42 22.44 20.92
N ASP A 442 -24.76 23.53 21.59
CA ASP A 442 -26.15 23.78 21.96
C ASP A 442 -26.64 25.02 21.22
N ASP A 443 -27.93 25.03 20.92
CA ASP A 443 -28.50 26.10 20.11
C ASP A 443 -28.60 27.39 20.92
N ALA A 444 -28.07 28.47 20.35
CA ALA A 444 -28.12 29.76 21.02
C ALA A 444 -29.51 30.37 20.93
N VAL A 445 -29.89 31.08 22.01
CA VAL A 445 -31.19 31.72 22.27
C VAL A 445 -32.42 30.92 21.83
N ASN A 458 -21.66 32.10 28.13
CA ASN A 458 -22.90 31.93 27.40
C ASN A 458 -22.70 32.19 25.92
N LYS A 459 -21.70 33.01 25.60
CA LYS A 459 -21.38 33.29 24.19
C LYS A 459 -20.79 32.06 23.52
N LYS A 460 -19.80 31.43 24.16
CA LYS A 460 -19.21 30.21 23.66
C LYS A 460 -19.24 29.08 24.68
N ASN A 461 -20.03 29.21 25.74
CA ASN A 461 -20.11 28.20 26.79
C ASN A 461 -21.31 27.28 26.58
N LEU A 462 -21.67 27.02 25.33
CA LEU A 462 -22.84 26.20 25.03
C LEU A 462 -22.44 24.74 24.82
N VAL A 463 -21.92 24.14 25.90
CA VAL A 463 -21.51 22.74 25.90
C VAL A 463 -21.53 22.26 27.34
N ASP A 464 -21.91 20.99 27.54
CA ASP A 464 -22.04 20.39 28.86
C ASP A 464 -21.22 19.09 28.91
N PRO A 465 -19.89 19.19 28.96
CA PRO A 465 -19.05 18.01 28.73
C PRO A 465 -18.93 17.09 29.94
N PHE A 466 -18.62 15.82 29.65
CA PHE A 466 -18.18 14.84 30.63
C PHE A 466 -17.42 13.75 29.90
N VAL A 467 -16.38 13.24 30.54
CA VAL A 467 -15.43 12.32 29.90
C VAL A 467 -15.86 10.88 30.17
N GLU A 468 -16.10 10.14 29.10
CA GLU A 468 -16.37 8.71 29.16
C GLU A 468 -15.15 7.94 28.66
N VAL A 469 -14.69 7.00 29.48
CA VAL A 469 -13.50 6.21 29.16
C VAL A 469 -13.89 4.73 29.13
N SER A 470 -13.49 4.06 28.05
CA SER A 470 -13.78 2.64 27.87
C SER A 470 -12.52 1.91 27.44
N PHE A 471 -12.07 0.97 28.27
CA PHE A 471 -10.96 0.11 27.93
C PHE A 471 -11.29 -1.31 28.36
N ALA A 472 -10.93 -2.27 27.49
CA ALA A 472 -11.17 -3.70 27.68
C ALA A 472 -12.66 -4.01 27.91
N GLY A 473 -13.53 -3.25 27.24
CA GLY A 473 -14.96 -3.44 27.35
C GLY A 473 -15.62 -2.82 28.57
N LYS A 474 -14.85 -2.29 29.52
CA LYS A 474 -15.43 -1.70 30.71
C LYS A 474 -15.51 -0.19 30.57
N MET A 475 -16.70 0.35 30.81
CA MET A 475 -17.01 1.75 30.50
C MET A 475 -17.32 2.48 31.80
N LEU A 476 -16.81 3.71 31.90
CA LEU A 476 -17.06 4.58 33.05
C LEU A 476 -17.28 6.00 32.54
N CYS A 477 -17.86 6.84 33.41
CA CYS A 477 -18.18 8.22 33.02
C CYS A 477 -17.79 9.18 34.14
N SER A 478 -17.65 10.45 33.78
CA SER A 478 -17.30 11.50 34.71
C SER A 478 -18.54 12.34 35.03
N LYS A 479 -18.40 13.27 35.97
CA LYS A 479 -19.49 14.17 36.32
C LYS A 479 -19.76 15.15 35.18
N ILE A 480 -21.03 15.55 35.05
CA ILE A 480 -21.41 16.52 34.04
C ILE A 480 -21.18 17.93 34.59
N LEU A 481 -20.77 18.85 33.71
CA LEU A 481 -20.58 20.24 34.05
C LEU A 481 -21.31 21.09 33.02
N GLU A 482 -22.43 21.68 33.42
CA GLU A 482 -23.28 22.39 32.48
C GLU A 482 -22.79 23.82 32.26
N LYS A 483 -22.85 24.25 31.00
CA LYS A 483 -22.62 25.63 30.55
C LYS A 483 -21.20 26.12 30.90
N THR A 484 -20.23 25.38 30.37
CA THR A 484 -18.83 25.77 30.53
C THR A 484 -18.02 25.22 29.35
N ALA A 485 -17.32 26.11 28.64
CA ALA A 485 -16.43 25.66 27.57
C ALA A 485 -15.06 25.25 28.10
N ASN A 486 -14.74 25.60 29.33
CA ASN A 486 -13.47 25.23 29.97
C ASN A 486 -13.81 24.53 31.27
N PRO A 487 -14.20 23.25 31.21
CA PRO A 487 -14.64 22.55 32.43
C PRO A 487 -13.48 22.22 33.35
N GLN A 488 -13.80 22.05 34.63
CA GLN A 488 -12.84 21.69 35.67
C GLN A 488 -13.41 20.50 36.44
N TRP A 489 -13.05 19.29 35.99
CA TRP A 489 -13.56 18.09 36.64
C TRP A 489 -12.77 17.76 37.90
N ASN A 490 -11.47 17.51 37.74
CA ASN A 490 -10.55 17.06 38.79
C ASN A 490 -11.07 15.79 39.47
N GLN A 491 -11.22 14.76 38.66
CA GLN A 491 -11.74 13.48 39.11
C GLN A 491 -10.82 12.35 38.70
N ASN A 492 -10.90 11.25 39.43
CA ASN A 492 -10.09 10.06 39.17
C ASN A 492 -11.03 8.89 38.84
N ILE A 493 -10.72 8.20 37.74
CA ILE A 493 -11.51 7.06 37.29
C ILE A 493 -10.56 5.85 37.26
N THR A 494 -10.90 4.83 38.04
CA THR A 494 -10.05 3.64 38.14
C THR A 494 -10.60 2.56 37.21
N LEU A 495 -9.85 2.25 36.17
CA LEU A 495 -10.25 1.21 35.23
C LEU A 495 -9.85 -0.15 35.79
N PRO A 496 -10.78 -1.11 35.91
CA PRO A 496 -10.46 -2.39 36.53
C PRO A 496 -9.88 -3.42 35.57
N ALA A 497 -9.39 -3.02 34.40
CA ALA A 497 -8.91 -3.97 33.42
C ALA A 497 -7.60 -4.62 33.85
N MET A 498 -7.59 -5.94 33.88
CA MET A 498 -6.38 -6.68 34.21
C MET A 498 -5.48 -6.72 32.99
N PHE A 499 -4.17 -6.59 33.22
CA PHE A 499 -3.21 -6.44 32.15
C PHE A 499 -2.51 -7.77 31.90
N PRO A 500 -2.38 -8.21 30.63
CA PRO A 500 -2.92 -7.60 29.40
C PRO A 500 -4.36 -8.05 29.12
N SER A 501 -4.92 -7.61 28.00
CA SER A 501 -6.24 -8.07 27.55
C SER A 501 -6.27 -8.07 26.04
N MET A 502 -7.43 -8.40 25.49
CA MET A 502 -7.59 -8.40 24.04
C MET A 502 -7.58 -6.99 23.48
N CYS A 503 -8.01 -6.02 24.28
CA CYS A 503 -7.94 -4.62 23.85
C CYS A 503 -6.52 -4.08 24.03
N GLU A 504 -6.06 -3.33 23.03
CA GLU A 504 -4.78 -2.65 23.08
C GLU A 504 -4.95 -1.14 23.14
N LYS A 505 -6.04 -0.61 22.61
CA LYS A 505 -6.17 0.82 22.43
C LYS A 505 -7.33 1.33 23.26
N MET A 506 -7.11 2.43 23.98
CA MET A 506 -8.11 2.99 24.88
C MET A 506 -8.99 3.98 24.12
N ARG A 507 -10.29 3.92 24.38
CA ARG A 507 -11.26 4.77 23.70
C ARG A 507 -11.79 5.79 24.69
N ILE A 508 -11.53 7.07 24.44
CA ILE A 508 -11.93 8.14 25.34
C ILE A 508 -12.71 9.17 24.52
N ARG A 509 -13.92 9.50 24.99
CA ARG A 509 -14.77 10.47 24.31
C ARG A 509 -15.23 11.51 25.33
N ILE A 510 -15.09 12.78 24.97
CA ILE A 510 -15.80 13.83 25.69
C ILE A 510 -17.21 13.87 25.11
N ILE A 511 -18.22 13.94 25.97
CA ILE A 511 -19.61 13.83 25.54
C ILE A 511 -20.37 15.09 25.95
N ASP A 512 -21.00 15.74 24.98
CA ASP A 512 -21.89 16.87 25.27
C ASP A 512 -23.22 16.31 25.76
N TRP A 513 -23.55 16.57 27.03
CA TRP A 513 -24.80 16.09 27.59
C TRP A 513 -25.97 16.95 27.11
N ASP A 514 -27.08 16.29 26.80
CA ASP A 514 -28.30 16.97 26.37
C ASP A 514 -29.45 16.51 27.25
N ARG A 515 -30.22 17.46 27.77
CA ARG A 515 -31.29 17.13 28.70
C ARG A 515 -32.50 16.51 28.00
N LEU A 516 -32.73 16.87 26.75
CA LEU A 516 -33.92 16.42 26.04
C LEU A 516 -33.63 15.54 24.83
N THR A 517 -32.47 15.68 24.20
CA THR A 517 -32.13 14.93 23.00
C THR A 517 -31.03 13.93 23.33
N HIS A 518 -30.58 13.20 22.31
CA HIS A 518 -29.46 12.29 22.49
C HIS A 518 -28.18 13.07 22.74
N ASN A 519 -27.23 12.42 23.42
CA ASN A 519 -25.98 13.05 23.80
C ASN A 519 -25.05 13.11 22.61
N ASP A 520 -24.71 14.33 22.19
CA ASP A 520 -23.81 14.54 21.06
C ASP A 520 -22.38 14.19 21.47
N ILE A 521 -21.56 13.88 20.49
CA ILE A 521 -20.19 13.41 20.76
C ILE A 521 -19.27 14.57 20.44
N VAL A 522 -18.35 14.88 21.37
CA VAL A 522 -17.44 15.99 21.13
C VAL A 522 -16.24 15.55 20.31
N ALA A 523 -15.49 14.55 20.76
CA ALA A 523 -14.35 14.02 20.03
C ALA A 523 -14.06 12.63 20.55
N THR A 524 -13.08 11.98 19.94
CA THR A 524 -12.62 10.68 20.39
C THR A 524 -11.13 10.57 20.15
N THR A 525 -10.37 10.38 21.22
CA THR A 525 -8.94 10.22 21.15
C THR A 525 -8.57 8.81 21.57
N TYR A 526 -7.39 8.38 21.17
CA TYR A 526 -6.97 7.01 21.40
C TYR A 526 -5.59 6.98 22.07
N LEU A 527 -5.45 6.08 23.04
CA LEU A 527 -4.19 5.87 23.73
C LEU A 527 -3.75 4.42 23.50
N SER A 528 -2.82 4.23 22.57
CA SER A 528 -2.28 2.90 22.31
C SER A 528 -1.36 2.52 23.46
N MET A 529 -1.64 1.37 24.09
CA MET A 529 -0.91 1.01 25.30
C MET A 529 0.50 0.53 25.00
N SER A 530 0.75 0.01 23.80
CA SER A 530 2.09 -0.45 23.46
C SER A 530 3.07 0.69 23.25
N LYS A 531 2.57 1.87 22.87
CA LYS A 531 3.43 3.04 22.70
C LYS A 531 3.82 3.67 24.03
N ILE A 532 3.11 3.34 25.12
CA ILE A 532 3.40 3.91 26.43
C ILE A 532 3.83 2.82 27.42
N SER A 533 4.10 1.61 26.94
CA SER A 533 4.57 0.53 27.78
C SER A 533 5.69 -0.20 27.07
N ALA A 534 6.43 -1.00 27.84
CA ALA A 534 7.57 -1.73 27.31
C ALA A 534 7.61 -3.13 27.89
N PRO A 535 8.12 -4.11 27.13
CA PRO A 535 8.44 -5.40 27.71
C PRO A 535 9.84 -5.42 28.30
N GLY A 536 10.06 -6.37 29.20
CA GLY A 536 11.35 -6.52 29.85
C GLY A 536 11.27 -7.10 31.25
N TYR A 558 13.97 -4.29 34.45
CA TYR A 558 14.99 -4.17 33.42
C TYR A 558 14.38 -3.76 32.08
N LEU A 559 14.22 -2.43 31.92
CA LEU A 559 13.77 -1.76 30.70
C LEU A 559 12.35 -2.15 30.28
N GLY A 560 11.59 -2.75 31.18
CA GLY A 560 10.18 -2.98 30.92
C GLY A 560 9.34 -2.43 32.05
N PHE A 561 8.22 -1.79 31.67
CA PHE A 561 7.41 -1.11 32.67
C PHE A 561 5.94 -1.17 32.28
N LEU A 562 5.09 -1.01 33.29
CA LEU A 562 3.65 -0.92 33.10
C LEU A 562 3.31 0.38 32.36
N PRO A 563 2.19 0.42 31.62
CA PRO A 563 1.87 1.61 30.84
C PRO A 563 1.55 2.82 31.70
N THR A 564 2.32 3.88 31.50
CA THR A 564 2.10 5.14 32.20
C THR A 564 1.98 6.24 31.17
N PHE A 565 1.22 7.28 31.52
CA PHE A 565 0.99 8.41 30.63
C PHE A 565 0.70 9.63 31.48
N GLY A 566 0.99 10.82 30.94
CA GLY A 566 0.58 12.05 31.56
C GLY A 566 1.40 12.41 32.78
N PRO A 567 1.02 13.50 33.48
CA PRO A 567 -0.08 14.45 33.21
C PRO A 567 0.26 15.41 32.07
N CYS A 568 -0.45 15.27 30.95
CA CYS A 568 -0.14 16.03 29.75
C CYS A 568 -1.42 16.23 28.94
N TYR A 569 -1.41 17.25 28.09
CA TYR A 569 -2.54 17.48 27.20
C TYR A 569 -2.47 16.56 26.00
N ILE A 570 -3.63 16.04 25.60
CA ILE A 570 -3.79 15.31 24.35
C ILE A 570 -4.82 16.05 23.50
N ASN A 571 -4.52 16.22 22.22
CA ASN A 571 -5.38 17.03 21.36
C ASN A 571 -6.57 16.21 20.85
N LEU A 572 -7.62 16.92 20.44
CA LEU A 572 -8.85 16.32 19.98
C LEU A 572 -9.11 16.75 18.54
N TYR A 573 -9.68 15.84 17.75
CA TYR A 573 -9.92 16.11 16.34
C TYR A 573 -11.23 15.47 15.88
N GLY A 574 -11.93 16.18 14.99
CA GLY A 574 -13.22 15.73 14.51
C GLY A 574 -13.88 16.65 13.50
N SER A 575 -15.18 16.92 13.70
CA SER A 575 -15.95 17.74 12.78
C SER A 575 -15.50 19.21 12.86
N PRO A 576 -15.82 20.03 11.86
CA PRO A 576 -15.50 21.47 11.95
C PRO A 576 -16.23 22.14 13.11
N ARG A 577 -15.59 23.17 13.66
CA ARG A 577 -16.05 23.78 14.90
C ARG A 577 -17.30 24.62 14.73
N GLU A 578 -17.66 24.99 13.50
CA GLU A 578 -18.75 25.92 13.25
C GLU A 578 -20.08 25.23 13.50
N PHE A 579 -20.72 25.55 14.63
CA PHE A 579 -22.04 25.01 14.93
C PHE A 579 -23.10 25.81 14.19
N THR A 580 -23.54 25.29 13.05
CA THR A 580 -24.58 25.94 12.28
C THR A 580 -25.96 25.40 12.60
N GLY A 581 -26.08 24.48 13.55
CA GLY A 581 -27.28 23.68 13.68
C GLY A 581 -27.24 22.57 12.65
N PHE A 582 -28.41 21.89 12.48
CA PHE A 582 -28.73 20.92 11.43
C PHE A 582 -27.88 19.64 11.56
N PRO A 583 -28.10 18.58 10.77
CA PRO A 583 -27.12 17.48 10.84
C PRO A 583 -25.83 17.82 10.12
N ASP A 584 -24.73 17.74 10.86
CA ASP A 584 -23.40 18.03 10.33
C ASP A 584 -22.97 16.89 9.42
N PRO A 585 -22.60 17.16 8.16
CA PRO A 585 -22.19 16.08 7.26
C PRO A 585 -20.89 15.39 7.65
N TYR A 586 -20.06 15.98 8.51
CA TYR A 586 -18.84 15.36 8.98
C TYR A 586 -18.93 14.92 10.43
N THR A 587 -20.10 14.46 10.87
CA THR A 587 -20.36 14.04 12.26
C THR A 587 -19.51 12.82 12.63
N GLU A 588 -19.34 11.89 11.70
CA GLU A 588 -18.65 10.64 11.99
C GLU A 588 -17.15 10.82 12.18
N LEU A 589 -16.60 12.01 11.86
CA LEU A 589 -15.18 12.25 12.08
C LEU A 589 -14.83 12.32 13.55
N ASN A 590 -15.72 12.87 14.38
CA ASN A 590 -15.39 13.01 15.80
C ASN A 590 -15.70 11.76 16.61
N THR A 591 -16.19 10.69 15.99
CA THR A 591 -16.36 9.42 16.69
C THR A 591 -15.10 8.57 16.67
N GLY A 592 -13.97 9.12 16.21
CA GLY A 592 -12.71 8.42 16.23
C GLY A 592 -12.33 7.74 14.94
N LYS A 593 -13.28 7.51 14.04
CA LYS A 593 -12.97 6.84 12.79
C LYS A 593 -12.64 7.86 11.71
N GLY A 594 -11.49 7.67 11.07
CA GLY A 594 -11.01 8.62 10.09
C GLY A 594 -10.17 9.71 10.73
N GLU A 595 -9.36 10.39 9.92
CA GLU A 595 -8.53 11.47 10.41
C GLU A 595 -9.40 12.70 10.65
N GLY A 596 -9.37 13.23 11.87
CA GLY A 596 -10.16 14.40 12.24
C GLY A 596 -9.78 15.64 11.46
N VAL A 597 -10.75 16.48 11.13
CA VAL A 597 -10.51 17.55 10.17
C VAL A 597 -10.25 18.87 10.89
N ALA A 598 -10.61 18.99 12.16
CA ALA A 598 -10.48 20.24 12.89
C ALA A 598 -10.22 19.98 14.37
N TYR A 599 -9.57 20.93 15.01
CA TYR A 599 -9.23 20.86 16.43
C TYR A 599 -10.49 21.01 17.27
N ARG A 600 -10.66 20.17 18.29
CA ARG A 600 -11.88 20.18 19.09
C ARG A 600 -11.64 20.51 20.56
N GLY A 601 -10.49 21.07 20.89
CA GLY A 601 -10.10 21.21 22.28
C GLY A 601 -9.02 20.21 22.65
N ARG A 602 -8.82 20.08 23.96
CA ARG A 602 -7.81 19.16 24.46
C ARG A 602 -8.16 18.72 25.86
N LEU A 603 -7.66 17.54 26.24
CA LEU A 603 -7.89 16.95 27.55
C LEU A 603 -6.58 16.89 28.33
N LEU A 604 -6.62 17.40 29.57
CA LEU A 604 -5.51 17.26 30.51
C LEU A 604 -5.78 16.02 31.35
N LEU A 605 -4.92 15.00 31.21
CA LEU A 605 -5.17 13.75 31.90
C LEU A 605 -3.85 13.04 32.18
N SER A 606 -3.92 12.09 33.11
CA SER A 606 -2.79 11.25 33.48
C SER A 606 -3.29 9.83 33.65
N LEU A 607 -2.33 8.90 33.74
CA LEU A 607 -2.62 7.49 33.92
C LEU A 607 -1.41 6.79 34.53
N GLU A 608 -1.65 5.98 35.55
CA GLU A 608 -0.64 5.15 36.18
C GLU A 608 -1.21 3.76 36.37
N THR A 609 -0.35 2.79 36.66
CA THR A 609 -0.81 1.42 36.88
C THR A 609 -0.60 1.03 38.35
N LYS A 610 -1.70 1.08 39.10
CA LYS A 610 -1.72 0.51 40.44
C LYS A 610 -2.21 -0.93 40.34
N LEU A 611 -1.42 -1.78 39.68
CA LEU A 611 -1.91 -3.07 39.21
C LEU A 611 -2.02 -4.07 40.35
N VAL A 612 -3.25 -4.47 40.67
CA VAL A 612 -3.52 -5.58 41.57
C VAL A 612 -4.53 -6.49 40.89
N GLU A 613 -4.56 -7.75 41.32
CA GLU A 613 -5.53 -8.69 40.78
C GLU A 613 -6.90 -8.57 41.44
N HIS A 614 -7.00 -7.76 42.50
CA HIS A 614 -8.28 -7.46 43.15
C HIS A 614 -8.97 -6.37 42.32
N SER A 615 -9.87 -6.82 41.44
CA SER A 615 -10.51 -5.92 40.50
C SER A 615 -11.55 -5.04 41.20
N GLU A 616 -11.47 -3.74 40.94
CA GLU A 616 -12.39 -2.77 41.51
C GLU A 616 -12.40 -1.52 40.64
N GLN A 617 -13.59 -0.92 40.49
CA GLN A 617 -13.73 0.33 39.77
C GLN A 617 -14.53 1.32 40.62
N LYS A 618 -14.21 2.60 40.47
CA LYS A 618 -14.86 3.69 41.19
C LYS A 618 -14.48 5.01 40.53
N VAL A 619 -15.32 6.02 40.74
CA VAL A 619 -15.03 7.39 40.36
C VAL A 619 -15.02 8.23 41.63
N GLU A 620 -13.88 8.85 41.92
CA GLU A 620 -13.67 9.58 43.17
C GLU A 620 -13.24 11.00 42.86
N ASP A 621 -13.88 11.97 43.50
CA ASP A 621 -13.49 13.37 43.37
C ASP A 621 -12.16 13.59 44.09
N LEU A 622 -11.25 14.30 43.43
CA LEU A 622 -9.94 14.52 44.00
C LEU A 622 -9.99 15.57 45.11
N PRO A 623 -9.08 15.53 46.08
CA PRO A 623 -8.89 16.68 46.96
C PRO A 623 -8.09 17.78 46.27
N ALA A 624 -7.77 18.83 47.03
CA ALA A 624 -7.07 19.97 46.45
C ALA A 624 -5.58 19.69 46.27
N ASP A 625 -5.07 18.60 46.84
CA ASP A 625 -3.64 18.31 46.74
C ASP A 625 -3.26 17.80 45.35
N ASP A 626 -4.18 17.08 44.69
CA ASP A 626 -3.87 16.50 43.39
C ASP A 626 -3.83 17.55 42.29
N ILE A 627 -4.50 18.69 42.49
CA ILE A 627 -4.56 19.72 41.47
C ILE A 627 -3.23 20.45 41.37
N LEU A 628 -2.52 20.63 42.49
CA LEU A 628 -1.33 21.46 42.52
C LEU A 628 -0.13 20.84 41.81
N ARG A 629 -0.14 19.51 41.60
CA ARG A 629 1.01 18.87 40.97
C ARG A 629 1.05 19.12 39.47
N VAL A 630 -0.09 19.36 38.84
CA VAL A 630 -0.10 19.48 37.39
C VAL A 630 0.27 20.89 36.95
N GLU A 631 0.30 21.86 37.89
CA GLU A 631 0.50 23.24 37.51
C GLU A 631 1.95 23.54 37.14
N LYS A 632 2.88 22.67 37.56
CA LYS A 632 4.27 22.85 37.15
C LYS A 632 4.52 22.32 35.74
N TYR A 633 3.59 21.56 35.18
CA TYR A 633 3.74 21.06 33.82
C TYR A 633 3.13 22.00 32.78
N LEU A 634 2.31 22.95 33.19
CA LEU A 634 1.62 23.83 32.26
C LEU A 634 2.38 25.14 32.06
N ARG A 635 3.63 25.03 31.61
CA ARG A 635 4.46 26.19 31.33
C ARG A 635 4.13 26.76 29.95
N ARG A 636 3.09 27.59 29.87
CA ARG A 636 2.56 28.05 28.58
C ARG A 636 3.40 29.20 28.04
N ARG A 637 4.45 28.83 27.31
CA ARG A 637 5.23 29.80 26.55
C ARG A 637 4.44 30.32 25.37
N LYS A 638 4.84 31.47 24.86
CA LYS A 638 4.25 32.01 23.64
C LYS A 638 4.96 31.41 22.44
N TYR A 639 4.20 30.99 21.43
CA TYR A 639 4.74 30.36 20.25
C TYR A 639 4.41 31.21 19.02
N SER A 640 5.41 31.43 18.17
CA SER A 640 5.27 32.25 16.98
C SER A 640 5.28 31.36 15.74
N LEU A 641 4.31 31.57 14.85
CA LEU A 641 4.11 30.73 13.69
C LEU A 641 4.30 31.54 12.42
N PHE A 642 4.97 30.94 11.43
CA PHE A 642 5.19 31.55 10.13
C PHE A 642 4.71 30.60 9.05
N ALA A 643 4.22 31.16 7.93
CA ALA A 643 3.73 30.36 6.81
C ALA A 643 3.86 31.20 5.54
N ALA A 644 4.72 30.79 4.63
CA ALA A 644 4.92 31.49 3.37
C ALA A 644 4.31 30.68 2.23
N PHE A 645 3.20 31.17 1.68
CA PHE A 645 2.49 30.49 0.62
C PHE A 645 3.15 30.83 -0.71
N TYR A 646 3.91 29.88 -1.26
CA TYR A 646 4.65 30.15 -2.48
C TYR A 646 3.78 29.94 -3.73
N SER A 647 3.01 28.86 -3.78
CA SER A 647 2.17 28.60 -4.94
C SER A 647 0.94 27.84 -4.50
N ALA A 648 -0.12 27.97 -5.30
CA ALA A 648 -1.36 27.23 -5.09
C ALA A 648 -1.85 26.77 -6.46
N THR A 649 -1.42 25.59 -6.87
CA THR A 649 -1.64 25.09 -8.22
C THR A 649 -2.53 23.86 -8.13
N MET A 650 -2.61 23.13 -9.25
CA MET A 650 -3.28 21.83 -9.40
C MET A 650 -4.79 21.94 -9.21
N LEU A 651 -5.33 23.17 -9.24
CA LEU A 651 -6.65 23.45 -8.73
C LEU A 651 -7.72 23.17 -9.78
N GLN A 652 -8.82 22.56 -9.34
CA GLN A 652 -9.93 22.26 -10.23
C GLN A 652 -11.24 22.66 -9.54
N ASP A 653 -12.32 22.59 -10.32
CA ASP A 653 -13.70 23.02 -9.98
C ASP A 653 -13.73 24.33 -9.20
N VAL A 654 -13.15 25.37 -9.78
CA VAL A 654 -13.06 26.66 -9.12
C VAL A 654 -14.43 27.35 -9.15
N ASP A 655 -14.84 27.88 -8.00
CA ASP A 655 -16.15 28.51 -7.91
C ASP A 655 -15.96 30.02 -7.80
N ASP A 656 -15.19 30.46 -6.81
CA ASP A 656 -14.96 31.87 -6.53
C ASP A 656 -13.53 32.03 -6.04
N ALA A 657 -13.25 33.18 -5.41
CA ALA A 657 -11.89 33.49 -4.98
C ALA A 657 -11.46 32.58 -3.82
N ILE A 658 -10.20 32.19 -3.84
CA ILE A 658 -9.70 31.18 -2.92
C ILE A 658 -8.67 31.78 -1.98
N GLN A 659 -8.93 31.64 -0.68
CA GLN A 659 -8.00 32.09 0.35
C GLN A 659 -7.60 30.89 1.19
N PHE A 660 -6.46 30.99 1.87
CA PHE A 660 -5.93 29.89 2.65
C PHE A 660 -5.68 30.32 4.08
N GLU A 661 -6.27 29.58 5.02
CA GLU A 661 -6.24 29.90 6.43
C GLU A 661 -5.32 28.96 7.18
N VAL A 662 -4.40 29.51 7.95
CA VAL A 662 -3.50 28.72 8.79
C VAL A 662 -3.96 28.85 10.23
N SER A 663 -4.09 27.71 10.91
CA SER A 663 -4.47 27.71 12.31
C SER A 663 -3.68 26.65 13.04
N ILE A 664 -3.49 26.85 14.34
CA ILE A 664 -2.93 25.85 15.22
C ILE A 664 -3.70 25.85 16.53
N GLY A 665 -4.39 24.74 16.80
CA GLY A 665 -5.38 24.76 17.87
C GLY A 665 -6.53 25.67 17.49
N ASN A 666 -7.04 26.41 18.47
CA ASN A 666 -8.08 27.39 18.20
C ASN A 666 -7.53 28.74 17.76
N TYR A 667 -6.23 28.96 17.93
CA TYR A 667 -5.62 30.19 17.45
C TYR A 667 -5.51 30.16 15.94
N GLY A 668 -6.09 31.16 15.28
CA GLY A 668 -6.13 31.16 13.83
C GLY A 668 -7.42 30.64 13.22
N ASN A 669 -8.41 30.30 14.04
CA ASN A 669 -9.73 30.00 13.51
C ASN A 669 -10.40 31.32 13.16
N LYS A 670 -10.65 31.56 11.88
CA LYS A 670 -11.11 32.87 11.45
C LYS A 670 -12.60 33.10 11.67
N PHE A 671 -13.33 32.08 12.14
CA PHE A 671 -14.77 32.22 12.33
C PHE A 671 -15.14 32.78 13.69
N ASP A 672 -14.23 32.78 14.67
CA ASP A 672 -14.57 33.23 16.00
C ASP A 672 -14.50 34.75 16.17
N MET A 673 -13.93 35.45 15.17
CA MET A 673 -13.66 36.91 15.10
C MET A 673 -13.12 37.50 16.41
N THR A 674 -12.27 36.75 17.12
CA THR A 674 -11.67 37.26 18.35
C THR A 674 -10.25 37.76 18.13
N CYS A 675 -9.65 37.48 16.97
CA CYS A 675 -8.26 37.83 16.74
C CYS A 675 -8.12 39.28 16.31
N LEU A 676 -6.86 39.72 16.18
CA LEU A 676 -6.53 41.04 15.69
C LEU A 676 -6.87 41.14 14.19
N PRO A 677 -7.00 42.36 13.64
CA PRO A 677 -7.36 42.49 12.22
C PRO A 677 -6.31 41.97 11.21
N LEU A 678 -5.10 41.62 11.64
CA LEU A 678 -4.18 40.88 10.78
C LEU A 678 -4.72 39.49 10.44
N ALA A 679 -5.44 38.86 11.36
CA ALA A 679 -6.15 37.57 11.22
C ALA A 679 -5.15 36.48 10.83
N SER A 680 -5.58 35.43 10.13
CA SER A 680 -4.65 34.35 9.80
C SER A 680 -4.86 33.79 8.39
N THR A 681 -5.38 34.57 7.46
CA THR A 681 -5.70 34.08 6.13
C THR A 681 -4.94 34.89 5.09
N THR A 682 -4.70 34.25 3.94
CA THR A 682 -4.21 34.99 2.78
C THR A 682 -5.36 35.76 2.15
N GLN A 683 -5.02 36.69 1.26
CA GLN A 683 -6.05 37.46 0.59
C GLN A 683 -6.75 36.59 -0.46
N TYR A 684 -7.98 36.98 -0.80
CA TYR A 684 -8.77 36.25 -1.78
C TYR A 684 -8.19 36.43 -3.17
N SER A 685 -8.08 35.33 -3.91
CA SER A 685 -7.44 35.32 -5.22
C SER A 685 -8.28 34.52 -6.20
N ARG A 686 -8.69 35.16 -7.28
CA ARG A 686 -9.44 34.46 -8.34
C ARG A 686 -8.47 33.57 -9.12
N ALA A 687 -8.80 32.30 -9.25
CA ALA A 687 -7.95 31.38 -10.00
C ALA A 687 -8.09 31.64 -11.50
N VAL A 688 -7.05 31.29 -12.24
CA VAL A 688 -7.01 31.49 -13.69
C VAL A 688 -6.54 30.20 -14.34
N PHE A 689 -7.03 29.94 -15.55
CA PHE A 689 -6.75 28.71 -16.26
C PHE A 689 -5.29 28.69 -16.72
N ASP A 690 -4.63 27.55 -16.52
CA ASP A 690 -3.19 27.47 -16.74
C ASP A 690 -2.78 27.23 -18.18
N GLY A 691 -3.70 26.83 -19.04
CA GLY A 691 -3.38 26.60 -20.43
C GLY A 691 -3.58 25.20 -20.94
N CYS A 692 -3.62 24.19 -20.08
CA CYS A 692 -4.02 22.87 -20.58
C CYS A 692 -5.23 22.29 -19.87
N HIS A 693 -5.15 22.07 -18.55
CA HIS A 693 -6.24 21.41 -17.86
C HIS A 693 -6.65 22.10 -16.56
N TYR A 694 -5.68 22.58 -15.80
CA TYR A 694 -5.95 22.99 -14.42
C TYR A 694 -6.13 24.50 -14.31
N TYR A 695 -6.19 24.94 -13.06
CA TYR A 695 -6.21 26.33 -12.65
C TYR A 695 -5.14 26.54 -11.60
N TYR A 696 -4.81 27.81 -11.35
CA TYR A 696 -3.83 28.14 -10.32
C TYR A 696 -4.11 29.54 -9.81
N LEU A 697 -3.66 29.81 -8.61
CA LEU A 697 -3.68 31.18 -8.12
C LEU A 697 -2.46 31.91 -8.66
N PRO A 698 -2.64 33.06 -9.31
CA PRO A 698 -1.50 33.74 -9.93
C PRO A 698 -0.72 34.63 -8.97
N TRP A 699 -0.09 34.02 -7.97
CA TRP A 699 0.68 34.79 -7.00
C TRP A 699 1.96 35.34 -7.63
N GLY A 700 2.72 34.51 -8.31
CA GLY A 700 3.91 34.99 -9.00
C GLY A 700 5.01 35.40 -8.05
N ASN A 701 5.47 36.64 -8.19
CA ASN A 701 6.58 37.13 -7.38
C ASN A 701 6.14 37.65 -6.01
N VAL A 702 4.84 37.69 -5.73
CA VAL A 702 4.36 38.09 -4.42
C VAL A 702 3.69 36.91 -3.73
N LYS A 703 4.29 36.47 -2.63
CA LYS A 703 3.84 35.30 -1.90
C LYS A 703 3.09 35.73 -0.64
N PRO A 704 1.82 35.36 -0.47
CA PRO A 704 1.10 35.72 0.76
C PRO A 704 1.67 35.03 1.99
N VAL A 705 1.63 35.74 3.12
CA VAL A 705 2.29 35.32 4.35
C VAL A 705 1.29 35.38 5.49
N VAL A 706 1.20 34.29 6.25
CA VAL A 706 0.35 34.21 7.44
C VAL A 706 1.25 34.04 8.67
N VAL A 707 1.08 34.94 9.65
CA VAL A 707 1.86 34.90 10.89
C VAL A 707 0.88 34.91 12.06
N LEU A 708 1.05 33.95 12.98
CA LEU A 708 0.16 33.78 14.11
C LEU A 708 0.91 33.82 15.42
N SER A 709 0.18 34.12 16.49
CA SER A 709 0.66 33.97 17.86
C SER A 709 -0.22 32.98 18.60
N SER A 710 0.39 32.23 19.53
CA SER A 710 -0.32 31.19 20.24
C SER A 710 0.32 30.99 21.61
N TYR A 711 -0.32 30.15 22.42
CA TYR A 711 0.13 29.86 23.78
C TYR A 711 0.08 28.36 24.01
N TRP A 712 1.25 27.71 23.99
CA TRP A 712 1.33 26.28 24.20
C TRP A 712 2.44 25.99 25.20
N GLU A 713 2.41 24.78 25.76
CA GLU A 713 3.38 24.41 26.78
C GLU A 713 4.76 24.18 26.19
N ASP A 714 5.77 24.30 27.05
CA ASP A 714 7.17 24.09 26.64
C ASP A 714 7.47 22.58 26.66
N ILE A 715 7.08 21.94 25.57
CA ILE A 715 7.25 20.50 25.39
C ILE A 715 8.43 20.23 24.47
N SER A 716 9.30 21.23 24.34
CA SER A 716 10.43 21.18 23.40
C SER A 716 11.48 20.14 23.78
N HIS A 717 11.48 19.66 25.03
CA HIS A 717 12.38 18.57 25.39
C HIS A 717 11.93 17.26 24.74
N ARG A 718 10.62 17.07 24.60
CA ARG A 718 10.10 15.90 23.90
C ARG A 718 10.31 16.02 22.40
N ILE A 719 10.08 17.22 21.84
CA ILE A 719 10.12 17.41 20.40
C ILE A 719 11.56 17.33 19.89
N GLU A 720 12.52 17.79 20.70
CA GLU A 720 13.93 17.67 20.33
C GLU A 720 14.36 16.21 20.29
N THR A 721 13.76 15.37 21.14
CA THR A 721 14.07 13.95 21.11
C THR A 721 13.53 13.29 19.85
N GLN A 722 12.25 13.53 19.53
CA GLN A 722 11.64 12.78 18.43
C GLN A 722 12.03 13.34 17.07
N ASN A 723 12.47 14.60 17.02
CA ASN A 723 13.01 15.12 15.77
C ASN A 723 14.41 14.57 15.53
N GLN A 724 15.14 14.27 16.60
CA GLN A 724 16.45 13.64 16.46
C GLN A 724 16.31 12.20 16.01
N LEU A 725 15.36 11.47 16.59
CA LEU A 725 15.17 10.06 16.24
C LEU A 725 14.60 9.90 14.84
N LEU A 726 13.66 10.78 14.45
CA LEU A 726 13.17 10.77 13.08
C LEU A 726 14.23 11.22 12.10
N GLY A 727 15.11 12.13 12.52
CA GLY A 727 16.16 12.62 11.63
C GLY A 727 17.19 11.55 11.30
N ILE A 728 17.57 10.74 12.29
CA ILE A 728 18.46 9.61 12.03
C ILE A 728 17.70 8.53 11.26
N ALA A 729 16.38 8.46 11.44
CA ALA A 729 15.58 7.45 10.76
C ALA A 729 15.50 7.71 9.25
N ASP A 730 15.29 8.96 8.84
CA ASP A 730 15.10 9.22 7.42
C ASP A 730 16.42 9.27 6.67
N ARG A 731 17.54 9.48 7.39
CA ARG A 731 18.83 9.35 6.72
C ARG A 731 19.29 7.89 6.67
N LEU A 732 18.76 7.06 7.57
CA LEU A 732 18.93 5.62 7.43
C LEU A 732 18.12 5.10 6.25
N GLU A 733 16.90 5.64 6.08
CA GLU A 733 16.00 5.15 5.05
C GLU A 733 16.44 5.61 3.67
N ALA A 734 16.85 6.87 3.54
CA ALA A 734 17.33 7.38 2.26
C ALA A 734 18.66 6.76 1.87
N GLY A 735 19.50 6.45 2.86
CA GLY A 735 20.73 5.73 2.57
C GLY A 735 20.47 4.29 2.20
N LEU A 736 19.36 3.73 2.68
CA LEU A 736 19.00 2.35 2.34
C LEU A 736 18.59 2.24 0.88
N GLU A 737 17.75 3.16 0.41
CA GLU A 737 17.34 3.11 -1.00
C GLU A 737 18.44 3.66 -1.90
N GLN A 738 19.41 4.37 -1.34
CA GLN A 738 20.61 4.72 -2.10
C GLN A 738 21.45 3.48 -2.40
N VAL A 739 21.51 2.56 -1.44
CA VAL A 739 22.21 1.29 -1.64
C VAL A 739 21.51 0.45 -2.71
N HIS A 740 20.18 0.41 -2.67
CA HIS A 740 19.42 -0.34 -3.66
C HIS A 740 19.44 0.34 -5.02
N LEU A 741 19.71 1.65 -5.06
CA LEU A 741 19.83 2.35 -6.33
C LEU A 741 21.12 1.97 -7.04
N ALA A 742 22.20 1.78 -6.27
CA ALA A 742 23.46 1.33 -6.85
C ALA A 742 23.39 -0.13 -7.26
N LEU A 743 22.60 -0.92 -6.53
CA LEU A 743 22.41 -2.32 -6.89
C LEU A 743 21.60 -2.45 -8.17
N LYS A 744 20.63 -1.55 -8.36
CA LYS A 744 19.86 -1.55 -9.61
C LYS A 744 20.68 -0.98 -10.75
N ALA A 745 21.69 -0.15 -10.44
CA ALA A 745 22.60 0.38 -11.44
C ALA A 745 23.76 -0.54 -11.73
N GLN A 746 23.79 -1.73 -11.09
CA GLN A 746 24.82 -2.76 -11.27
C GLN A 746 26.23 -2.26 -10.98
N CYS A 747 26.36 -1.44 -9.94
CA CYS A 747 27.68 -1.14 -9.41
C CYS A 747 28.28 -2.39 -8.77
N SER A 748 29.60 -2.48 -8.78
CA SER A 748 30.26 -3.70 -8.33
C SER A 748 30.25 -3.79 -6.80
N THR A 749 30.90 -4.85 -6.29
CA THR A 749 30.80 -5.18 -4.89
C THR A 749 31.53 -4.19 -4.00
N GLU A 750 32.53 -3.50 -4.56
CA GLU A 750 33.31 -2.58 -3.73
C GLU A 750 32.67 -1.20 -3.64
N ASP A 751 31.88 -0.80 -4.65
CA ASP A 751 31.16 0.47 -4.55
C ASP A 751 30.03 0.37 -3.54
N VAL A 752 29.33 -0.77 -3.52
CA VAL A 752 28.25 -0.94 -2.56
C VAL A 752 28.82 -1.25 -1.18
N ASP A 753 30.07 -1.69 -1.11
CA ASP A 753 30.76 -1.81 0.17
C ASP A 753 30.98 -0.41 0.73
N SER A 754 31.35 0.54 -0.13
CA SER A 754 31.55 1.92 0.31
C SER A 754 30.22 2.59 0.66
N LEU A 755 29.13 2.18 0.00
CA LEU A 755 27.83 2.79 0.27
C LEU A 755 27.28 2.34 1.62
N VAL A 756 27.45 1.06 1.96
CA VAL A 756 27.01 0.63 3.28
C VAL A 756 28.00 1.06 4.35
N ALA A 757 29.24 1.37 3.96
CA ALA A 757 30.20 1.93 4.91
C ALA A 757 29.82 3.35 5.30
N GLN A 758 29.49 4.18 4.31
CA GLN A 758 29.11 5.56 4.60
C GLN A 758 27.71 5.63 5.21
N LEU A 759 26.92 4.57 5.04
CA LEU A 759 25.66 4.46 5.76
C LEU A 759 25.89 4.26 7.25
N THR A 760 26.91 3.45 7.59
CA THR A 760 27.03 3.01 8.98
C THR A 760 27.83 3.98 9.84
N ASP A 761 28.87 4.63 9.30
CA ASP A 761 29.63 5.56 10.15
C ASP A 761 28.89 6.88 10.32
N GLU A 762 28.06 7.25 9.34
CA GLU A 762 27.19 8.40 9.52
C GLU A 762 26.04 8.07 10.45
N LEU A 763 25.66 6.79 10.53
CA LEU A 763 24.73 6.35 11.56
C LEU A 763 25.40 6.40 12.92
N ILE A 764 26.72 6.12 12.96
CA ILE A 764 27.46 6.07 14.22
C ILE A 764 27.61 7.47 14.80
N ALA A 765 27.92 8.45 13.96
CA ALA A 765 28.05 9.82 14.42
C ALA A 765 26.70 10.40 14.82
N GLY A 766 25.63 9.98 14.14
CA GLY A 766 24.31 10.47 14.49
C GLY A 766 23.77 9.87 15.77
N CYS A 767 24.17 8.64 16.08
CA CYS A 767 23.66 7.95 17.26
C CYS A 767 24.51 8.19 18.49
N SER A 768 25.77 8.58 18.31
CA SER A 768 26.60 8.97 19.44
C SER A 768 26.31 10.40 19.87
N GLN A 769 25.48 11.11 19.12
CA GLN A 769 24.99 12.42 19.53
C GLN A 769 24.16 12.26 20.82
N PRO A 770 24.45 13.03 21.86
CA PRO A 770 23.83 12.78 23.16
C PRO A 770 22.37 13.20 23.20
N LEU A 771 21.59 12.42 23.94
CA LEU A 771 20.20 12.76 24.15
C LEU A 771 20.06 13.93 25.11
N GLY A 772 18.94 14.64 25.00
CA GLY A 772 18.65 15.71 25.93
C GLY A 772 18.31 15.16 27.29
N ASP A 773 19.05 15.58 28.33
CA ASP A 773 18.75 15.14 29.68
C ASP A 773 17.43 15.75 30.14
N ILE A 774 16.68 14.97 30.92
CA ILE A 774 15.31 15.32 31.26
C ILE A 774 15.25 15.25 32.78
N HIS A 775 16.36 14.81 33.38
CA HIS A 775 16.44 14.64 34.84
C HIS A 775 16.35 15.97 35.59
N GLU A 776 16.93 17.03 35.05
CA GLU A 776 16.93 18.32 35.74
C GLU A 776 15.69 19.14 35.44
N THR A 777 14.93 18.77 34.42
CA THR A 777 13.75 19.53 34.03
C THR A 777 12.58 19.18 34.94
N PRO A 778 11.96 20.14 35.62
CA PRO A 778 10.82 19.81 36.51
C PRO A 778 9.53 19.52 35.76
N SER A 779 9.48 19.74 34.45
CA SER A 779 8.32 19.37 33.66
C SER A 779 8.37 17.92 33.19
N ALA A 780 9.31 17.13 33.70
CA ALA A 780 9.39 15.71 33.37
C ALA A 780 8.28 14.95 34.08
N THR A 781 7.55 14.13 33.34
CA THR A 781 6.57 13.22 33.91
C THR A 781 7.23 11.87 34.20
N HIS A 782 6.41 10.90 34.59
CA HIS A 782 6.91 9.55 34.78
C HIS A 782 7.24 8.91 33.44
N LEU A 783 6.45 9.19 32.41
CA LEU A 783 6.65 8.54 31.11
C LEU A 783 7.85 9.14 30.39
N ASP A 784 8.15 10.43 30.66
CA ASP A 784 9.34 11.05 30.07
C ASP A 784 10.62 10.44 30.64
N GLN A 785 10.63 10.16 31.93
CA GLN A 785 11.80 9.55 32.56
C GLN A 785 11.97 8.11 32.11
N TYR A 786 10.84 7.43 31.87
CA TYR A 786 10.90 6.02 31.48
C TYR A 786 11.31 5.87 30.02
N LEU A 787 10.90 6.82 29.16
CA LEU A 787 11.35 6.79 27.78
C LEU A 787 12.79 7.26 27.65
N TYR A 788 13.29 8.00 28.62
CA TYR A 788 14.68 8.43 28.56
C TYR A 788 15.63 7.26 28.80
N GLN A 789 15.30 6.39 29.75
CA GLN A 789 16.08 5.19 29.98
C GLN A 789 15.91 4.20 28.83
N LEU A 790 14.71 4.16 28.24
CA LEU A 790 14.43 3.24 27.14
C LEU A 790 15.19 3.64 25.89
N ARG A 791 15.24 4.93 25.58
CA ARG A 791 15.90 5.40 24.36
C ARG A 791 17.40 5.27 24.45
N THR A 792 17.98 5.58 25.61
CA THR A 792 19.43 5.52 25.76
C THR A 792 19.93 4.08 25.77
N HIS A 793 19.16 3.17 26.36
CA HIS A 793 19.53 1.76 26.36
C HIS A 793 19.43 1.16 24.96
N HIS A 794 18.32 1.42 24.27
CA HIS A 794 18.08 0.78 22.97
C HIS A 794 18.99 1.35 21.89
N LEU A 795 19.26 2.65 21.91
CA LEU A 795 20.06 3.25 20.84
C LEU A 795 21.53 2.89 21.02
N SER A 796 21.95 2.64 22.27
CA SER A 796 23.30 2.13 22.49
C SER A 796 23.42 0.69 22.01
N GLN A 797 22.31 -0.05 22.00
CA GLN A 797 22.31 -1.36 21.36
C GLN A 797 22.42 -1.25 19.85
N ILE A 798 21.88 -0.16 19.28
CA ILE A 798 22.05 0.11 17.86
C ILE A 798 23.52 0.43 17.56
N THR A 799 24.18 1.11 18.50
CA THR A 799 25.57 1.50 18.33
C THR A 799 26.48 0.27 18.34
N GLU A 800 26.25 -0.66 19.28
CA GLU A 800 27.09 -1.83 19.40
C GLU A 800 26.83 -2.82 18.26
N ALA A 801 25.61 -2.81 17.72
CA ALA A 801 25.31 -3.65 16.57
C ALA A 801 25.94 -3.07 15.30
N ALA A 802 26.06 -1.74 15.24
CA ALA A 802 26.70 -1.12 14.09
C ALA A 802 28.21 -1.36 14.10
N LEU A 803 28.81 -1.38 15.29
CA LEU A 803 30.22 -1.74 15.38
C LEU A 803 30.43 -3.23 15.13
N ALA A 804 29.41 -4.04 15.44
CA ALA A 804 29.49 -5.48 15.18
C ALA A 804 29.45 -5.76 13.69
N LEU A 805 28.72 -4.94 12.93
CA LEU A 805 28.73 -5.06 11.49
C LEU A 805 29.95 -4.38 10.88
N LYS A 806 30.60 -3.48 11.62
CA LYS A 806 31.77 -2.77 11.14
C LYS A 806 32.99 -3.67 11.00
N LEU A 807 33.11 -4.71 11.82
CA LEU A 807 34.18 -5.70 11.69
C LEU A 807 33.67 -7.04 11.22
N GLY A 808 32.45 -7.41 11.60
CA GLY A 808 31.82 -8.64 11.14
C GLY A 808 31.20 -8.47 9.77
N HIS A 809 32.03 -8.50 8.73
CA HIS A 809 31.60 -8.25 7.36
C HIS A 809 30.78 -9.40 6.79
N SER A 810 29.47 -9.38 7.01
CA SER A 810 28.60 -10.39 6.44
C SER A 810 28.24 -10.04 5.00
N GLU A 811 27.37 -10.85 4.41
CA GLU A 811 26.91 -10.60 3.05
C GLU A 811 25.95 -9.43 3.02
N LEU A 812 25.68 -8.94 1.80
CA LEU A 812 24.76 -7.84 1.60
C LEU A 812 23.31 -8.15 2.03
N PRO A 813 22.71 -9.33 1.76
CA PRO A 813 21.40 -9.60 2.39
C PRO A 813 21.43 -9.71 3.90
N ALA A 814 22.53 -10.20 4.49
CA ALA A 814 22.61 -10.36 5.93
C ALA A 814 22.68 -9.00 6.63
N ALA A 815 23.32 -8.03 5.98
CA ALA A 815 23.30 -6.67 6.50
C ALA A 815 21.99 -5.97 6.16
N LEU A 816 21.25 -6.49 5.17
CA LEU A 816 20.01 -5.85 4.75
C LEU A 816 18.89 -6.11 5.75
N GLU A 817 18.86 -7.32 6.33
CA GLU A 817 17.86 -7.61 7.36
C GLU A 817 18.13 -6.84 8.64
N GLN A 818 19.41 -6.61 8.93
CA GLN A 818 19.77 -5.74 10.03
C GLN A 818 19.40 -4.29 9.72
N ALA A 819 19.47 -3.92 8.43
CA ALA A 819 19.26 -2.53 8.03
C ALA A 819 17.80 -2.11 8.22
N GLU A 820 16.86 -2.98 7.88
CA GLU A 820 15.47 -2.68 8.17
C GLU A 820 15.18 -2.85 9.66
N ASP A 821 16.06 -3.55 10.37
CA ASP A 821 15.82 -3.78 11.80
C ASP A 821 16.03 -2.52 12.61
N TRP A 822 17.14 -1.80 12.38
CA TRP A 822 17.33 -0.58 13.15
C TRP A 822 16.44 0.55 12.64
N LEU A 823 16.00 0.44 11.39
CA LEU A 823 15.07 1.44 10.85
C LEU A 823 13.70 1.30 11.51
N LEU A 824 13.24 0.07 11.71
CA LEU A 824 11.94 -0.14 12.34
C LEU A 824 12.01 0.13 13.84
N ARG A 825 13.18 -0.09 14.43
CA ARG A 825 13.37 0.24 15.85
C ARG A 825 13.36 1.76 16.06
N LEU A 826 14.03 2.50 15.18
CA LEU A 826 14.13 3.94 15.35
C LEU A 826 12.80 4.63 15.08
N ARG A 827 12.03 4.11 14.13
CA ARG A 827 10.71 4.68 13.84
C ARG A 827 9.73 4.40 14.96
N ALA A 828 9.84 3.24 15.62
CA ALA A 828 8.94 2.90 16.71
C ALA A 828 9.26 3.66 17.98
N LEU A 829 10.54 3.87 18.27
CA LEU A 829 10.93 4.64 19.45
C LEU A 829 10.63 6.12 19.28
N ALA A 830 10.55 6.61 18.04
CA ALA A 830 10.35 8.03 17.81
C ALA A 830 8.94 8.50 18.08
N GLU A 831 8.00 7.61 18.40
CA GLU A 831 6.67 8.02 18.80
C GLU A 831 6.71 8.75 20.13
N GLU A 832 6.04 9.90 20.18
CA GLU A 832 5.92 10.69 21.40
C GLU A 832 4.44 10.88 21.69
N PRO A 833 3.87 10.03 22.55
CA PRO A 833 2.42 10.12 22.82
C PRO A 833 2.01 11.35 23.61
N GLN A 834 2.95 12.04 24.25
CA GLN A 834 2.65 13.25 24.99
C GLN A 834 2.86 14.52 24.18
N ASN A 835 2.67 14.45 22.86
CA ASN A 835 2.80 15.63 22.02
C ASN A 835 1.55 16.49 22.16
N SER A 836 1.59 17.46 23.07
CA SER A 836 0.47 18.34 23.32
C SER A 836 0.37 19.48 22.31
N LEU A 837 1.39 19.68 21.49
CA LEU A 837 1.31 20.68 20.43
C LEU A 837 0.35 20.21 19.35
N PRO A 838 -0.72 20.94 19.07
CA PRO A 838 -1.62 20.52 18.00
C PRO A 838 -1.00 20.71 16.63
N ASP A 839 -1.47 19.91 15.68
CA ASP A 839 -0.99 20.02 14.31
C ASP A 839 -1.52 21.30 13.67
N ILE A 840 -0.70 21.90 12.81
CA ILE A 840 -1.12 23.07 12.04
C ILE A 840 -2.11 22.60 10.99
N VAL A 841 -3.36 23.04 11.11
CA VAL A 841 -4.41 22.65 10.18
C VAL A 841 -4.52 23.75 9.12
N ILE A 842 -3.94 23.50 7.95
CA ILE A 842 -3.95 24.45 6.85
C ILE A 842 -5.19 24.16 6.01
N TRP A 843 -5.96 25.22 5.71
CA TRP A 843 -7.30 25.09 5.16
C TRP A 843 -7.41 25.89 3.87
N MET A 844 -8.43 25.54 3.09
CA MET A 844 -8.90 26.34 1.96
C MET A 844 -10.30 26.83 2.27
N LEU A 845 -10.53 28.13 2.10
CA LEU A 845 -11.87 28.68 2.18
C LEU A 845 -12.25 29.29 0.84
N GLN A 846 -13.38 28.83 0.30
CA GLN A 846 -14.00 29.42 -0.88
C GLN A 846 -15.24 30.14 -0.37
N GLY A 847 -15.09 31.41 -0.03
CA GLY A 847 -16.13 32.07 0.75
C GLY A 847 -16.07 31.59 2.18
N ASP A 848 -17.25 31.27 2.74
CA ASP A 848 -17.32 30.72 4.08
C ASP A 848 -17.29 29.19 4.10
N LYS A 849 -17.11 28.54 2.95
CA LYS A 849 -17.11 27.10 2.87
C LYS A 849 -15.68 26.56 2.99
N ARG A 850 -15.44 25.74 4.01
CA ARG A 850 -14.15 25.07 4.18
C ARG A 850 -14.12 23.87 3.24
N VAL A 851 -13.06 23.77 2.44
CA VAL A 851 -13.04 22.84 1.32
C VAL A 851 -11.98 21.76 1.47
N ALA A 852 -10.73 22.13 1.73
CA ALA A 852 -9.65 21.15 1.74
C ALA A 852 -8.68 21.45 2.86
N TYR A 853 -8.06 20.40 3.41
CA TYR A 853 -7.30 20.51 4.65
C TYR A 853 -6.06 19.63 4.60
N GLN A 854 -5.12 19.91 5.51
CA GLN A 854 -4.03 19.01 5.86
C GLN A 854 -3.55 19.38 7.25
N ARG A 855 -3.21 18.36 8.04
CA ARG A 855 -2.63 18.56 9.36
C ARG A 855 -1.13 18.27 9.27
N VAL A 856 -0.35 19.32 9.05
CA VAL A 856 1.11 19.23 9.16
C VAL A 856 1.43 19.09 10.64
N PRO A 857 2.20 18.08 11.04
CA PRO A 857 2.51 17.90 12.46
C PRO A 857 3.39 19.02 12.99
N ALA A 858 3.16 19.38 14.26
CA ALA A 858 3.88 20.50 14.85
C ALA A 858 5.33 20.15 15.15
N HIS A 859 5.63 18.87 15.28
CA HIS A 859 7.01 18.46 15.48
C HIS A 859 7.81 18.58 14.19
N GLN A 860 7.13 18.57 13.04
CA GLN A 860 7.84 18.68 11.77
C GLN A 860 8.32 20.10 11.48
N VAL A 861 7.79 21.09 12.17
CA VAL A 861 8.11 22.48 11.88
C VAL A 861 8.66 23.24 13.08
N LEU A 862 8.80 22.61 14.24
CA LEU A 862 9.27 23.32 15.42
C LEU A 862 10.77 23.53 15.36
N PHE A 863 11.22 24.71 15.78
CA PHE A 863 12.63 25.07 15.80
C PHE A 863 13.26 24.74 17.15
N SER A 864 14.54 24.39 17.12
CA SER A 864 15.31 24.17 18.33
C SER A 864 16.63 24.92 18.22
N ARG A 865 17.12 25.42 19.35
CA ARG A 865 18.40 26.13 19.35
C ARG A 865 19.59 25.20 19.19
N ARG A 866 19.39 23.90 19.49
CA ARG A 866 20.53 23.00 19.63
C ARG A 866 21.14 22.57 18.31
N GLY A 867 20.49 22.81 17.17
CA GLY A 867 21.12 22.52 15.90
C GLY A 867 20.25 21.88 14.84
N ALA A 868 20.88 21.40 13.77
CA ALA A 868 20.13 20.95 12.60
C ALA A 868 19.49 19.58 12.82
N ASN A 869 20.15 18.73 13.63
CA ASN A 869 19.62 17.39 13.87
C ASN A 869 18.35 17.40 14.71
N TYR A 870 18.18 18.44 15.53
CA TYR A 870 17.02 18.54 16.40
C TYR A 870 15.91 19.40 15.81
N CYS A 871 16.16 20.09 14.70
CA CYS A 871 15.10 20.84 14.04
C CYS A 871 14.16 19.90 13.31
N GLY A 872 12.96 20.40 12.99
CA GLY A 872 12.00 19.63 12.24
C GLY A 872 12.42 19.39 10.81
N LYS A 873 11.81 18.41 10.15
CA LYS A 873 12.18 18.08 8.78
C LYS A 873 11.77 19.16 7.80
N ASN A 874 10.63 19.81 8.05
CA ASN A 874 10.15 20.92 7.23
C ASN A 874 10.16 22.23 8.02
N CYS A 875 11.01 22.33 9.03
CA CYS A 875 11.14 23.55 9.81
C CYS A 875 12.00 24.55 9.02
N GLY A 876 11.35 25.44 8.28
CA GLY A 876 12.03 26.41 7.48
C GLY A 876 12.24 25.96 6.05
N LYS A 877 12.12 24.66 5.81
CA LYS A 877 12.26 24.13 4.46
C LYS A 877 10.94 24.18 3.72
N LEU A 878 11.03 24.29 2.40
CA LEU A 878 9.83 24.35 1.57
C LEU A 878 9.18 22.98 1.48
N GLN A 879 7.88 22.92 1.76
CA GLN A 879 7.16 21.66 1.93
C GLN A 879 6.07 21.56 0.89
N THR A 880 6.04 20.45 0.15
CA THR A 880 4.98 20.22 -0.83
C THR A 880 3.83 19.47 -0.16
N ILE A 881 2.64 20.06 -0.21
CA ILE A 881 1.49 19.59 0.53
C ILE A 881 0.34 19.36 -0.44
N PHE A 882 -0.27 18.17 -0.37
CA PHE A 882 -1.47 17.87 -1.13
C PHE A 882 -2.66 17.83 -0.17
N LEU A 883 -3.52 18.83 -0.25
CA LEU A 883 -4.68 18.87 0.62
C LEU A 883 -5.69 17.80 0.22
N LYS A 884 -6.54 17.44 1.18
CA LYS A 884 -7.54 16.39 1.02
C LYS A 884 -8.90 16.94 1.44
N TYR A 885 -9.96 16.28 0.99
CA TYR A 885 -11.29 16.69 1.40
C TYR A 885 -11.58 16.17 2.81
N PRO A 886 -12.56 16.75 3.51
CA PRO A 886 -13.03 16.14 4.75
C PRO A 886 -13.68 14.79 4.47
N MET A 887 -13.51 13.86 5.42
CA MET A 887 -13.91 12.46 5.34
C MET A 887 -13.31 11.73 4.15
N GLU A 888 -12.12 12.13 3.70
CA GLU A 888 -11.47 11.47 2.58
C GLU A 888 -10.43 10.51 3.16
N LYS A 889 -10.83 9.23 3.26
CA LYS A 889 -9.97 8.16 3.74
C LYS A 889 -9.08 7.59 2.65
N VAL A 890 -8.91 8.31 1.55
CA VAL A 890 -8.29 7.82 0.32
C VAL A 890 -7.47 8.99 -0.22
N PRO A 891 -6.42 8.76 -1.02
CA PRO A 891 -5.82 9.89 -1.75
C PRO A 891 -6.78 10.57 -2.72
N GLY A 892 -7.77 9.86 -3.21
CA GLY A 892 -8.86 10.55 -3.89
C GLY A 892 -8.79 10.45 -5.40
N ALA A 893 -9.92 10.73 -6.04
CA ALA A 893 -10.00 10.75 -7.50
C ALA A 893 -9.67 12.13 -8.05
N ARG A 894 -10.37 13.15 -7.54
CA ARG A 894 -10.13 14.54 -7.95
C ARG A 894 -9.32 15.23 -6.85
N MET A 895 -8.03 15.44 -7.11
CA MET A 895 -7.19 16.17 -6.16
C MET A 895 -7.59 17.64 -6.14
N PRO A 896 -7.88 18.22 -4.97
CA PRO A 896 -8.31 19.63 -4.92
C PRO A 896 -7.24 20.63 -5.30
N VAL A 897 -6.06 20.56 -4.67
CA VAL A 897 -5.07 21.62 -4.79
C VAL A 897 -3.70 21.10 -4.37
N GLN A 898 -2.64 21.80 -4.79
CA GLN A 898 -1.29 21.52 -4.33
C GLN A 898 -0.62 22.82 -3.90
N ILE A 899 -0.11 22.85 -2.66
CA ILE A 899 0.46 24.06 -2.08
C ILE A 899 1.92 23.79 -1.78
N ARG A 900 2.73 24.84 -1.83
CA ARG A 900 4.13 24.80 -1.40
C ARG A 900 4.31 25.85 -0.31
N VAL A 901 4.37 25.40 0.94
CA VAL A 901 4.41 26.29 2.09
C VAL A 901 5.79 26.22 2.72
N LYS A 902 6.38 27.39 2.97
CA LYS A 902 7.62 27.50 3.73
C LYS A 902 7.23 27.72 5.19
N LEU A 903 6.75 26.66 5.82
CA LEU A 903 6.30 26.72 7.20
C LEU A 903 7.48 26.90 8.15
N TRP A 904 7.19 27.52 9.30
CA TRP A 904 8.17 27.70 10.36
C TRP A 904 7.42 27.83 11.67
N PHE A 905 8.00 27.30 12.73
CA PHE A 905 7.36 27.35 14.04
C PHE A 905 8.45 27.36 15.09
N GLY A 906 8.11 27.82 16.29
CA GLY A 906 9.10 27.85 17.36
C GLY A 906 8.66 28.77 18.47
N LEU A 907 9.57 28.94 19.43
CA LEU A 907 9.32 29.82 20.56
C LEU A 907 9.32 31.27 20.12
N SER A 908 8.55 32.10 20.83
CA SER A 908 8.56 33.53 20.56
C SER A 908 9.86 34.18 21.02
N VAL A 909 10.53 33.58 22.02
CA VAL A 909 11.86 34.04 22.38
C VAL A 909 12.90 33.54 21.39
N ASP A 910 12.58 32.51 20.61
CA ASP A 910 13.46 32.01 19.57
C ASP A 910 13.04 32.47 18.18
N GLU A 911 12.17 33.49 18.09
CA GLU A 911 11.74 34.00 16.79
C GLU A 911 12.82 34.82 16.08
N LYS A 912 13.90 35.17 16.79
CA LYS A 912 15.02 35.88 16.17
C LYS A 912 15.74 35.00 15.15
N GLU A 913 15.67 33.68 15.35
CA GLU A 913 16.41 32.76 14.48
C GLU A 913 15.70 32.50 13.16
N PHE A 914 14.55 33.13 12.91
CA PHE A 914 13.93 33.07 11.60
C PHE A 914 14.74 33.84 10.55
N ASN A 915 15.59 34.77 11.00
CA ASN A 915 16.45 35.56 10.12
C ASN A 915 17.40 34.70 9.29
N GLN A 916 17.81 33.54 9.81
CA GLN A 916 18.65 32.64 9.05
C GLN A 916 17.88 31.94 7.93
N PHE A 917 16.62 31.59 8.17
CA PHE A 917 15.85 30.80 7.22
C PHE A 917 15.22 31.62 6.11
N ALA A 918 14.97 32.91 6.33
CA ALA A 918 14.16 33.70 5.42
C ALA A 918 14.94 34.06 4.15
N GLU A 919 14.18 34.25 3.07
CA GLU A 919 14.72 34.66 1.79
C GLU A 919 13.71 35.59 1.10
N GLY A 920 14.22 36.71 0.61
CA GLY A 920 13.39 37.68 -0.07
C GLY A 920 13.01 38.84 0.83
N LYS A 921 12.62 39.94 0.18
CA LYS A 921 12.25 41.17 0.89
C LYS A 921 10.85 41.00 1.44
N LEU A 922 10.78 40.63 2.72
CA LEU A 922 9.51 40.54 3.42
C LEU A 922 8.94 41.94 3.60
N SER A 923 7.64 42.10 3.33
CA SER A 923 7.04 43.42 3.27
C SER A 923 5.63 43.39 3.83
N VAL A 924 5.20 44.56 4.32
CA VAL A 924 3.79 44.84 4.61
C VAL A 924 3.48 46.20 4.02
N PHE A 925 2.49 46.26 3.14
CA PHE A 925 2.21 47.45 2.36
C PHE A 925 1.29 48.37 3.14
N ALA A 926 1.82 49.53 3.52
CA ALA A 926 0.97 50.60 4.04
C ALA A 926 0.10 51.14 2.92
N GLU A 927 -1.19 51.22 3.16
CA GLU A 927 -2.12 51.40 2.06
C GLU A 927 -3.28 52.29 2.47
N THR A 928 -3.84 52.98 1.47
CA THR A 928 -5.04 53.78 1.60
C THR A 928 -5.66 53.93 0.21
N TYR A 929 -6.97 54.14 0.19
CA TYR A 929 -7.72 54.22 -1.06
C TYR A 929 -8.37 55.60 -1.17
N GLU A 930 -8.14 56.28 -2.28
CA GLU A 930 -8.79 57.56 -2.56
C GLU A 930 -9.81 57.36 -3.67
N ASN A 931 -11.07 57.68 -3.37
CA ASN A 931 -12.20 57.29 -4.21
C ASN A 931 -12.80 58.50 -4.91
N GLU A 932 -13.24 58.30 -6.16
CA GLU A 932 -13.94 59.30 -6.93
C GLU A 932 -15.17 58.66 -7.57
N THR A 933 -15.93 59.45 -8.31
CA THR A 933 -17.20 58.99 -8.85
C THR A 933 -17.56 59.78 -10.11
N LYS A 934 -18.38 59.15 -10.95
CA LYS A 934 -18.96 59.77 -12.14
C LYS A 934 -20.28 59.10 -12.48
N LEU A 935 -21.40 59.74 -12.19
CA LEU A 935 -22.69 59.14 -12.48
C LEU A 935 -23.00 59.22 -13.98
N ALA A 936 -24.16 58.67 -14.36
CA ALA A 936 -24.50 58.52 -15.77
C ALA A 936 -24.77 59.85 -16.46
N LEU A 937 -25.11 60.88 -15.69
CA LEU A 937 -25.35 62.20 -16.27
C LEU A 937 -24.24 63.20 -15.97
N VAL A 938 -23.12 62.77 -15.41
CA VAL A 938 -22.04 63.69 -15.10
C VAL A 938 -21.04 63.77 -16.25
N GLY A 939 -20.39 62.66 -16.57
CA GLY A 939 -19.47 62.62 -17.69
C GLY A 939 -18.01 62.87 -17.34
N ASN A 940 -17.76 63.44 -16.17
CA ASN A 940 -16.41 63.75 -15.72
C ASN A 940 -16.21 63.29 -14.29
N TRP A 941 -14.98 62.87 -13.97
CA TRP A 941 -14.69 62.32 -12.66
C TRP A 941 -14.60 63.43 -11.62
N GLY A 942 -15.33 63.26 -10.52
CA GLY A 942 -15.36 64.23 -9.44
C GLY A 942 -15.90 63.64 -8.16
N THR A 943 -16.73 64.40 -7.43
CA THR A 943 -17.30 63.95 -6.17
C THR A 943 -18.82 63.97 -6.16
N THR A 944 -19.47 63.92 -7.32
CA THR A 944 -20.93 64.02 -7.38
C THR A 944 -21.55 62.64 -7.23
N GLY A 945 -22.21 62.41 -6.09
CA GLY A 945 -22.91 61.16 -5.85
C GLY A 945 -22.20 60.17 -4.97
N LEU A 946 -21.04 60.51 -4.42
CA LEU A 946 -20.28 59.61 -3.56
C LEU A 946 -20.68 59.87 -2.11
N THR A 947 -21.52 58.99 -1.56
CA THR A 947 -21.86 59.04 -0.14
C THR A 947 -20.91 58.18 0.70
N TYR A 948 -19.60 58.37 0.52
CA TYR A 948 -18.56 57.58 1.15
C TYR A 948 -17.39 58.51 1.46
N PRO A 949 -16.56 58.18 2.46
CA PRO A 949 -15.33 58.95 2.68
C PRO A 949 -14.37 58.81 1.51
N LYS A 950 -13.59 59.86 1.27
CA LYS A 950 -12.66 59.86 0.14
C LYS A 950 -11.45 58.98 0.43
N PHE A 951 -10.69 59.32 1.46
CA PHE A 951 -9.58 58.49 1.93
C PHE A 951 -10.12 57.47 2.91
N SER A 952 -9.95 56.18 2.59
CA SER A 952 -10.57 55.11 3.35
C SER A 952 -9.76 53.83 3.17
N ASP A 953 -10.28 52.75 3.75
CA ASP A 953 -9.70 51.43 3.56
C ASP A 953 -10.31 50.76 2.33
N VAL A 954 -10.07 49.45 2.21
CA VAL A 954 -10.65 48.68 1.11
C VAL A 954 -12.16 48.51 1.29
N THR A 955 -12.67 48.67 2.51
CA THR A 955 -14.11 48.64 2.74
C THR A 955 -14.81 49.90 2.26
N GLY A 956 -14.13 51.04 2.26
CA GLY A 956 -14.71 52.27 1.75
C GLY A 956 -15.39 53.13 2.79
N LYS A 957 -16.14 52.50 3.70
CA LYS A 957 -16.92 53.24 4.67
C LYS A 957 -16.06 53.79 5.81
N ILE A 958 -14.98 53.11 6.18
CA ILE A 958 -14.16 53.47 7.33
C ILE A 958 -12.97 54.28 6.84
N LYS A 959 -12.82 55.49 7.38
CA LYS A 959 -11.78 56.40 6.94
C LYS A 959 -10.40 55.96 7.43
N LEU A 960 -9.43 55.97 6.51
CA LEU A 960 -8.03 55.73 6.83
C LEU A 960 -7.15 56.62 5.96
N PRO A 961 -6.41 57.57 6.55
CA PRO A 961 -5.51 58.41 5.75
C PRO A 961 -4.20 57.69 5.42
N LYS A 962 -3.29 58.46 4.81
CA LYS A 962 -1.99 57.93 4.38
C LYS A 962 -1.12 57.56 5.57
N ASP A 963 -1.02 58.45 6.55
CA ASP A 963 -0.11 58.23 7.67
C ASP A 963 -0.76 57.47 8.83
N SER A 964 -1.96 56.90 8.61
CA SER A 964 -2.59 56.08 9.65
C SER A 964 -1.81 54.81 9.94
N PHE A 965 -1.13 54.26 8.94
CA PHE A 965 -0.27 53.09 9.12
C PHE A 965 1.18 53.56 9.11
N ARG A 966 1.87 53.34 10.22
CA ARG A 966 3.21 53.82 10.48
C ARG A 966 4.10 52.63 10.81
N PRO A 967 5.42 52.74 10.64
CA PRO A 967 6.29 51.62 10.99
C PRO A 967 6.27 51.32 12.48
N SER A 968 6.14 50.04 12.81
CA SER A 968 6.09 49.61 14.20
C SER A 968 7.50 49.47 14.76
N ALA A 969 7.60 48.80 15.91
CA ALA A 969 8.90 48.55 16.52
C ALA A 969 9.71 47.59 15.67
N GLY A 970 10.75 48.14 15.01
CA GLY A 970 11.59 47.36 14.13
C GLY A 970 11.31 47.53 12.65
N TRP A 971 10.46 48.47 12.26
CA TRP A 971 10.09 48.64 10.87
C TRP A 971 10.55 50.00 10.35
N THR A 972 10.64 50.10 9.02
CA THR A 972 10.96 51.35 8.34
C THR A 972 10.40 51.29 6.92
N TRP A 973 10.22 52.45 6.30
CA TRP A 973 9.81 52.45 4.91
C TRP A 973 10.97 52.02 4.01
N ALA A 974 10.60 51.51 2.84
CA ALA A 974 11.56 50.99 1.87
C ALA A 974 11.38 51.60 0.49
N GLY A 975 10.56 52.64 0.36
CA GLY A 975 10.35 53.26 -0.93
C GLY A 975 9.43 54.45 -0.80
N ASP A 976 9.03 54.97 -1.95
CA ASP A 976 8.18 56.15 -1.99
C ASP A 976 6.71 55.74 -2.16
N TRP A 977 5.84 56.75 -2.11
CA TRP A 977 4.44 56.54 -2.43
C TRP A 977 4.28 56.39 -3.95
N PHE A 978 3.43 55.45 -4.36
CA PHE A 978 3.27 55.18 -5.78
C PHE A 978 1.82 54.84 -6.08
N VAL A 979 1.50 54.83 -7.37
CA VAL A 979 0.16 54.55 -7.85
C VAL A 979 0.23 53.26 -8.66
N CYS A 980 -0.01 52.13 -8.01
CA CYS A 980 0.17 50.87 -8.72
C CYS A 980 -0.62 49.74 -8.07
N PRO A 981 -1.35 48.95 -8.87
CA PRO A 981 -1.86 47.66 -8.39
C PRO A 981 -0.77 46.59 -8.31
N GLU A 982 -1.17 45.35 -8.05
CA GLU A 982 -0.22 44.24 -7.89
C GLU A 982 0.61 43.94 -9.15
N HIS A 993 6.74 29.21 -23.30
CA HIS A 993 5.68 28.21 -23.44
C HIS A 993 5.29 28.04 -24.90
N LEU A 994 4.47 27.03 -25.18
CA LEU A 994 4.16 26.67 -26.56
C LEU A 994 2.68 26.77 -26.89
N SER A 995 1.78 26.44 -25.96
CA SER A 995 0.36 26.35 -26.27
C SER A 995 -0.46 26.89 -25.11
N PHE A 996 -1.74 27.16 -25.41
CA PHE A 996 -2.67 27.66 -24.41
C PHE A 996 -4.08 27.23 -24.81
N VAL A 997 -4.96 27.17 -23.82
CA VAL A 997 -6.36 26.81 -24.00
C VAL A 997 -7.20 27.87 -23.29
N GLU A 998 -8.20 28.40 -23.98
CA GLU A 998 -9.03 29.49 -23.48
C GLU A 998 -10.45 29.00 -23.26
N GLU A 999 -11.13 29.58 -22.27
CA GLU A 999 -12.48 29.19 -21.92
C GLU A 999 -13.43 30.36 -22.12
N VAL A 1000 -14.53 30.11 -22.85
CA VAL A 1000 -15.50 31.13 -23.20
C VAL A 1000 -16.78 30.75 -22.45
N PHE A 1001 -17.73 31.68 -22.37
CA PHE A 1001 -18.79 31.56 -21.38
C PHE A 1001 -20.09 31.96 -22.08
N GLU A 1002 -21.24 31.50 -21.58
CA GLU A 1002 -22.52 31.90 -22.13
C GLU A 1002 -23.53 32.12 -20.99
N ASN A 1003 -24.56 32.91 -21.27
CA ASN A 1003 -25.54 33.30 -20.27
C ASN A 1003 -26.89 33.57 -20.93
N GLN A 1004 -27.97 33.17 -20.26
CA GLN A 1004 -29.33 33.32 -20.78
C GLN A 1004 -30.29 33.57 -19.62
N THR A 1005 -31.57 33.78 -19.96
CA THR A 1005 -32.60 34.07 -18.97
C THR A 1005 -33.96 33.59 -19.47
N ARG A 1006 -34.88 33.40 -18.52
CA ARG A 1006 -36.27 33.06 -18.80
C ARG A 1006 -37.11 33.41 -17.58
N LEU A 1007 -38.43 33.42 -17.79
CA LEU A 1007 -39.40 33.50 -16.72
C LEU A 1007 -39.72 32.10 -16.20
N PRO A 1008 -40.19 31.98 -14.96
CA PRO A 1008 -40.72 30.69 -14.49
C PRO A 1008 -41.95 30.28 -15.27
N GLY A 1009 -41.94 29.05 -15.76
CA GLY A 1009 -42.96 28.58 -16.67
C GLY A 1009 -42.70 28.87 -18.14
N GLY A 1010 -41.53 29.40 -18.48
CA GLY A 1010 -41.22 29.77 -19.85
C GLY A 1010 -40.08 28.98 -20.46
N GLN A 1011 -39.53 29.54 -21.53
CA GLN A 1011 -38.44 28.92 -22.28
C GLN A 1011 -37.28 29.90 -22.37
N TRP A 1012 -36.07 29.36 -22.54
CA TRP A 1012 -34.85 30.15 -22.43
C TRP A 1012 -34.62 31.02 -23.66
N ILE A 1013 -34.24 32.27 -23.41
CA ILE A 1013 -33.92 33.25 -24.46
C ILE A 1013 -32.65 34.00 -24.05
N TYR A 1014 -32.06 34.68 -25.03
CA TYR A 1014 -30.89 35.51 -24.78
C TYR A 1014 -31.29 36.79 -24.04
N MET A 1015 -30.44 37.21 -23.10
CA MET A 1015 -30.64 38.51 -22.46
C MET A 1015 -29.79 39.57 -23.16
N SER A 1016 -29.75 40.76 -22.53
CA SER A 1016 -28.81 41.79 -22.97
C SER A 1016 -27.37 41.42 -22.65
N ASP A 1017 -27.14 40.78 -21.49
CA ASP A 1017 -25.81 40.33 -21.07
C ASP A 1017 -25.56 38.88 -21.45
N ASN A 1018 -25.65 38.55 -22.75
CA ASN A 1018 -25.63 37.15 -23.16
C ASN A 1018 -24.22 36.65 -23.47
N TYR A 1019 -23.33 37.52 -23.93
CA TYR A 1019 -21.96 37.16 -24.25
C TYR A 1019 -21.02 37.95 -23.35
N THR A 1020 -20.65 37.36 -22.22
CA THR A 1020 -20.03 38.09 -21.12
C THR A 1020 -18.79 37.35 -20.65
N ASP A 1021 -18.13 37.88 -19.62
CA ASP A 1021 -16.86 37.33 -19.15
C ASP A 1021 -17.09 36.23 -18.11
N VAL A 1022 -15.98 35.75 -17.54
CA VAL A 1022 -15.98 34.56 -16.70
C VAL A 1022 -16.75 34.73 -15.39
N ASN A 1023 -17.10 35.97 -15.01
CA ASN A 1023 -17.98 36.19 -13.87
C ASN A 1023 -19.43 36.47 -14.26
N GLY A 1024 -19.68 36.93 -15.48
CA GLY A 1024 -21.03 37.16 -15.94
C GLY A 1024 -21.46 38.61 -16.04
N GLU A 1025 -20.57 39.50 -16.45
CA GLU A 1025 -20.89 40.92 -16.58
C GLU A 1025 -20.41 41.41 -17.95
N LYS A 1026 -21.05 42.48 -18.44
CA LYS A 1026 -21.05 42.79 -19.87
C LYS A 1026 -19.69 43.30 -20.33
N VAL A 1027 -19.07 42.55 -21.23
CA VAL A 1027 -17.73 42.79 -21.77
C VAL A 1027 -17.79 42.59 -23.28
N LEU A 1028 -16.62 42.58 -23.93
CA LEU A 1028 -16.52 42.18 -25.32
C LEU A 1028 -17.06 40.77 -25.52
N PRO A 1029 -17.79 40.49 -26.62
CA PRO A 1029 -18.46 39.19 -26.80
C PRO A 1029 -17.55 37.99 -27.00
N LYS A 1030 -18.17 36.84 -27.29
CA LYS A 1030 -17.47 35.57 -27.45
C LYS A 1030 -16.55 35.55 -28.66
N ASP A 1031 -16.80 36.38 -29.67
CA ASP A 1031 -15.96 36.42 -30.85
C ASP A 1031 -15.07 37.65 -30.90
N ASP A 1032 -15.33 38.66 -30.07
CA ASP A 1032 -14.51 39.87 -30.07
C ASP A 1032 -13.21 39.67 -29.29
N ILE A 1033 -13.11 38.60 -28.50
CA ILE A 1033 -11.82 38.24 -27.94
C ILE A 1033 -11.02 37.49 -29.01
N GLU A 1034 -9.84 38.02 -29.32
CA GLU A 1034 -9.09 37.55 -30.48
C GLU A 1034 -7.72 37.06 -30.04
N CYS A 1035 -6.98 36.54 -31.01
CA CYS A 1035 -5.62 36.08 -30.76
C CYS A 1035 -4.70 37.27 -30.57
N PRO A 1036 -3.76 37.21 -29.62
CA PRO A 1036 -2.78 38.29 -29.48
C PRO A 1036 -1.72 38.21 -30.57
N LEU A 1037 -0.87 39.24 -30.60
CA LEU A 1037 0.17 39.33 -31.61
C LEU A 1037 1.26 38.30 -31.34
N GLY A 1038 1.75 37.68 -32.41
CA GLY A 1038 2.79 36.68 -32.31
C GLY A 1038 2.31 35.26 -32.15
N TRP A 1039 1.00 35.03 -32.03
CA TRP A 1039 0.45 33.70 -31.93
C TRP A 1039 -0.53 33.51 -33.08
N LYS A 1040 -1.10 32.31 -33.19
CA LYS A 1040 -2.07 32.03 -34.25
C LYS A 1040 -3.14 31.08 -33.74
N TRP A 1041 -4.32 31.16 -34.34
CA TRP A 1041 -5.36 30.16 -34.08
C TRP A 1041 -5.06 28.89 -34.87
N GLU A 1042 -5.34 27.74 -34.25
CA GLU A 1042 -5.31 26.47 -34.97
C GLU A 1042 -6.52 25.61 -34.64
N ASP A 1043 -7.49 26.16 -33.90
CA ASP A 1043 -8.79 25.55 -33.72
C ASP A 1043 -9.78 26.35 -34.55
N GLU A 1044 -10.66 25.66 -35.27
CA GLU A 1044 -11.47 26.30 -36.30
C GLU A 1044 -12.57 27.19 -35.72
N GLU A 1045 -13.00 26.97 -34.48
CA GLU A 1045 -14.14 27.65 -33.92
C GLU A 1045 -14.08 27.45 -32.41
N TRP A 1046 -14.60 28.43 -31.66
CA TRP A 1046 -14.83 28.26 -30.24
C TRP A 1046 -15.92 27.20 -30.08
N SER A 1047 -15.52 25.99 -29.71
CA SER A 1047 -16.39 24.83 -29.78
C SER A 1047 -17.16 24.62 -28.50
N THR A 1048 -18.21 23.80 -28.59
CA THR A 1048 -19.00 23.46 -27.42
C THR A 1048 -18.23 22.49 -26.53
N ASP A 1049 -18.55 22.52 -25.24
CA ASP A 1049 -17.90 21.66 -24.27
C ASP A 1049 -18.93 21.12 -23.29
N LEU A 1050 -18.76 19.86 -22.92
CA LEU A 1050 -19.65 19.22 -21.95
C LEU A 1050 -18.90 18.45 -20.87
N ASN A 1051 -17.57 18.58 -20.78
CA ASN A 1051 -16.79 17.87 -19.79
C ASN A 1051 -16.71 18.65 -18.48
N ARG A 1052 -17.87 18.85 -17.84
CA ARG A 1052 -17.94 19.57 -16.58
C ARG A 1052 -19.17 19.10 -15.82
N ALA A 1053 -19.27 19.53 -14.57
CA ALA A 1053 -20.39 19.18 -13.71
C ALA A 1053 -21.58 20.08 -14.06
N VAL A 1054 -22.36 19.65 -15.06
CA VAL A 1054 -23.53 20.39 -15.53
C VAL A 1054 -24.61 19.37 -15.91
N ASP A 1055 -25.75 19.87 -16.37
CA ASP A 1055 -26.82 19.00 -16.82
C ASP A 1055 -26.58 18.58 -18.28
N GLU A 1056 -27.61 18.00 -18.90
CA GLU A 1056 -27.49 17.50 -20.27
C GLU A 1056 -27.27 18.61 -21.30
N GLN A 1057 -27.76 19.81 -21.03
CA GLN A 1057 -27.56 20.93 -21.96
C GLN A 1057 -26.35 21.79 -21.62
N GLY A 1058 -25.71 21.54 -20.48
CA GLY A 1058 -24.47 22.22 -20.13
C GLY A 1058 -24.60 23.49 -19.33
N TRP A 1059 -25.76 23.75 -18.72
CA TRP A 1059 -26.00 25.01 -18.03
C TRP A 1059 -26.11 24.80 -16.52
N GLU A 1060 -25.84 25.88 -15.78
CA GLU A 1060 -26.02 25.91 -14.33
C GLU A 1060 -26.90 27.11 -13.97
N TYR A 1061 -27.82 26.88 -13.03
CA TYR A 1061 -29.07 27.62 -12.95
C TYR A 1061 -29.23 28.34 -11.62
N SER A 1062 -29.85 29.52 -11.66
CA SER A 1062 -30.01 30.37 -10.49
C SER A 1062 -31.43 30.93 -10.48
N ILE A 1063 -31.76 31.66 -9.42
CA ILE A 1063 -33.04 32.36 -9.28
C ILE A 1063 -32.77 33.83 -8.99
N THR A 1064 -33.71 34.68 -9.42
CA THR A 1064 -33.57 36.12 -9.19
C THR A 1064 -33.90 36.47 -7.75
N ILE A 1065 -32.98 37.17 -7.10
CA ILE A 1065 -33.11 37.49 -5.67
C ILE A 1065 -33.09 39.01 -5.48
N PRO A 1066 -34.02 39.57 -4.71
CA PRO A 1066 -33.98 41.01 -4.39
C PRO A 1066 -32.79 41.33 -3.50
N PRO A 1067 -32.34 42.60 -3.44
CA PRO A 1067 -32.84 43.82 -4.10
C PRO A 1067 -32.27 44.08 -5.50
N GLU A 1068 -31.19 43.41 -5.90
CA GLU A 1068 -30.64 43.65 -7.22
C GLU A 1068 -31.47 42.94 -8.29
N ARG A 1069 -31.25 43.35 -9.53
CA ARG A 1069 -31.97 42.84 -10.69
C ARG A 1069 -31.34 41.57 -11.27
N LYS A 1070 -30.43 40.91 -10.57
CA LYS A 1070 -29.61 39.85 -11.13
C LYS A 1070 -29.54 38.69 -10.15
N PRO A 1071 -29.44 37.46 -10.66
CA PRO A 1071 -29.43 36.30 -9.76
C PRO A 1071 -28.12 36.14 -9.00
N LYS A 1072 -28.14 35.24 -8.00
CA LYS A 1072 -27.08 35.21 -7.00
C LYS A 1072 -26.41 33.86 -6.75
N HIS A 1073 -27.14 32.74 -6.80
CA HIS A 1073 -26.57 31.45 -6.41
C HIS A 1073 -26.87 30.39 -7.46
N TRP A 1074 -25.82 29.81 -8.05
CA TRP A 1074 -25.97 28.88 -9.16
C TRP A 1074 -25.72 27.44 -8.72
N VAL A 1075 -26.56 26.54 -9.22
CA VAL A 1075 -26.46 25.10 -8.95
C VAL A 1075 -26.63 24.35 -10.25
N PRO A 1076 -25.87 23.25 -10.44
CA PRO A 1076 -25.77 22.65 -11.77
C PRO A 1076 -26.92 21.76 -12.21
N ALA A 1077 -28.07 21.83 -11.55
CA ALA A 1077 -29.22 21.03 -11.93
C ALA A 1077 -30.35 21.95 -12.40
N GLU A 1078 -31.16 21.45 -13.31
CA GLU A 1078 -32.30 22.21 -13.83
C GLU A 1078 -33.59 21.78 -13.13
N LYS A 1079 -34.26 22.77 -12.52
CA LYS A 1079 -35.58 22.57 -11.94
C LYS A 1079 -36.49 23.67 -12.47
N MET A 1080 -37.74 23.66 -12.01
CA MET A 1080 -38.75 24.51 -12.62
C MET A 1080 -38.66 25.95 -12.10
N TYR A 1081 -37.92 26.16 -11.00
CA TYR A 1081 -37.91 27.45 -10.34
C TYR A 1081 -36.98 28.46 -11.01
N TYR A 1082 -36.02 27.98 -11.81
CA TYR A 1082 -34.87 28.79 -12.16
C TYR A 1082 -35.15 29.77 -13.30
N THR A 1083 -34.45 30.92 -13.25
CA THR A 1083 -34.68 32.03 -14.17
C THR A 1083 -33.44 32.45 -14.97
N HIS A 1084 -32.26 31.93 -14.68
CA HIS A 1084 -31.04 32.27 -15.41
C HIS A 1084 -30.18 31.02 -15.52
N ARG A 1085 -29.31 30.99 -16.53
CA ARG A 1085 -28.44 29.83 -16.70
C ARG A 1085 -27.14 30.22 -17.39
N ARG A 1086 -26.10 29.40 -17.17
CA ARG A 1086 -24.72 29.72 -17.53
C ARG A 1086 -24.03 28.52 -18.17
N ARG A 1087 -23.46 28.71 -19.36
CA ARG A 1087 -22.80 27.65 -20.12
C ARG A 1087 -21.31 27.91 -20.23
N ARG A 1088 -20.62 27.07 -21.00
CA ARG A 1088 -19.17 27.19 -21.19
C ARG A 1088 -18.76 26.68 -22.58
N TRP A 1089 -17.54 27.03 -22.95
CA TRP A 1089 -16.95 26.68 -24.25
C TRP A 1089 -15.46 26.48 -24.07
N VAL A 1090 -14.76 26.23 -25.19
CA VAL A 1090 -13.33 25.96 -25.19
C VAL A 1090 -12.74 26.28 -26.56
N ARG A 1091 -11.48 26.67 -26.58
CA ARG A 1091 -10.69 26.80 -27.80
C ARG A 1091 -9.22 26.69 -27.42
N LEU A 1092 -8.34 26.78 -28.42
CA LEU A 1092 -6.90 26.68 -28.19
C LEU A 1092 -6.14 27.44 -29.27
N ARG A 1093 -4.88 27.75 -28.97
CA ARG A 1093 -4.01 28.49 -29.88
C ARG A 1093 -2.56 28.13 -29.56
N ARG A 1094 -1.66 28.49 -30.46
CA ARG A 1094 -0.25 28.13 -30.34
C ARG A 1094 0.66 29.29 -30.71
N ARG A 1095 1.90 29.21 -30.23
CA ARG A 1095 2.90 30.26 -30.42
C ARG A 1095 3.67 30.07 -31.71
N ASP A 1096 3.90 31.17 -32.43
CA ASP A 1096 4.76 31.16 -33.61
C ASP A 1096 6.23 31.17 -33.21
N GLY A 1113 -6.28 55.24 -15.45
CA GLY A 1113 -5.32 54.82 -16.45
C GLY A 1113 -3.89 54.80 -15.93
N GLU A 1114 -3.68 55.45 -14.78
CA GLU A 1114 -2.37 55.52 -14.17
C GLU A 1114 -2.26 54.50 -13.05
N GLY A 1115 -3.13 53.49 -13.07
CA GLY A 1115 -3.26 52.56 -11.98
C GLY A 1115 -4.59 52.59 -11.28
N TRP A 1116 -5.57 53.29 -11.84
CA TRP A 1116 -6.91 53.35 -11.26
C TRP A 1116 -7.64 52.03 -11.44
N GLU A 1117 -8.55 51.76 -10.50
CA GLU A 1117 -9.49 50.65 -10.57
C GLU A 1117 -10.90 51.21 -10.69
N TYR A 1118 -11.76 50.50 -11.41
CA TYR A 1118 -13.08 51.01 -11.78
C TYR A 1118 -14.15 49.97 -11.49
N ALA A 1119 -15.34 50.46 -11.16
CA ALA A 1119 -16.48 49.60 -10.85
C ALA A 1119 -17.75 50.24 -11.38
N SER A 1120 -18.78 49.41 -11.57
CA SER A 1120 -20.09 49.92 -11.98
C SER A 1120 -20.72 50.76 -10.87
N LEU A 1121 -20.62 50.30 -9.63
CA LEU A 1121 -21.11 51.05 -8.47
C LEU A 1121 -20.14 50.83 -7.33
N PHE A 1122 -20.21 51.73 -6.34
CA PHE A 1122 -19.34 51.61 -5.17
C PHE A 1122 -19.76 50.44 -4.30
N GLY A 1123 -18.80 49.59 -3.95
CA GLY A 1123 -19.06 48.37 -3.22
C GLY A 1123 -19.42 47.18 -4.09
N TRP A 1124 -19.67 47.39 -5.38
CA TRP A 1124 -20.01 46.34 -6.33
C TRP A 1124 -18.72 45.84 -7.00
N LYS A 1125 -18.88 45.11 -8.11
CA LYS A 1125 -17.77 44.43 -8.79
C LYS A 1125 -16.73 45.40 -9.32
N PHE A 1126 -15.51 45.30 -8.77
CA PHE A 1126 -14.38 46.11 -9.18
C PHE A 1126 -13.47 45.33 -10.12
N HIS A 1127 -12.74 46.08 -10.96
CA HIS A 1127 -11.72 45.52 -11.84
C HIS A 1127 -10.69 46.60 -12.11
N LEU A 1128 -9.67 46.24 -12.89
CA LEU A 1128 -8.51 47.11 -13.03
C LEU A 1128 -8.55 48.02 -14.26
N GLU A 1129 -9.61 47.99 -15.06
CA GLU A 1129 -9.64 48.76 -16.32
C GLU A 1129 -10.91 49.59 -16.43
N TYR A 1130 -10.82 50.67 -17.21
CA TYR A 1130 -11.97 51.55 -17.45
C TYR A 1130 -12.71 51.07 -18.69
N ARG A 1131 -13.99 50.71 -18.50
CA ARG A 1131 -14.84 50.28 -19.61
C ARG A 1131 -16.12 51.08 -19.58
N LYS A 1132 -17.07 50.69 -20.44
CA LYS A 1132 -18.28 51.48 -20.64
C LYS A 1132 -19.27 51.34 -19.50
N THR A 1133 -19.16 50.28 -18.70
CA THR A 1133 -20.14 49.99 -17.67
C THR A 1133 -19.80 50.62 -16.31
N ASP A 1134 -18.74 51.40 -16.22
CA ASP A 1134 -18.26 51.90 -14.94
C ASP A 1134 -18.81 53.28 -14.62
N ALA A 1135 -19.10 53.49 -13.33
CA ALA A 1135 -19.54 54.78 -12.83
C ALA A 1135 -18.88 55.19 -11.52
N PHE A 1136 -17.96 54.38 -10.98
CA PHE A 1136 -17.24 54.70 -9.77
C PHE A 1136 -15.79 54.26 -9.95
N ARG A 1137 -14.88 54.86 -9.17
CA ARG A 1137 -13.48 54.51 -9.28
C ARG A 1137 -12.74 54.82 -7.98
N ARG A 1138 -11.51 54.32 -7.91
CA ARG A 1138 -10.60 54.56 -6.80
C ARG A 1138 -9.18 54.31 -7.29
N ARG A 1139 -8.20 54.83 -6.55
CA ARG A 1139 -6.79 54.67 -6.92
C ARG A 1139 -6.01 54.03 -5.77
N ARG A 1140 -4.94 53.33 -6.11
CA ARG A 1140 -4.29 52.38 -5.22
C ARG A 1140 -2.97 52.97 -4.71
N TRP A 1141 -3.08 53.79 -3.66
CA TRP A 1141 -1.92 54.21 -2.89
C TRP A 1141 -1.30 53.05 -2.14
N ARG A 1142 -0.01 52.82 -2.35
CA ARG A 1142 0.79 51.97 -1.47
C ARG A 1142 2.18 52.59 -1.30
N ARG A 1143 2.79 52.29 -0.15
CA ARG A 1143 4.20 52.56 0.08
C ARG A 1143 4.79 51.36 0.80
N ARG A 1144 5.84 50.78 0.22
CA ARG A 1144 6.37 49.53 0.72
C ARG A 1144 7.12 49.75 2.03
N MET A 1145 6.97 48.81 2.95
CA MET A 1145 7.62 48.84 4.26
C MET A 1145 8.36 47.52 4.47
N GLU A 1146 9.58 47.62 4.96
CA GLU A 1146 10.47 46.48 5.15
C GLU A 1146 11.01 46.52 6.56
N PRO A 1147 11.44 45.39 7.11
CA PRO A 1147 12.06 45.42 8.44
C PRO A 1147 13.41 46.10 8.40
N LEU A 1148 13.85 46.59 9.56
CA LEU A 1148 15.18 47.15 9.69
C LEU A 1148 16.23 46.08 9.48
N GLU A 1149 17.38 46.46 8.92
CA GLU A 1149 18.43 45.50 8.62
C GLU A 1149 19.17 45.03 9.87
N LYS A 1150 18.98 45.71 11.00
CA LYS A 1150 19.58 45.27 12.26
C LYS A 1150 18.77 44.20 12.98
N THR A 1151 17.54 43.92 12.52
CA THR A 1151 16.74 42.88 13.15
C THR A 1151 16.39 41.79 12.12
N GLY A 1152 16.48 42.13 10.84
CA GLY A 1152 16.21 41.19 9.78
C GLY A 1152 14.74 40.87 9.64
N PRO A 1153 14.41 39.80 8.91
CA PRO A 1153 13.00 39.42 8.74
C PRO A 1153 12.34 38.79 9.97
N ALA A 1154 12.97 38.82 11.13
CA ALA A 1154 12.35 38.34 12.36
C ALA A 1154 11.38 39.36 12.96
N ALA A 1155 11.29 40.56 12.38
CA ALA A 1155 10.47 41.61 12.97
C ALA A 1155 8.99 41.49 12.60
N VAL A 1156 8.63 40.50 11.76
CA VAL A 1156 7.24 40.36 11.35
C VAL A 1156 6.38 39.87 12.51
N PHE A 1157 6.96 39.06 13.40
CA PHE A 1157 6.25 38.52 14.55
C PHE A 1157 5.88 39.59 15.58
N ALA A 1158 6.50 40.76 15.53
CA ALA A 1158 6.17 41.88 16.41
C ALA A 1158 5.21 42.87 15.77
N LEU A 1159 4.30 42.40 14.90
CA LEU A 1159 3.35 43.28 14.24
C LEU A 1159 2.05 43.41 15.02
N GLU A 1160 2.10 43.16 16.33
CA GLU A 1160 0.92 43.33 17.17
C GLU A 1160 0.59 44.81 17.34
N GLY A 1161 -0.70 45.09 17.49
CA GLY A 1161 -1.17 46.47 17.58
C GLY A 1161 -1.03 47.26 16.30
N ALA A 1162 -1.35 46.66 15.16
CA ALA A 1162 -1.26 47.39 13.89
C ALA A 1162 -2.38 48.40 13.75
N LEU A 1163 -3.58 48.09 14.26
CA LEU A 1163 -4.69 49.02 14.22
C LEU A 1163 -5.44 49.04 15.54
N PRO A 1187 -3.71 44.29 7.97
CA PRO A 1187 -2.79 44.55 6.85
C PRO A 1187 -2.25 43.27 6.24
N THR A 1188 -1.91 43.32 4.95
CA THR A 1188 -1.35 42.15 4.29
C THR A 1188 0.15 42.05 4.53
N ILE A 1189 0.63 40.81 4.62
CA ILE A 1189 2.06 40.52 4.70
C ILE A 1189 2.41 39.68 3.49
N SER A 1190 3.48 40.07 2.79
CA SER A 1190 3.82 39.44 1.53
C SER A 1190 5.33 39.40 1.35
N CYS A 1191 5.84 38.23 0.98
CA CYS A 1191 7.26 38.05 0.72
C CYS A 1191 7.54 38.42 -0.74
N ILE A 1192 7.94 39.66 -0.96
CA ILE A 1192 8.18 40.19 -2.30
C ILE A 1192 9.51 39.65 -2.81
N PHE A 1193 9.50 39.13 -4.03
CA PHE A 1193 10.71 38.63 -4.69
C PHE A 1193 11.10 39.62 -5.79
N ASP A 1194 12.34 40.11 -5.71
CA ASP A 1194 12.85 41.01 -6.74
C ASP A 1194 13.27 40.25 -7.99
N TYR A 1195 13.42 38.93 -7.90
CA TYR A 1195 13.88 38.13 -9.03
C TYR A 1195 13.33 36.71 -8.89
N GLY A 1196 13.27 36.01 -10.02
CA GLY A 1196 12.89 34.61 -10.05
C GLY A 1196 13.75 33.86 -11.03
N ASN A 1197 14.16 32.64 -10.65
CA ASN A 1197 15.00 31.83 -11.51
C ASN A 1197 14.18 31.26 -12.66
N ARG A 1198 14.83 31.14 -13.81
CA ARG A 1198 14.21 30.58 -15.01
C ARG A 1198 14.68 29.14 -15.19
N TYR A 1199 13.74 28.25 -15.50
CA TYR A 1199 13.97 26.82 -15.53
C TYR A 1199 13.32 26.22 -16.76
N HIS A 1200 13.76 25.02 -17.12
CA HIS A 1200 13.31 24.35 -18.33
C HIS A 1200 13.20 22.85 -18.05
N LEU A 1201 12.00 22.30 -18.20
CA LEU A 1201 11.71 20.92 -17.83
C LEU A 1201 11.38 20.11 -19.07
N ARG A 1202 11.92 18.90 -19.16
CA ARG A 1202 11.55 17.93 -20.18
C ARG A 1202 11.06 16.65 -19.52
N CYS A 1203 9.92 16.15 -19.97
CA CYS A 1203 9.28 14.97 -19.40
C CYS A 1203 9.35 13.83 -20.40
N TYR A 1204 10.37 12.98 -20.26
CA TYR A 1204 10.56 11.83 -21.15
C TYR A 1204 9.58 10.73 -20.73
N MET A 1205 8.50 10.61 -21.49
CA MET A 1205 7.47 9.61 -21.24
C MET A 1205 7.52 8.56 -22.33
N TYR A 1206 8.12 7.41 -22.01
CA TYR A 1206 8.22 6.34 -22.99
C TYR A 1206 6.98 5.48 -23.02
N GLN A 1207 6.66 4.81 -21.91
CA GLN A 1207 5.60 3.81 -21.93
C GLN A 1207 5.02 3.65 -20.53
N ALA A 1208 3.89 2.96 -20.45
CA ALA A 1208 3.27 2.59 -19.18
C ALA A 1208 2.84 1.13 -19.26
N ARG A 1209 2.37 0.60 -18.13
CA ARG A 1209 1.98 -0.79 -18.06
C ARG A 1209 0.97 -1.00 -16.93
N ASP A 1210 0.24 -2.12 -17.04
CA ASP A 1210 -0.64 -2.66 -15.99
C ASP A 1210 -1.75 -1.68 -15.59
N LEU A 1211 -2.18 -0.83 -16.51
CA LEU A 1211 -3.17 0.18 -16.20
C LEU A 1211 -4.56 -0.44 -16.10
N ALA A 1212 -5.46 0.29 -15.45
CA ALA A 1212 -6.82 -0.19 -15.26
C ALA A 1212 -7.60 -0.14 -16.56
N ALA A 1213 -8.65 -0.95 -16.64
CA ALA A 1213 -9.52 -0.99 -17.81
C ALA A 1213 -10.82 -0.26 -17.49
N MET A 1214 -11.19 0.69 -18.35
CA MET A 1214 -12.35 1.55 -18.10
C MET A 1214 -13.45 1.42 -19.14
N ASP A 1215 -13.13 1.09 -20.38
CA ASP A 1215 -14.13 1.03 -21.44
C ASP A 1215 -14.78 -0.35 -21.49
N LYS A 1216 -15.73 -0.50 -22.42
CA LYS A 1216 -16.48 -1.74 -22.55
C LYS A 1216 -15.69 -2.82 -23.27
N ASP A 1217 -14.62 -2.46 -23.98
CA ASP A 1217 -13.81 -3.41 -24.71
C ASP A 1217 -12.68 -4.01 -23.88
N SER A 1218 -12.75 -3.87 -22.55
CA SER A 1218 -11.72 -4.27 -21.58
C SER A 1218 -10.37 -3.61 -21.85
N PHE A 1219 -10.38 -2.43 -22.45
CA PHE A 1219 -9.17 -1.64 -22.68
C PHE A 1219 -9.40 -0.21 -22.24
N SER A 1220 -8.44 0.68 -22.49
CA SER A 1220 -8.58 2.08 -22.15
C SER A 1220 -7.86 2.92 -23.18
N ASP A 1221 -8.00 4.24 -23.05
CA ASP A 1221 -7.36 5.20 -23.95
C ASP A 1221 -6.51 6.16 -23.11
N PRO A 1222 -5.32 5.75 -22.70
CA PRO A 1222 -4.58 6.53 -21.70
C PRO A 1222 -3.87 7.72 -22.33
N TYR A 1223 -4.06 8.89 -21.72
CA TYR A 1223 -3.24 10.06 -21.99
C TYR A 1223 -2.91 10.71 -20.65
N ALA A 1224 -1.67 11.18 -20.52
CA ALA A 1224 -1.13 11.61 -19.24
C ALA A 1224 -1.03 13.12 -19.20
N ILE A 1225 -1.75 13.73 -18.26
CA ILE A 1225 -1.60 15.16 -18.01
C ILE A 1225 -0.48 15.37 -17.01
N VAL A 1226 0.56 16.09 -17.43
CA VAL A 1226 1.77 16.30 -16.64
C VAL A 1226 1.81 17.76 -16.21
N SER A 1227 1.98 17.99 -14.92
CA SER A 1227 1.96 19.33 -14.35
C SER A 1227 3.22 19.58 -13.55
N PHE A 1228 3.64 20.85 -13.53
CA PHE A 1228 4.81 21.29 -12.80
C PHE A 1228 4.64 22.78 -12.53
N LEU A 1229 4.43 23.12 -11.25
CA LEU A 1229 3.97 24.44 -10.78
C LEU A 1229 2.67 24.75 -11.53
N HIS A 1230 2.52 25.92 -12.13
CA HIS A 1230 1.27 26.23 -12.81
C HIS A 1230 1.19 25.59 -14.20
N GLN A 1231 2.32 25.54 -14.92
CA GLN A 1231 2.32 25.07 -16.30
C GLN A 1231 2.01 23.57 -16.37
N SER A 1232 1.11 23.22 -17.28
CA SER A 1232 0.70 21.84 -17.48
C SER A 1232 0.52 21.57 -18.97
N GLN A 1233 0.67 20.31 -19.34
CA GLN A 1233 0.46 19.83 -20.70
C GLN A 1233 -0.18 18.45 -20.61
N LYS A 1234 -0.42 17.84 -21.76
CA LYS A 1234 -0.90 16.46 -21.79
C LYS A 1234 -0.39 15.76 -23.05
N THR A 1235 -0.23 14.45 -22.95
CA THR A 1235 0.29 13.65 -24.04
C THR A 1235 -0.83 13.31 -25.03
N VAL A 1236 -0.43 12.62 -26.10
CA VAL A 1236 -1.42 12.16 -27.08
C VAL A 1236 -2.12 10.92 -26.54
N VAL A 1237 -3.21 10.55 -27.22
CA VAL A 1237 -4.00 9.41 -26.77
C VAL A 1237 -3.59 8.17 -27.57
N VAL A 1238 -3.22 7.11 -26.86
CA VAL A 1238 -2.97 5.80 -27.47
C VAL A 1238 -4.27 5.01 -27.39
N LYS A 1239 -4.85 4.70 -28.54
CA LYS A 1239 -6.22 4.21 -28.58
C LYS A 1239 -6.29 2.71 -28.33
N ASN A 1240 -7.12 2.36 -27.34
CA ASN A 1240 -7.54 0.98 -27.04
C ASN A 1240 -6.36 0.06 -26.72
N THR A 1241 -5.52 0.51 -25.79
CA THR A 1241 -4.36 -0.26 -25.38
C THR A 1241 -4.09 -0.01 -23.90
N LEU A 1242 -3.95 -1.10 -23.14
CA LEU A 1242 -3.62 -1.02 -21.73
C LEU A 1242 -2.13 -0.99 -21.46
N ASN A 1243 -1.29 -1.13 -22.48
CA ASN A 1243 0.16 -0.98 -22.37
C ASN A 1243 0.61 0.04 -23.42
N PRO A 1244 0.39 1.32 -23.15
CA PRO A 1244 0.71 2.34 -24.15
C PRO A 1244 2.20 2.59 -24.26
N THR A 1245 2.61 3.09 -25.43
CA THR A 1245 3.97 3.58 -25.64
C THR A 1245 3.82 4.93 -26.34
N TRP A 1246 3.73 5.99 -25.54
CA TRP A 1246 3.61 7.33 -26.09
C TRP A 1246 4.85 7.73 -26.87
N ASP A 1247 6.03 7.42 -26.31
CA ASP A 1247 7.35 7.80 -26.85
C ASP A 1247 7.42 9.30 -27.10
N GLN A 1248 6.90 10.07 -26.15
CA GLN A 1248 6.65 11.50 -26.31
C GLN A 1248 7.31 12.27 -25.18
N THR A 1249 7.99 13.36 -25.52
CA THR A 1249 8.59 14.27 -24.55
C THR A 1249 7.75 15.54 -24.48
N LEU A 1250 7.18 15.82 -23.32
CA LEU A 1250 6.48 17.07 -23.10
C LEU A 1250 7.47 18.12 -22.62
N ILE A 1251 7.61 19.20 -23.37
CA ILE A 1251 8.61 20.23 -23.12
C ILE A 1251 7.93 21.43 -22.47
N PHE A 1252 8.33 21.72 -21.23
CA PHE A 1252 7.86 22.88 -20.48
C PHE A 1252 8.86 24.01 -20.65
N TYR A 1253 8.55 24.93 -21.55
CA TYR A 1253 9.48 26.00 -21.86
C TYR A 1253 9.26 27.19 -20.94
N GLU A 1254 10.33 27.62 -20.26
CA GLU A 1254 10.39 28.79 -19.39
C GLU A 1254 9.39 28.76 -18.23
N ILE A 1255 9.55 27.79 -17.33
CA ILE A 1255 8.83 27.75 -16.07
C ILE A 1255 9.70 28.44 -15.02
N GLU A 1256 9.11 29.35 -14.25
CA GLU A 1256 9.87 30.14 -13.30
C GLU A 1256 9.60 29.67 -11.88
N ILE A 1257 10.66 29.58 -11.08
CA ILE A 1257 10.59 29.14 -9.68
C ILE A 1257 11.25 30.22 -8.84
N PHE A 1258 10.61 30.58 -7.73
CA PHE A 1258 11.10 31.65 -6.88
C PHE A 1258 11.84 31.09 -5.66
N GLY A 1259 12.84 31.85 -5.21
CA GLY A 1259 13.70 31.44 -4.12
C GLY A 1259 15.16 31.50 -4.51
N GLU A 1260 16.01 31.00 -3.61
CA GLU A 1260 17.42 30.85 -3.93
C GLU A 1260 17.62 29.76 -4.97
N PRO A 1261 18.64 29.88 -5.83
CA PRO A 1261 18.96 28.79 -6.76
C PRO A 1261 19.36 27.49 -6.07
N ALA A 1262 20.01 27.58 -4.91
CA ALA A 1262 20.39 26.38 -4.18
C ALA A 1262 19.19 25.75 -3.48
N THR A 1263 18.23 26.59 -3.06
CA THR A 1263 17.07 26.08 -2.33
C THR A 1263 16.12 25.31 -3.23
N VAL A 1264 15.84 25.84 -4.42
CA VAL A 1264 14.91 25.17 -5.31
C VAL A 1264 15.56 23.98 -6.02
N ALA A 1265 16.89 23.93 -6.04
CA ALA A 1265 17.57 22.76 -6.60
C ALA A 1265 17.48 21.56 -5.68
N GLU A 1266 17.68 21.77 -4.38
CA GLU A 1266 17.59 20.67 -3.43
C GLU A 1266 16.15 20.25 -3.17
N GLN A 1267 15.20 21.18 -3.29
CA GLN A 1267 13.78 20.90 -3.10
C GLN A 1267 13.00 21.36 -4.32
N PRO A 1268 13.02 20.58 -5.40
CA PRO A 1268 12.24 20.96 -6.59
C PRO A 1268 10.76 20.73 -6.35
N PRO A 1269 9.89 21.44 -7.05
CA PRO A 1269 8.45 21.19 -6.92
C PRO A 1269 8.07 19.84 -7.51
N SER A 1270 6.98 19.28 -6.97
CA SER A 1270 6.59 17.91 -7.30
C SER A 1270 5.84 17.87 -8.63
N ILE A 1271 6.36 17.09 -9.58
CA ILE A 1271 5.62 16.81 -10.80
C ILE A 1271 4.62 15.70 -10.55
N VAL A 1272 3.35 15.98 -10.84
CA VAL A 1272 2.28 15.02 -10.64
C VAL A 1272 1.73 14.63 -12.00
N VAL A 1273 1.88 13.36 -12.35
CA VAL A 1273 1.36 12.83 -13.61
C VAL A 1273 0.16 11.97 -13.31
N GLU A 1274 -1.01 12.42 -13.75
CA GLU A 1274 -2.21 11.61 -13.66
C GLU A 1274 -2.66 11.23 -15.06
N LEU A 1275 -3.00 9.96 -15.22
CA LEU A 1275 -3.46 9.41 -16.49
C LEU A 1275 -4.98 9.41 -16.51
N TYR A 1276 -5.55 9.60 -17.70
CA TYR A 1276 -6.99 9.65 -17.88
C TYR A 1276 -7.41 8.81 -19.07
N ASP A 1277 -8.61 8.24 -18.99
CA ASP A 1277 -9.18 7.48 -20.09
C ASP A 1277 -10.00 8.41 -20.98
N HIS A 1278 -9.57 8.57 -22.22
CA HIS A 1278 -10.28 9.44 -23.14
C HIS A 1278 -11.55 8.77 -23.64
N ASP A 1279 -12.65 9.52 -23.57
CA ASP A 1279 -13.94 9.07 -24.08
C ASP A 1279 -14.43 10.07 -25.13
N THR A 1280 -14.76 9.57 -26.31
CA THR A 1280 -15.30 10.42 -27.36
C THR A 1280 -16.68 10.94 -27.02
N TYR A 1281 -17.47 10.16 -26.28
CA TYR A 1281 -18.75 10.61 -25.75
C TYR A 1281 -18.71 10.49 -24.23
N GLY A 1282 -19.24 11.51 -23.55
CA GLY A 1282 -19.21 11.51 -22.10
C GLY A 1282 -18.07 12.36 -21.56
N ALA A 1283 -17.49 11.89 -20.46
CA ALA A 1283 -16.41 12.60 -19.78
C ALA A 1283 -15.27 11.63 -19.50
N ASP A 1284 -14.07 12.19 -19.38
CA ASP A 1284 -12.89 11.37 -19.13
C ASP A 1284 -12.88 10.89 -17.68
N GLU A 1285 -12.27 9.74 -17.46
CA GLU A 1285 -12.27 9.06 -16.16
C GLU A 1285 -10.84 8.92 -15.64
N PHE A 1286 -10.71 8.89 -14.32
CA PHE A 1286 -9.41 8.85 -13.68
C PHE A 1286 -8.80 7.46 -13.81
N MET A 1287 -7.47 7.40 -14.00
CA MET A 1287 -6.78 6.14 -14.18
C MET A 1287 -5.65 5.94 -13.17
N GLY A 1288 -5.25 6.98 -12.45
CA GLY A 1288 -4.18 6.84 -11.47
C GLY A 1288 -3.14 7.94 -11.58
N ARG A 1289 -2.59 8.36 -10.45
CA ARG A 1289 -1.59 9.42 -10.42
C ARG A 1289 -0.35 8.97 -9.68
N CYS A 1290 0.77 9.60 -10.01
CA CYS A 1290 2.04 9.34 -9.35
C CYS A 1290 2.72 10.66 -9.05
N ILE A 1291 3.49 10.68 -7.97
CA ILE A 1291 4.18 11.88 -7.51
C ILE A 1291 5.68 11.65 -7.71
N CYS A 1292 6.31 12.53 -8.47
CA CYS A 1292 7.71 12.36 -8.87
C CYS A 1292 8.48 13.63 -8.58
N GLN A 1293 9.77 13.48 -8.29
CA GLN A 1293 10.67 14.61 -8.12
C GLN A 1293 11.60 14.69 -9.32
N PRO A 1294 11.68 15.84 -9.99
CA PRO A 1294 12.54 15.95 -11.17
C PRO A 1294 14.03 15.93 -10.81
N SER A 1295 14.77 15.15 -11.59
CA SER A 1295 16.21 15.09 -11.44
C SER A 1295 16.88 16.24 -12.20
N LEU A 1296 17.92 16.81 -11.61
CA LEU A 1296 18.68 17.88 -12.23
C LEU A 1296 19.84 17.37 -13.06
N GLU A 1297 19.92 16.05 -13.27
CA GLU A 1297 20.94 15.47 -14.14
C GLU A 1297 20.68 15.90 -15.57
N ARG A 1298 21.77 16.08 -16.33
CA ARG A 1298 21.65 16.54 -17.71
C ARG A 1298 21.10 15.48 -18.67
N MET A 1299 21.04 14.21 -18.26
CA MET A 1299 20.40 13.20 -19.09
C MET A 1299 19.89 12.06 -18.20
N PRO A 1300 18.88 12.28 -17.34
CA PRO A 1300 18.56 11.26 -16.32
C PRO A 1300 17.73 10.12 -16.89
N ARG A 1301 18.08 8.90 -16.52
CA ARG A 1301 17.44 7.73 -17.12
C ARG A 1301 16.04 7.49 -16.57
N LEU A 1302 15.32 6.61 -17.23
CA LEU A 1302 13.93 6.33 -16.87
C LEU A 1302 13.85 5.47 -15.62
N ALA A 1303 12.67 5.47 -15.00
CA ALA A 1303 12.40 4.69 -13.80
C ALA A 1303 10.91 4.42 -13.72
N TRP A 1304 10.54 3.47 -12.87
CA TRP A 1304 9.14 3.12 -12.73
C TRP A 1304 8.53 3.81 -11.51
N PHE A 1305 7.50 4.62 -11.75
CA PHE A 1305 6.75 5.25 -10.69
C PHE A 1305 5.37 4.63 -10.61
N PRO A 1306 4.99 4.04 -9.48
CA PRO A 1306 3.73 3.29 -9.40
C PRO A 1306 2.52 4.21 -9.37
N LEU A 1307 1.62 4.02 -10.33
CA LEU A 1307 0.34 4.71 -10.33
C LEU A 1307 -0.54 4.23 -9.20
N THR A 1308 -1.32 5.16 -8.64
CA THR A 1308 -2.30 4.86 -7.61
C THR A 1308 -3.62 5.55 -7.93
N ARG A 1309 -4.71 4.78 -7.87
CA ARG A 1309 -6.05 5.35 -7.90
C ARG A 1309 -6.57 5.63 -6.50
N GLY A 1310 -5.66 5.91 -5.57
CA GLY A 1310 -6.02 6.16 -4.19
C GLY A 1310 -6.06 4.91 -3.34
N SER A 1311 -7.08 4.08 -3.53
CA SER A 1311 -7.26 2.92 -2.66
C SER A 1311 -6.50 1.69 -3.13
N GLN A 1312 -5.96 1.70 -4.35
CA GLN A 1312 -5.21 0.57 -4.85
C GLN A 1312 -4.25 1.07 -5.93
N PRO A 1313 -3.12 0.39 -6.13
CA PRO A 1313 -2.29 0.69 -7.30
C PRO A 1313 -2.98 0.25 -8.58
N SER A 1314 -2.70 0.98 -9.66
CA SER A 1314 -3.32 0.71 -10.95
C SER A 1314 -2.28 0.83 -12.06
N GLY A 1315 -1.10 0.25 -11.84
CA GLY A 1315 -0.09 0.20 -12.87
C GLY A 1315 1.22 0.83 -12.47
N GLU A 1316 2.11 0.89 -13.45
CA GLU A 1316 3.42 1.53 -13.31
C GLU A 1316 3.70 2.36 -14.55
N LEU A 1317 4.51 3.41 -14.39
CA LEU A 1317 4.80 4.36 -15.45
C LEU A 1317 6.30 4.50 -15.64
N LEU A 1318 6.77 4.26 -16.87
CA LEU A 1318 8.19 4.39 -17.20
C LEU A 1318 8.49 5.81 -17.68
N ALA A 1319 8.58 6.72 -16.71
CA ALA A 1319 8.86 8.11 -17.04
C ALA A 1319 10.22 8.53 -16.47
N SER A 1320 10.64 9.74 -16.86
CA SER A 1320 11.78 10.41 -16.26
C SER A 1320 11.60 11.90 -16.48
N PHE A 1321 12.21 12.70 -15.61
CA PHE A 1321 12.05 14.15 -15.67
C PHE A 1321 13.40 14.82 -15.50
N GLU A 1322 13.67 15.82 -16.32
CA GLU A 1322 14.92 16.57 -16.30
C GLU A 1322 14.61 18.05 -16.12
N LEU A 1323 15.19 18.66 -15.08
CA LEU A 1323 14.99 20.06 -14.77
C LEU A 1323 16.31 20.79 -14.89
N ILE A 1324 16.36 21.81 -15.74
CA ILE A 1324 17.59 22.53 -16.07
C ILE A 1324 17.45 23.98 -15.62
N GLN A 1325 18.42 24.47 -14.88
CA GLN A 1325 18.48 25.89 -14.58
C GLN A 1325 19.05 26.64 -15.80
N ARG A 1326 18.36 27.69 -16.22
CA ARG A 1326 18.76 28.43 -17.40
C ARG A 1326 19.79 29.50 -17.04
N GLU A 1327 20.14 30.30 -18.05
CA GLU A 1327 21.31 31.17 -17.92
C GLU A 1327 21.01 32.44 -17.12
N LYS A 1328 19.79 32.96 -17.17
CA LYS A 1328 19.51 34.26 -16.58
C LYS A 1328 18.20 34.21 -15.81
N PRO A 1329 18.08 35.01 -14.74
CA PRO A 1329 16.78 35.12 -14.06
C PRO A 1329 15.93 36.23 -14.65
N ALA A 1330 14.62 36.10 -14.44
CA ALA A 1330 13.67 37.12 -14.89
C ALA A 1330 13.46 38.12 -13.76
N ILE A 1331 13.88 39.37 -13.99
CA ILE A 1331 13.81 40.39 -12.95
C ILE A 1331 12.39 40.93 -12.84
N HIS A 1332 11.87 40.95 -11.62
CA HIS A 1332 10.58 41.59 -11.33
C HIS A 1332 10.85 42.91 -10.65
N HIS A 1333 10.41 44.00 -11.26
CA HIS A 1333 10.67 45.33 -10.74
C HIS A 1333 9.79 45.62 -9.52
N ILE A 1334 10.28 46.50 -8.66
CA ILE A 1334 9.50 46.91 -7.48
C ILE A 1334 8.33 47.79 -7.92
N PRO A 1335 7.09 47.49 -7.52
CA PRO A 1335 5.93 48.29 -7.89
C PRO A 1335 5.86 49.61 -7.11
N LEU A 1354 20.52 25.52 -22.76
CA LEU A 1354 19.76 24.28 -22.95
C LEU A 1354 20.29 23.51 -24.17
N PRO A 1355 20.17 22.19 -24.14
CA PRO A 1355 20.61 21.40 -25.30
C PRO A 1355 19.62 21.49 -26.46
N TYR A 1356 19.91 20.71 -27.50
CA TYR A 1356 19.04 20.67 -28.67
C TYR A 1356 17.70 20.03 -28.31
N PRO A 1357 16.60 20.46 -28.93
CA PRO A 1357 15.36 19.70 -28.83
C PRO A 1357 15.51 18.34 -29.48
N PRO A 1358 14.80 17.32 -28.99
CA PRO A 1358 14.96 15.97 -29.53
C PRO A 1358 14.32 15.86 -30.91
N PRO A 1359 14.66 14.83 -31.68
CA PRO A 1359 13.99 14.60 -32.97
C PRO A 1359 12.51 14.29 -32.80
N GLN A 1360 11.74 14.58 -33.84
CA GLN A 1360 10.29 14.50 -33.76
C GLN A 1360 9.78 13.20 -34.37
N ARG A 1361 9.04 12.42 -33.58
CA ARG A 1361 8.29 11.28 -34.12
C ARG A 1361 7.20 11.73 -35.07
N GLU A 1362 6.49 12.81 -34.73
CA GLU A 1362 5.43 13.37 -35.55
C GLU A 1362 5.65 14.88 -35.54
N ALA A 1363 5.11 15.56 -36.56
CA ALA A 1363 5.22 17.03 -36.64
C ALA A 1363 4.56 17.68 -35.44
N ASN A 1364 5.31 18.59 -34.80
CA ASN A 1364 4.97 19.31 -33.56
C ASN A 1364 4.72 18.39 -32.38
N ILE A 1365 5.27 17.18 -32.39
CA ILE A 1365 5.23 16.26 -31.25
C ILE A 1365 6.64 15.71 -31.06
N TYR A 1366 7.22 15.97 -29.89
CA TYR A 1366 8.61 15.58 -29.65
C TYR A 1366 8.71 14.14 -29.21
N MET A 1367 9.84 13.50 -29.53
CA MET A 1367 10.05 12.09 -29.25
C MET A 1367 11.14 11.92 -28.19
N VAL A 1368 10.96 10.90 -27.34
CA VAL A 1368 11.95 10.55 -26.32
C VAL A 1368 13.23 10.09 -27.01
N PRO A 1369 14.40 10.60 -26.60
CA PRO A 1369 15.62 10.42 -27.40
C PRO A 1369 16.16 8.99 -27.44
N GLN A 1370 17.22 8.81 -28.24
CA GLN A 1370 17.74 7.48 -28.56
C GLN A 1370 18.46 6.86 -27.37
N ASN A 1371 19.35 7.61 -26.71
CA ASN A 1371 20.14 7.04 -25.61
C ASN A 1371 19.33 6.84 -24.34
N ILE A 1372 18.14 7.43 -24.27
CA ILE A 1372 17.29 7.32 -23.08
C ILE A 1372 16.23 6.24 -23.28
N LYS A 1373 15.93 5.93 -24.54
CA LYS A 1373 14.98 4.89 -24.92
C LYS A 1373 15.45 3.53 -24.42
N PRO A 1374 14.54 2.66 -23.97
CA PRO A 1374 14.94 1.28 -23.67
C PRO A 1374 15.35 0.55 -24.94
N ALA A 1375 16.21 -0.46 -24.76
CA ALA A 1375 16.84 -1.15 -25.88
C ALA A 1375 15.95 -2.28 -26.40
N LEU A 1376 14.95 -1.90 -27.19
CA LEU A 1376 14.10 -2.88 -27.86
C LEU A 1376 14.87 -3.60 -28.97
N GLN A 1377 14.65 -4.90 -29.10
CA GLN A 1377 15.38 -5.70 -30.07
C GLN A 1377 14.54 -6.90 -30.49
N ARG A 1378 14.96 -7.52 -31.59
CA ARG A 1378 14.20 -8.60 -32.21
C ARG A 1378 14.53 -9.94 -31.55
N THR A 1379 13.50 -10.62 -31.05
CA THR A 1379 13.64 -11.97 -30.52
C THR A 1379 12.67 -12.92 -31.22
N ALA A 1380 13.14 -14.13 -31.46
CA ALA A 1380 12.31 -15.23 -31.94
C ALA A 1380 12.25 -16.31 -30.86
N ILE A 1381 11.04 -16.75 -30.54
CA ILE A 1381 10.81 -17.62 -29.39
C ILE A 1381 10.16 -18.91 -29.89
N GLU A 1382 10.76 -20.05 -29.54
CA GLU A 1382 10.10 -21.33 -29.77
C GLU A 1382 9.25 -21.70 -28.56
N ILE A 1383 8.02 -22.12 -28.82
CA ILE A 1383 6.99 -22.26 -27.80
C ILE A 1383 6.64 -23.72 -27.62
N LEU A 1384 6.46 -24.14 -26.36
CA LEU A 1384 5.96 -25.46 -26.03
C LEU A 1384 4.81 -25.33 -25.04
N ALA A 1385 3.83 -26.23 -25.17
CA ALA A 1385 2.68 -26.27 -24.28
C ALA A 1385 2.22 -27.71 -24.19
N TRP A 1386 2.15 -28.26 -22.98
CA TRP A 1386 1.88 -29.68 -22.83
C TRP A 1386 0.81 -30.00 -21.80
N GLY A 1387 0.45 -29.07 -20.93
CA GLY A 1387 -0.65 -29.33 -20.01
C GLY A 1387 -0.71 -28.32 -18.88
N LEU A 1388 -1.76 -28.46 -18.08
CA LEU A 1388 -2.00 -27.61 -16.92
C LEU A 1388 -2.36 -28.48 -15.71
N ARG A 1389 -1.99 -28.00 -14.52
CA ARG A 1389 -2.17 -28.78 -13.30
C ARG A 1389 -2.76 -27.94 -12.17
N ASN A 1390 -3.69 -28.54 -11.43
CA ASN A 1390 -4.08 -28.20 -10.07
C ASN A 1390 -4.77 -26.84 -9.88
N MET A 1391 -5.87 -26.56 -10.58
CA MET A 1391 -6.70 -25.44 -10.18
C MET A 1391 -7.89 -25.89 -9.32
N LYS A 1392 -8.74 -24.91 -9.01
CA LYS A 1392 -10.03 -25.10 -8.37
C LYS A 1392 -11.14 -24.78 -9.36
N SER A 1393 -12.37 -24.70 -8.86
CA SER A 1393 -13.49 -24.34 -9.71
C SER A 1393 -13.50 -22.83 -9.98
N TYR A 1394 -14.14 -22.44 -11.07
CA TYR A 1394 -14.23 -21.04 -11.45
C TYR A 1394 -15.57 -20.77 -12.12
N GLN A 1395 -16.31 -19.82 -11.57
CA GLN A 1395 -17.59 -19.32 -12.07
C GLN A 1395 -18.65 -20.41 -12.23
N LEU A 1396 -19.04 -21.02 -11.10
CA LEU A 1396 -20.19 -21.92 -10.96
C LEU A 1396 -20.04 -23.22 -11.75
N ALA A 1397 -18.82 -23.53 -12.20
CA ALA A 1397 -18.56 -24.75 -12.94
C ALA A 1397 -17.09 -25.11 -12.82
N ASN A 1398 -16.78 -26.36 -13.12
CA ASN A 1398 -15.40 -26.82 -13.12
C ASN A 1398 -14.69 -26.41 -14.41
N ILE A 1399 -13.37 -26.54 -14.40
CA ILE A 1399 -12.56 -26.27 -15.58
C ILE A 1399 -12.66 -27.46 -16.51
N SER A 1400 -13.45 -27.33 -17.57
CA SER A 1400 -13.75 -28.46 -18.46
C SER A 1400 -12.73 -28.59 -19.59
N SER A 1401 -12.53 -27.52 -20.36
CA SER A 1401 -11.67 -27.59 -21.53
C SER A 1401 -10.83 -26.33 -21.69
N PRO A 1402 -9.77 -26.14 -20.89
CA PRO A 1402 -9.03 -24.88 -20.93
C PRO A 1402 -8.12 -24.77 -22.15
N SER A 1403 -7.78 -23.53 -22.49
CA SER A 1403 -6.92 -23.18 -23.60
C SER A 1403 -6.10 -21.95 -23.21
N LEU A 1404 -4.95 -21.77 -23.84
CA LEU A 1404 -3.97 -20.79 -23.40
C LEU A 1404 -3.62 -19.82 -24.53
N VAL A 1405 -3.42 -18.56 -24.17
CA VAL A 1405 -3.01 -17.49 -25.09
C VAL A 1405 -1.77 -16.82 -24.50
N VAL A 1406 -0.71 -16.72 -25.30
CA VAL A 1406 0.52 -16.05 -24.91
C VAL A 1406 0.50 -14.63 -25.47
N GLU A 1407 0.73 -13.65 -24.60
CA GLU A 1407 0.54 -12.24 -24.94
C GLU A 1407 1.78 -11.39 -24.66
N CYS A 1408 2.95 -11.79 -25.14
CA CYS A 1408 4.17 -11.01 -24.90
C CYS A 1408 4.22 -9.76 -25.76
N GLY A 1409 4.06 -8.59 -25.14
CA GLY A 1409 4.27 -7.32 -25.79
C GLY A 1409 3.27 -6.96 -26.88
N GLY A 1410 2.09 -7.58 -26.84
CA GLY A 1410 1.09 -7.36 -27.86
C GLY A 1410 1.25 -8.23 -29.09
N GLN A 1411 2.29 -9.05 -29.17
CA GLN A 1411 2.47 -10.00 -30.27
C GLN A 1411 1.75 -11.31 -29.90
N THR A 1412 0.47 -11.34 -30.20
CA THR A 1412 -0.40 -12.41 -29.72
C THR A 1412 -0.20 -13.70 -30.51
N VAL A 1413 -0.03 -14.80 -29.78
CA VAL A 1413 -0.06 -16.14 -30.34
C VAL A 1413 -0.96 -16.98 -29.45
N GLN A 1414 -1.53 -18.04 -30.01
CA GLN A 1414 -2.51 -18.85 -29.32
C GLN A 1414 -2.14 -20.33 -29.45
N SER A 1415 -2.21 -21.04 -28.32
CA SER A 1415 -2.00 -22.47 -28.32
C SER A 1415 -3.29 -23.20 -28.64
N CYS A 1416 -3.24 -24.53 -28.61
CA CYS A 1416 -4.41 -25.35 -28.83
C CYS A 1416 -5.23 -25.48 -27.54
N VAL A 1417 -6.21 -26.38 -27.54
CA VAL A 1417 -7.12 -26.55 -26.42
C VAL A 1417 -6.93 -27.93 -25.83
N ILE A 1418 -6.75 -28.01 -24.52
CA ILE A 1418 -6.89 -29.27 -23.79
C ILE A 1418 -8.36 -29.64 -23.87
N ARG A 1419 -8.66 -30.78 -24.50
CA ARG A 1419 -10.03 -31.05 -24.93
C ARG A 1419 -10.93 -31.47 -23.78
N ASN A 1420 -10.38 -32.13 -22.76
CA ASN A 1420 -11.08 -32.36 -21.50
C ASN A 1420 -10.02 -32.58 -20.43
N LEU A 1421 -9.79 -31.58 -19.59
CA LEU A 1421 -8.71 -31.65 -18.61
C LEU A 1421 -9.00 -32.66 -17.50
N ARG A 1422 -10.29 -32.87 -17.19
CA ARG A 1422 -10.67 -33.79 -16.11
C ARG A 1422 -10.42 -35.25 -16.46
N LYS A 1423 -10.15 -35.58 -17.72
CA LYS A 1423 -9.74 -36.93 -18.09
C LYS A 1423 -8.35 -37.01 -18.69
N ASN A 1424 -7.85 -35.97 -19.34
CA ASN A 1424 -6.46 -35.90 -19.80
C ASN A 1424 -5.98 -34.46 -19.77
N PRO A 1425 -4.94 -34.18 -18.98
CA PRO A 1425 -4.40 -32.81 -18.94
C PRO A 1425 -3.28 -32.58 -19.94
N ASN A 1426 -3.56 -32.79 -21.23
CA ASN A 1426 -2.53 -32.76 -22.26
C ASN A 1426 -2.96 -31.87 -23.43
N PHE A 1427 -2.05 -31.01 -23.88
CA PHE A 1427 -2.27 -30.25 -25.10
C PHE A 1427 -2.05 -31.13 -26.32
N ASP A 1428 -2.78 -30.84 -27.40
CA ASP A 1428 -2.70 -31.67 -28.60
C ASP A 1428 -1.39 -31.38 -29.33
N ILE A 1429 -1.03 -30.12 -29.46
CA ILE A 1429 0.08 -29.67 -30.31
C ILE A 1429 1.20 -29.19 -29.40
N CYS A 1430 2.43 -29.67 -29.66
CA CYS A 1430 3.56 -29.35 -28.80
C CYS A 1430 4.23 -28.05 -29.22
N THR A 1431 4.61 -27.92 -30.49
CA THR A 1431 5.50 -26.86 -30.94
C THR A 1431 4.73 -25.69 -31.55
N LEU A 1432 5.20 -24.48 -31.29
CA LEU A 1432 4.66 -23.25 -31.86
C LEU A 1432 5.82 -22.28 -32.06
N PHE A 1433 5.55 -21.19 -32.78
CA PHE A 1433 6.57 -20.17 -33.03
C PHE A 1433 5.94 -18.78 -32.97
N MET A 1434 6.76 -17.80 -32.59
CA MET A 1434 6.34 -16.40 -32.50
C MET A 1434 7.58 -15.52 -32.51
N GLU A 1435 7.36 -14.22 -32.74
CA GLU A 1435 8.40 -13.20 -32.61
C GLU A 1435 7.85 -12.01 -31.84
N VAL A 1436 8.68 -11.48 -30.93
CA VAL A 1436 8.26 -10.48 -29.95
C VAL A 1436 9.31 -9.37 -29.89
N MET A 1437 8.85 -8.12 -29.88
CA MET A 1437 9.69 -6.98 -29.52
C MET A 1437 9.92 -7.01 -28.01
N LEU A 1438 11.18 -7.12 -27.60
CA LEU A 1438 11.51 -7.26 -26.19
C LEU A 1438 12.73 -6.43 -25.83
N PRO A 1439 12.76 -5.83 -24.64
CA PRO A 1439 13.97 -5.12 -24.19
C PRO A 1439 15.10 -6.03 -23.75
N ARG A 1440 16.18 -5.45 -23.24
CA ARG A 1440 17.35 -6.20 -22.81
C ARG A 1440 17.60 -6.20 -21.31
N GLU A 1441 17.14 -5.20 -20.58
CA GLU A 1441 17.35 -5.12 -19.13
C GLU A 1441 16.08 -5.55 -18.43
N GLU A 1442 16.24 -6.32 -17.35
CA GLU A 1442 15.10 -6.92 -16.66
C GLU A 1442 14.23 -5.90 -15.94
N LEU A 1443 14.77 -4.74 -15.59
CA LEU A 1443 13.96 -3.70 -14.97
C LEU A 1443 12.97 -3.11 -15.97
N TYR A 1444 13.44 -2.76 -17.16
CA TYR A 1444 12.57 -2.18 -18.18
C TYR A 1444 11.71 -3.23 -18.88
N CYS A 1445 12.07 -4.51 -18.76
CA CYS A 1445 11.41 -5.55 -19.53
C CYS A 1445 10.01 -5.82 -18.97
N PRO A 1446 9.03 -6.06 -19.82
CA PRO A 1446 7.70 -6.45 -19.34
C PRO A 1446 7.72 -7.84 -18.75
N PRO A 1447 7.09 -8.04 -17.61
CA PRO A 1447 6.77 -9.42 -17.19
C PRO A 1447 5.79 -10.05 -18.16
N ILE A 1448 5.91 -11.36 -18.36
CA ILE A 1448 5.10 -12.03 -19.38
C ILE A 1448 3.65 -12.11 -18.94
N THR A 1449 2.76 -11.59 -19.77
CA THR A 1449 1.34 -11.77 -19.56
C THR A 1449 0.86 -12.98 -20.35
N VAL A 1450 0.47 -14.02 -19.63
CA VAL A 1450 -0.19 -15.19 -20.21
C VAL A 1450 -1.58 -15.22 -19.62
N LYS A 1451 -2.52 -15.82 -20.33
CA LYS A 1451 -3.89 -15.91 -19.85
C LYS A 1451 -4.52 -17.22 -20.31
N VAL A 1452 -5.34 -17.79 -19.45
CA VAL A 1452 -5.99 -19.07 -19.69
C VAL A 1452 -7.50 -18.89 -19.63
N ILE A 1453 -8.19 -19.43 -20.64
CA ILE A 1453 -9.61 -19.24 -20.86
C ILE A 1453 -10.25 -20.61 -21.02
N ASP A 1454 -11.35 -20.84 -20.31
CA ASP A 1454 -12.07 -22.10 -20.45
C ASP A 1454 -12.96 -22.05 -21.69
N ASN A 1455 -12.85 -23.09 -22.53
CA ASN A 1455 -13.64 -23.16 -23.76
C ASN A 1455 -15.04 -23.68 -23.49
N ARG A 1456 -15.94 -22.79 -23.09
CA ARG A 1456 -17.33 -23.17 -22.89
C ARG A 1456 -18.17 -22.82 -24.10
N GLN A 1457 -19.36 -23.40 -24.17
CA GLN A 1457 -20.15 -23.37 -25.39
C GLN A 1457 -20.81 -22.01 -25.61
N PHE A 1458 -20.96 -21.67 -26.90
CA PHE A 1458 -21.74 -20.52 -27.39
C PHE A 1458 -21.22 -19.19 -26.88
N GLY A 1459 -19.91 -18.98 -26.93
CA GLY A 1459 -19.33 -17.71 -26.58
C GLY A 1459 -19.31 -17.38 -25.10
N ARG A 1460 -19.52 -18.37 -24.24
CA ARG A 1460 -19.60 -18.16 -22.80
C ARG A 1460 -18.26 -18.54 -22.12
N ARG A 1461 -17.15 -18.20 -22.77
CA ARG A 1461 -15.82 -18.52 -22.28
C ARG A 1461 -15.44 -17.63 -21.09
N PRO A 1462 -15.13 -18.20 -19.92
CA PRO A 1462 -14.65 -17.37 -18.81
C PRO A 1462 -13.12 -17.31 -18.77
N VAL A 1463 -12.58 -16.15 -18.45
CA VAL A 1463 -11.14 -16.00 -18.25
C VAL A 1463 -10.82 -16.53 -16.85
N VAL A 1464 -10.31 -17.75 -16.78
CA VAL A 1464 -10.19 -18.43 -15.49
C VAL A 1464 -8.84 -18.20 -14.81
N GLY A 1465 -7.91 -17.49 -15.44
CA GLY A 1465 -6.65 -17.22 -14.79
C GLY A 1465 -5.72 -16.41 -15.67
N GLN A 1466 -4.66 -15.91 -15.04
CA GLN A 1466 -3.60 -15.17 -15.72
C GLN A 1466 -2.26 -15.64 -15.16
N CYS A 1467 -1.18 -15.08 -15.70
CA CYS A 1467 0.17 -15.46 -15.30
C CYS A 1467 1.07 -14.23 -15.41
N THR A 1468 2.11 -14.22 -14.57
CA THR A 1468 3.07 -13.12 -14.55
C THR A 1468 4.46 -13.71 -14.27
N ILE A 1469 5.27 -13.80 -15.33
CA ILE A 1469 6.62 -14.31 -15.20
C ILE A 1469 7.53 -13.16 -14.79
N ARG A 1470 8.09 -13.25 -13.57
CA ARG A 1470 8.83 -12.12 -13.01
C ARG A 1470 10.22 -11.96 -13.61
N SER A 1471 10.88 -13.06 -13.96
CA SER A 1471 12.25 -13.00 -14.47
C SER A 1471 12.43 -14.05 -15.56
N LEU A 1472 13.36 -13.77 -16.46
CA LEU A 1472 13.55 -14.57 -17.68
C LEU A 1472 14.91 -15.24 -17.74
N GLU A 1473 15.51 -15.57 -16.60
CA GLU A 1473 16.83 -16.19 -16.63
C GLU A 1473 16.75 -17.68 -16.96
N SER A 1474 15.57 -18.28 -16.86
CA SER A 1474 15.39 -19.70 -17.13
C SER A 1474 14.88 -19.97 -18.54
N PHE A 1475 14.68 -18.94 -19.37
CA PHE A 1475 14.03 -19.11 -20.66
C PHE A 1475 14.85 -18.52 -21.81
N LEU A 1476 16.15 -18.78 -21.85
CA LEU A 1476 16.99 -18.29 -22.94
C LEU A 1476 16.97 -19.25 -24.12
N ILE A 1522 15.54 -71.09 -3.87
CA ILE A 1522 15.43 -69.67 -4.23
C ILE A 1522 14.11 -69.41 -4.95
N ASP A 1523 13.32 -68.51 -4.38
CA ASP A 1523 12.01 -68.16 -4.95
C ASP A 1523 11.87 -66.65 -4.90
N TRP A 1524 10.63 -66.18 -5.11
CA TRP A 1524 10.38 -64.74 -5.11
C TRP A 1524 10.50 -64.18 -3.70
N TRP A 1525 10.16 -64.96 -2.68
CA TRP A 1525 10.31 -64.54 -1.29
C TRP A 1525 11.77 -64.42 -0.88
N SER A 1526 12.68 -65.08 -1.60
CA SER A 1526 14.11 -64.88 -1.37
C SER A 1526 14.54 -63.47 -1.75
N LYS A 1527 13.90 -62.90 -2.77
CA LYS A 1527 14.16 -61.51 -3.12
C LYS A 1527 13.58 -60.55 -2.09
N PHE A 1528 12.42 -60.89 -1.53
CA PHE A 1528 11.69 -59.98 -0.65
C PHE A 1528 12.39 -59.82 0.70
N PHE A 1529 12.97 -60.90 1.21
CA PHE A 1529 13.62 -60.83 2.52
C PHE A 1529 15.06 -60.34 2.40
N ALA A 1530 15.68 -60.53 1.23
CA ALA A 1530 17.03 -59.99 1.03
C ALA A 1530 17.03 -58.48 0.95
N SER A 1531 15.94 -57.91 0.42
CA SER A 1531 15.82 -56.46 0.33
C SER A 1531 15.59 -55.84 1.71
N ILE A 1532 14.85 -56.55 2.59
CA ILE A 1532 14.67 -56.09 3.96
C ILE A 1532 15.96 -56.17 4.75
N GLY A 1533 16.71 -57.27 4.61
CA GLY A 1533 17.90 -57.50 5.38
C GLY A 1533 17.86 -58.72 6.26
N GLU A 1534 16.81 -59.54 6.16
CA GLU A 1534 16.69 -60.77 6.94
C GLU A 1534 17.47 -61.86 6.22
N ARG A 1535 18.68 -62.12 6.72
CA ARG A 1535 19.58 -63.10 6.10
C ARG A 1535 19.08 -64.52 6.32
N GLU A 1536 18.47 -64.80 7.48
CA GLU A 1536 18.02 -66.16 7.80
C GLU A 1536 16.90 -66.65 6.89
N LYS A 1537 16.00 -65.77 6.48
CA LYS A 1537 14.96 -66.15 5.54
C LYS A 1537 15.37 -65.94 4.09
N CYS A 1538 16.48 -65.24 3.86
CA CYS A 1538 16.97 -65.06 2.50
C CYS A 1538 17.60 -66.33 1.95
N GLY A 1539 18.40 -67.01 2.77
CA GLY A 1539 19.11 -68.17 2.27
C GLY A 1539 20.31 -67.79 1.43
N SER A 1540 20.61 -68.62 0.43
CA SER A 1540 21.76 -68.36 -0.44
C SER A 1540 21.42 -67.48 -1.62
N TYR A 1541 20.33 -66.71 -1.56
CA TYR A 1541 19.96 -65.81 -2.65
C TYR A 1541 20.97 -64.69 -2.80
N LEU A 1542 21.46 -64.15 -1.68
CA LEU A 1542 22.46 -63.08 -1.73
C LEU A 1542 23.82 -63.62 -2.16
N GLU A 1543 24.15 -64.85 -1.77
CA GLU A 1543 25.46 -65.40 -2.07
C GLU A 1543 25.59 -65.89 -3.52
N LYS A 1544 24.48 -66.02 -4.24
CA LYS A 1544 24.52 -66.35 -5.66
C LYS A 1544 24.48 -65.13 -6.57
N ASP A 1545 24.94 -63.97 -6.05
CA ASP A 1545 25.09 -62.71 -6.78
C ASP A 1545 23.78 -62.22 -7.41
N PHE A 1546 22.68 -62.28 -6.66
CA PHE A 1546 21.42 -61.71 -7.12
C PHE A 1546 21.30 -60.25 -6.71
N ASP A 1547 20.23 -59.61 -7.18
CA ASP A 1547 20.00 -58.20 -6.89
C ASP A 1547 19.05 -58.06 -5.70
N THR A 1548 18.98 -56.84 -5.18
CA THR A 1548 18.05 -56.47 -4.13
C THR A 1548 17.39 -55.15 -4.49
N LEU A 1549 16.07 -55.09 -4.37
CA LEU A 1549 15.37 -53.83 -4.54
C LEU A 1549 15.53 -52.97 -3.29
N LYS A 1550 15.19 -51.69 -3.43
CA LYS A 1550 15.35 -50.74 -2.33
C LYS A 1550 14.06 -50.70 -1.53
N VAL A 1551 14.12 -51.21 -0.29
CA VAL A 1551 13.02 -51.08 0.66
C VAL A 1551 13.20 -49.72 1.34
N TYR A 1552 12.36 -48.77 0.98
CA TYR A 1552 12.42 -47.42 1.55
C TYR A 1552 11.77 -47.43 2.92
N ASP A 1553 12.58 -47.60 3.97
CA ASP A 1553 12.04 -47.66 5.33
C ASP A 1553 11.48 -46.31 5.76
N THR A 1554 12.08 -45.22 5.29
CA THR A 1554 11.51 -43.89 5.45
C THR A 1554 10.65 -43.57 4.23
N GLN A 1555 10.27 -42.31 4.08
CA GLN A 1555 9.45 -41.92 2.92
C GLN A 1555 10.30 -41.85 1.66
N LEU A 1556 9.61 -41.79 0.51
CA LEU A 1556 10.29 -41.79 -0.78
C LEU A 1556 10.89 -40.43 -1.10
N GLU A 1557 10.51 -39.39 -0.35
CA GLU A 1557 10.98 -38.03 -0.60
C GLU A 1557 12.45 -37.83 -0.25
N ASN A 1558 13.10 -38.79 0.40
CA ASN A 1558 14.54 -38.70 0.65
C ASN A 1558 15.36 -38.82 -0.63
N VAL A 1559 14.79 -39.38 -1.70
CA VAL A 1559 15.45 -39.39 -2.99
C VAL A 1559 15.54 -37.96 -3.53
N GLU A 1560 16.72 -37.60 -4.05
CA GLU A 1560 16.98 -36.23 -4.49
C GLU A 1560 16.20 -35.85 -5.74
N ALA A 1561 15.67 -36.81 -6.48
CA ALA A 1561 14.90 -36.53 -7.69
C ALA A 1561 13.54 -35.94 -7.34
N ASN A 1570 10.10 -26.88 -18.61
CA ASN A 1570 10.18 -26.03 -17.42
C ASN A 1570 8.80 -25.90 -16.76
N THR A 1571 8.78 -25.42 -15.52
CA THR A 1571 7.57 -25.34 -14.73
C THR A 1571 7.19 -23.88 -14.49
N PHE A 1572 5.97 -23.52 -14.88
CA PHE A 1572 5.40 -22.20 -14.65
C PHE A 1572 4.25 -22.32 -13.66
N LYS A 1573 3.94 -21.21 -12.99
CA LYS A 1573 2.94 -21.17 -11.94
C LYS A 1573 1.86 -20.15 -12.29
N LEU A 1574 0.60 -20.56 -12.17
CA LEU A 1574 -0.54 -19.69 -12.42
C LEU A 1574 -0.66 -18.66 -11.30
N TYR A 1575 -1.04 -17.43 -11.66
CA TYR A 1575 -1.09 -16.32 -10.72
C TYR A 1575 -2.47 -15.70 -10.66
N ARG A 1576 -3.02 -15.59 -9.45
CA ARG A 1576 -4.19 -14.78 -9.16
C ARG A 1576 -3.74 -13.40 -8.69
N GLY A 1577 -4.63 -12.41 -8.87
CA GLY A 1577 -4.35 -11.07 -8.40
C GLY A 1577 -4.24 -10.95 -6.89
N LYS A 1578 -5.00 -11.76 -6.14
CA LYS A 1578 -4.93 -11.79 -4.70
C LYS A 1578 -4.90 -13.24 -4.24
N THR A 1579 -4.34 -13.45 -3.04
CA THR A 1579 -4.25 -14.80 -2.48
C THR A 1579 -5.61 -15.29 -1.99
N SER A 1587 -1.87 -14.99 -5.81
CA SER A 1587 -0.73 -15.83 -5.51
C SER A 1587 -0.74 -17.07 -6.40
N VAL A 1588 -0.02 -18.12 -5.99
CA VAL A 1588 0.05 -19.34 -6.78
C VAL A 1588 -1.22 -20.14 -6.60
N ILE A 1589 -1.92 -20.41 -7.71
CA ILE A 1589 -3.14 -21.20 -7.68
C ILE A 1589 -2.91 -22.51 -8.41
N GLY A 1590 -2.30 -22.43 -9.59
CA GLY A 1590 -2.11 -23.62 -10.40
C GLY A 1590 -0.75 -23.63 -11.07
N GLU A 1591 -0.68 -24.35 -12.19
CA GLU A 1591 0.56 -24.58 -12.90
C GLU A 1591 0.30 -24.77 -14.39
N PHE A 1592 1.36 -24.58 -15.17
CA PHE A 1592 1.39 -24.85 -16.60
C PHE A 1592 2.77 -25.38 -16.96
N LYS A 1593 2.81 -26.34 -17.88
CA LYS A 1593 4.05 -26.97 -18.30
C LYS A 1593 4.32 -26.66 -19.77
N GLY A 1594 5.52 -26.16 -20.04
CA GLY A 1594 5.90 -25.82 -21.39
C GLY A 1594 7.34 -25.40 -21.46
N LEU A 1595 7.66 -24.62 -22.49
CA LEU A 1595 9.02 -24.12 -22.67
C LEU A 1595 8.98 -22.85 -23.51
N PHE A 1596 9.87 -21.92 -23.16
CA PHE A 1596 10.12 -20.74 -23.98
C PHE A 1596 11.63 -20.61 -24.17
N LYS A 1597 12.05 -20.45 -25.42
CA LYS A 1597 13.46 -20.42 -25.80
C LYS A 1597 13.72 -19.11 -26.55
N ILE A 1598 14.25 -18.12 -25.83
CA ILE A 1598 14.50 -16.82 -26.42
C ILE A 1598 15.82 -16.84 -27.16
N TYR A 1599 15.80 -16.45 -28.43
CA TYR A 1599 17.00 -16.30 -29.24
C TYR A 1599 16.90 -14.99 -29.99
N PRO A 1600 18.03 -14.40 -30.39
CA PRO A 1600 17.99 -13.22 -31.27
C PRO A 1600 17.41 -13.53 -32.65
N GLN A 1623 -6.16 -40.33 -20.99
CA GLN A 1623 -4.96 -40.64 -20.22
C GLN A 1623 -5.32 -41.52 -19.03
N GLU A 1624 -5.56 -42.80 -19.30
CA GLU A 1624 -5.97 -43.77 -18.30
C GLU A 1624 -4.93 -44.87 -18.21
N CYS A 1625 -4.63 -45.30 -16.99
CA CYS A 1625 -3.56 -46.24 -16.73
C CYS A 1625 -4.07 -47.40 -15.88
N LEU A 1626 -3.43 -48.56 -16.05
CA LEU A 1626 -3.72 -49.73 -15.23
C LEU A 1626 -2.91 -49.71 -13.95
N VAL A 1627 -3.58 -49.96 -12.82
CA VAL A 1627 -2.97 -49.89 -11.50
C VAL A 1627 -3.09 -51.26 -10.83
N ARG A 1628 -2.03 -51.66 -10.14
CA ARG A 1628 -2.04 -52.88 -9.32
C ARG A 1628 -1.37 -52.58 -7.99
N ILE A 1629 -2.17 -52.34 -6.95
CA ILE A 1629 -1.65 -51.96 -5.64
C ILE A 1629 -1.60 -53.19 -4.75
N TYR A 1630 -0.45 -53.43 -4.14
CA TYR A 1630 -0.22 -54.57 -3.26
C TYR A 1630 0.04 -54.04 -1.85
N ILE A 1631 -0.74 -54.51 -0.88
CA ILE A 1631 -0.51 -54.20 0.53
C ILE A 1631 -0.20 -55.51 1.24
N VAL A 1632 1.03 -55.62 1.77
CA VAL A 1632 1.61 -56.90 2.15
C VAL A 1632 1.94 -56.96 3.63
N ARG A 1633 2.58 -55.94 4.18
CA ARG A 1633 3.06 -56.04 5.55
C ARG A 1633 3.11 -54.65 6.19
N ALA A 1634 2.73 -54.59 7.47
CA ALA A 1634 2.95 -53.40 8.27
C ALA A 1634 3.67 -53.82 9.55
N PHE A 1635 4.25 -52.84 10.24
CA PHE A 1635 4.95 -53.09 11.49
C PHE A 1635 5.03 -51.80 12.29
N GLY A 1636 5.40 -51.94 13.56
CA GLY A 1636 5.63 -50.79 14.42
C GLY A 1636 4.41 -50.17 15.04
N LEU A 1637 3.28 -50.87 15.08
CA LEU A 1637 2.05 -50.30 15.62
C LEU A 1637 1.99 -50.48 17.13
N GLN A 1638 1.43 -49.47 17.82
CA GLN A 1638 1.33 -49.48 19.27
C GLN A 1638 0.06 -50.19 19.72
N PRO A 1639 0.03 -50.69 20.97
CA PRO A 1639 -1.25 -51.17 21.53
C PRO A 1639 -2.15 -50.01 21.95
N LYS A 1640 -2.93 -49.50 21.00
CA LYS A 1640 -3.74 -48.31 21.22
C LYS A 1640 -4.88 -48.60 22.20
N ASP A 1641 -5.51 -49.77 22.07
CA ASP A 1641 -6.60 -50.13 22.95
C ASP A 1641 -6.09 -50.37 24.38
N PRO A 1642 -6.87 -50.06 25.41
CA PRO A 1642 -6.39 -50.23 26.79
C PRO A 1642 -6.19 -51.68 27.20
N ASN A 1643 -6.83 -52.64 26.52
CA ASN A 1643 -6.60 -54.06 26.79
C ASN A 1643 -5.40 -54.62 26.02
N GLY A 1644 -4.77 -53.81 25.17
CA GLY A 1644 -3.51 -54.18 24.57
C GLY A 1644 -3.58 -54.81 23.19
N LYS A 1645 -4.64 -54.59 22.42
CA LYS A 1645 -4.77 -55.16 21.09
C LYS A 1645 -4.79 -54.04 20.05
N CYS A 1646 -4.13 -54.28 18.92
CA CYS A 1646 -4.21 -53.41 17.75
C CYS A 1646 -4.56 -54.26 16.54
N ASP A 1647 -5.60 -53.85 15.82
CA ASP A 1647 -6.25 -54.68 14.80
C ASP A 1647 -6.34 -53.91 13.49
N PRO A 1648 -5.24 -53.78 12.76
CA PRO A 1648 -5.19 -52.83 11.65
C PRO A 1648 -5.83 -53.37 10.37
N TYR A 1649 -6.30 -52.43 9.54
CA TYR A 1649 -6.77 -52.73 8.20
C TYR A 1649 -6.64 -51.45 7.37
N ILE A 1650 -6.69 -51.61 6.05
CA ILE A 1650 -6.38 -50.52 5.13
C ILE A 1650 -7.63 -49.71 4.83
N LYS A 1651 -7.45 -48.48 4.35
CA LYS A 1651 -8.48 -47.75 3.62
C LYS A 1651 -7.83 -46.77 2.65
N ILE A 1652 -8.10 -46.98 1.37
CA ILE A 1652 -7.55 -46.15 0.30
C ILE A 1652 -8.70 -45.61 -0.53
N SER A 1653 -8.71 -44.29 -0.73
CA SER A 1653 -9.73 -43.65 -1.55
C SER A 1653 -9.08 -43.08 -2.81
N ILE A 1654 -9.42 -43.66 -3.95
CA ILE A 1654 -8.93 -43.18 -5.24
C ILE A 1654 -10.15 -42.94 -6.14
N GLY A 1655 -10.57 -41.67 -6.23
CA GLY A 1655 -11.70 -41.31 -7.05
C GLY A 1655 -13.00 -41.87 -6.50
N LYS A 1656 -13.74 -42.59 -7.35
CA LYS A 1656 -14.96 -43.25 -6.93
C LYS A 1656 -14.69 -44.48 -6.08
N LYS A 1657 -13.52 -45.08 -6.21
CA LYS A 1657 -13.23 -46.33 -5.53
C LYS A 1657 -12.90 -46.09 -4.06
N SER A 1658 -13.37 -46.99 -3.21
CA SER A 1658 -13.09 -46.95 -1.78
C SER A 1658 -12.77 -48.35 -1.29
N VAL A 1659 -11.92 -48.42 -0.26
CA VAL A 1659 -11.48 -49.68 0.31
C VAL A 1659 -12.20 -49.89 1.64
N SER A 1660 -12.76 -51.08 1.82
CA SER A 1660 -13.56 -51.43 2.99
C SER A 1660 -12.95 -52.65 3.66
N ASP A 1661 -11.64 -52.59 3.93
CA ASP A 1661 -10.81 -53.69 4.42
C ASP A 1661 -11.12 -54.14 5.85
N GLN A 1662 -12.17 -53.61 6.49
CA GLN A 1662 -12.62 -54.13 7.78
C GLN A 1662 -13.12 -55.57 7.68
N ASP A 1663 -13.51 -56.01 6.47
CA ASP A 1663 -13.89 -57.39 6.23
C ASP A 1663 -12.75 -58.36 6.46
N ASN A 1664 -11.50 -57.95 6.24
CA ASN A 1664 -10.35 -58.83 6.41
C ASN A 1664 -9.32 -58.17 7.31
N TYR A 1665 -9.78 -57.60 8.44
CA TYR A 1665 -8.86 -57.03 9.41
C TYR A 1665 -8.13 -58.15 10.16
N ILE A 1666 -6.89 -57.88 10.53
CA ILE A 1666 -6.03 -58.85 11.19
C ILE A 1666 -6.00 -58.53 12.68
N PRO A 1667 -6.54 -59.37 13.55
CA PRO A 1667 -6.66 -59.01 14.97
C PRO A 1667 -5.38 -59.25 15.76
N CYS A 1668 -5.10 -58.28 16.63
CA CYS A 1668 -4.19 -58.43 17.78
C CYS A 1668 -2.75 -58.74 17.38
N THR A 1669 -2.17 -57.84 16.59
CA THR A 1669 -0.76 -57.95 16.25
C THR A 1669 -0.15 -56.57 16.03
N LEU A 1670 1.10 -56.40 16.46
CA LEU A 1670 1.85 -55.20 16.14
C LEU A 1670 2.32 -55.19 14.69
N GLU A 1671 2.63 -56.36 14.13
CA GLU A 1671 3.21 -56.48 12.80
C GLU A 1671 2.33 -57.40 11.96
N PRO A 1672 1.29 -56.86 11.33
CA PRO A 1672 0.41 -57.70 10.50
C PRO A 1672 1.04 -58.05 9.16
N VAL A 1673 0.54 -59.11 8.55
CA VAL A 1673 0.89 -59.48 7.18
C VAL A 1673 -0.44 -59.59 6.41
N PHE A 1674 -0.84 -58.50 5.77
CA PHE A 1674 -2.07 -58.48 4.97
C PHE A 1674 -1.93 -59.38 3.74
N GLY A 1675 -1.01 -59.04 2.84
CA GLY A 1675 -0.77 -59.84 1.66
C GLY A 1675 -1.90 -59.91 0.65
N LYS A 1676 -2.52 -58.78 0.33
CA LYS A 1676 -3.72 -58.76 -0.48
C LYS A 1676 -3.46 -58.15 -1.85
N MET A 1677 -4.46 -58.26 -2.72
CA MET A 1677 -4.39 -57.77 -4.09
C MET A 1677 -5.50 -56.76 -4.33
N PHE A 1678 -5.15 -55.63 -4.94
CA PHE A 1678 -6.11 -54.56 -5.25
C PHE A 1678 -5.84 -54.07 -6.66
N GLU A 1679 -6.53 -54.67 -7.63
CA GLU A 1679 -6.48 -54.17 -8.99
C GLU A 1679 -7.35 -52.92 -9.12
N LEU A 1680 -6.80 -51.89 -9.73
CA LEU A 1680 -7.47 -50.60 -9.79
C LEU A 1680 -7.20 -49.93 -11.13
N THR A 1681 -7.87 -48.82 -11.37
CA THR A 1681 -7.64 -47.98 -12.54
C THR A 1681 -7.57 -46.53 -12.09
N CYS A 1682 -6.92 -45.71 -12.90
CA CYS A 1682 -6.75 -44.29 -12.58
C CYS A 1682 -6.74 -43.47 -13.86
N THR A 1683 -7.09 -42.19 -13.73
CA THR A 1683 -7.02 -41.23 -14.82
C THR A 1683 -6.40 -39.94 -14.30
N LEU A 1684 -5.63 -39.27 -15.15
CA LEU A 1684 -4.97 -38.04 -14.74
C LEU A 1684 -5.91 -36.85 -14.94
N PRO A 1685 -5.88 -35.86 -14.03
CA PRO A 1685 -5.14 -35.79 -12.77
C PRO A 1685 -6.01 -36.01 -11.55
N LEU A 1686 -7.25 -36.50 -11.72
CA LEU A 1686 -8.15 -36.66 -10.59
C LEU A 1686 -7.76 -37.84 -9.70
N GLU A 1687 -7.27 -38.92 -10.30
CA GLU A 1687 -6.87 -40.11 -9.55
C GLU A 1687 -5.35 -40.29 -9.53
N LYS A 1688 -4.60 -39.18 -9.50
CA LYS A 1688 -3.15 -39.26 -9.51
C LYS A 1688 -2.57 -39.41 -8.11
N ASP A 1689 -3.38 -39.26 -7.06
CA ASP A 1689 -2.88 -39.21 -5.69
C ASP A 1689 -3.22 -40.52 -4.97
N LEU A 1690 -2.25 -41.04 -4.25
CA LEU A 1690 -2.42 -42.28 -3.48
C LEU A 1690 -2.34 -41.96 -2.00
N LYS A 1691 -3.51 -41.87 -1.36
CA LYS A 1691 -3.57 -41.69 0.08
C LYS A 1691 -4.01 -42.99 0.75
N ILE A 1692 -3.26 -43.41 1.77
CA ILE A 1692 -3.46 -44.71 2.39
C ILE A 1692 -3.43 -44.56 3.91
N THR A 1693 -4.42 -45.15 4.58
CA THR A 1693 -4.57 -45.04 6.02
C THR A 1693 -4.67 -46.43 6.65
N LEU A 1694 -4.59 -46.45 7.97
CA LEU A 1694 -4.79 -47.66 8.76
C LEU A 1694 -5.72 -47.35 9.94
N TYR A 1695 -6.73 -48.20 10.14
CA TYR A 1695 -7.63 -48.09 11.28
C TYR A 1695 -7.59 -49.37 12.11
N ASP A 1696 -7.74 -49.21 13.42
CA ASP A 1696 -7.64 -50.28 14.40
C ASP A 1696 -9.07 -50.62 14.82
N TYR A 1697 -9.43 -51.90 14.74
CA TYR A 1697 -10.77 -52.34 15.05
C TYR A 1697 -11.06 -52.25 16.54
N ASP A 1698 -12.32 -52.00 16.88
CA ASP A 1698 -12.73 -51.80 18.26
C ASP A 1698 -13.95 -52.67 18.54
N LEU A 1699 -14.23 -52.86 19.83
CA LEU A 1699 -15.31 -53.77 20.22
C LEU A 1699 -16.68 -53.15 19.97
N LEU A 1700 -16.97 -52.02 20.59
CA LEU A 1700 -18.29 -51.41 20.46
C LEU A 1700 -18.20 -49.98 19.92
N SER A 1701 -17.02 -49.39 19.99
CA SER A 1701 -16.84 -48.02 19.52
C SER A 1701 -16.43 -48.02 18.04
N LYS A 1702 -16.33 -46.81 17.48
CA LYS A 1702 -15.87 -46.64 16.12
C LYS A 1702 -14.38 -46.98 16.03
N ASP A 1703 -13.99 -47.61 14.91
CA ASP A 1703 -12.61 -48.03 14.69
C ASP A 1703 -11.67 -46.83 14.62
N GLU A 1704 -10.78 -46.71 15.61
CA GLU A 1704 -9.95 -45.52 15.77
C GLU A 1704 -8.87 -45.46 14.70
N LYS A 1705 -8.42 -44.24 14.39
CA LYS A 1705 -7.42 -44.06 13.34
C LYS A 1705 -6.01 -44.23 13.91
N ILE A 1706 -5.13 -44.81 13.09
CA ILE A 1706 -3.74 -45.00 13.48
C ILE A 1706 -2.91 -43.86 12.90
N GLY A 1707 -2.92 -43.74 11.57
CA GLY A 1707 -2.12 -42.72 10.92
C GLY A 1707 -2.41 -42.71 9.43
N GLU A 1708 -1.65 -41.86 8.73
CA GLU A 1708 -1.83 -41.71 7.30
C GLU A 1708 -0.51 -41.26 6.67
N THR A 1709 -0.38 -41.54 5.37
CA THR A 1709 0.72 -41.06 4.56
C THR A 1709 0.22 -40.95 3.12
N VAL A 1710 0.93 -40.16 2.32
CA VAL A 1710 0.48 -39.87 0.96
C VAL A 1710 1.68 -39.83 0.01
N VAL A 1711 1.42 -40.12 -1.26
CA VAL A 1711 2.38 -39.96 -2.34
C VAL A 1711 1.65 -39.33 -3.53
N ASP A 1712 2.29 -38.35 -4.17
CA ASP A 1712 1.77 -37.78 -5.40
C ASP A 1712 2.53 -38.42 -6.56
N LEU A 1713 1.83 -39.15 -7.40
CA LEU A 1713 2.45 -39.97 -8.43
C LEU A 1713 2.56 -39.27 -9.78
N GLU A 1714 2.13 -38.01 -9.86
CA GLU A 1714 2.21 -37.29 -11.14
C GLU A 1714 3.64 -36.91 -11.48
N ASN A 1715 4.43 -36.51 -10.47
CA ASN A 1715 5.79 -36.06 -10.72
C ASN A 1715 6.71 -37.20 -11.12
N ARG A 1716 6.34 -38.43 -10.78
CA ARG A 1716 7.12 -39.60 -11.21
C ARG A 1716 7.01 -39.80 -12.72
N LEU A 1717 5.83 -39.54 -13.28
CA LEU A 1717 5.63 -39.63 -14.73
C LEU A 1717 6.13 -38.38 -15.44
N LEU A 1718 6.07 -37.23 -14.77
CA LEU A 1718 6.35 -35.95 -15.41
C LEU A 1718 7.85 -35.75 -15.63
N SER A 1719 8.68 -36.46 -14.86
CA SER A 1719 10.12 -36.27 -14.90
C SER A 1719 10.70 -36.76 -16.23
N LYS A 1720 11.77 -36.09 -16.67
CA LYS A 1720 12.41 -36.44 -17.93
C LYS A 1720 13.22 -37.73 -17.84
N PHE A 1721 13.46 -38.24 -16.63
CA PHE A 1721 14.11 -39.53 -16.48
C PHE A 1721 13.22 -40.68 -16.94
N GLY A 1722 11.90 -40.49 -16.89
CA GLY A 1722 10.99 -41.61 -17.06
C GLY A 1722 11.07 -42.58 -15.89
N ALA A 1723 10.93 -42.07 -14.67
CA ALA A 1723 11.26 -42.83 -13.47
C ALA A 1723 10.09 -43.63 -12.93
N ARG A 1724 9.15 -44.00 -13.82
CA ARG A 1724 7.98 -44.78 -13.43
C ARG A 1724 8.38 -46.18 -12.95
N CYS A 1725 8.97 -47.00 -13.81
CA CYS A 1725 9.32 -48.35 -13.43
C CYS A 1725 10.72 -48.35 -12.82
N GLY A 1726 10.80 -48.77 -11.57
CA GLY A 1726 12.08 -48.90 -10.91
C GLY A 1726 12.91 -50.03 -11.50
N LEU A 1727 14.21 -49.78 -11.60
CA LEU A 1727 15.04 -50.71 -12.36
C LEU A 1727 15.67 -51.75 -11.46
N PRO A 1728 15.47 -53.03 -11.71
CA PRO A 1728 16.40 -54.04 -11.19
C PRO A 1728 17.75 -53.91 -11.88
N GLN A 1729 18.79 -54.36 -11.20
CA GLN A 1729 20.14 -54.21 -11.72
C GLN A 1729 20.44 -55.10 -12.91
N THR A 1730 19.80 -56.25 -13.03
CA THR A 1730 19.91 -57.09 -14.22
C THR A 1730 18.51 -57.47 -14.68
N TYR A 1731 18.41 -57.85 -15.95
CA TYR A 1731 17.14 -58.27 -16.55
C TYR A 1731 16.97 -59.77 -16.39
N CYS A 1732 15.75 -60.20 -16.07
CA CYS A 1732 15.39 -61.60 -16.06
C CYS A 1732 14.00 -61.77 -16.66
N VAL A 1733 13.84 -62.80 -17.50
CA VAL A 1733 12.54 -63.14 -18.06
C VAL A 1733 11.58 -63.63 -16.98
N SER A 1734 12.03 -64.53 -16.12
CA SER A 1734 11.19 -65.06 -15.04
C SER A 1734 12.00 -65.04 -13.76
N GLY A 1735 11.48 -65.70 -12.73
CA GLY A 1735 12.13 -65.77 -11.45
C GLY A 1735 11.82 -64.56 -10.58
N PRO A 1736 12.73 -64.23 -9.67
CA PRO A 1736 12.49 -63.06 -8.79
C PRO A 1736 12.59 -61.74 -9.52
N ASN A 1737 13.47 -61.61 -10.51
CA ASN A 1737 13.62 -60.39 -11.29
C ASN A 1737 12.80 -60.42 -12.57
N GLN A 1738 11.62 -61.05 -12.54
CA GLN A 1738 10.73 -61.13 -13.68
C GLN A 1738 10.24 -59.75 -14.09
N TRP A 1739 10.25 -59.50 -15.39
CA TRP A 1739 10.01 -58.17 -15.92
C TRP A 1739 8.55 -57.75 -15.75
N ARG A 1740 8.34 -56.45 -15.57
CA ARG A 1740 7.03 -55.89 -15.30
C ARG A 1740 6.65 -54.75 -16.24
N ASP A 1741 7.62 -54.04 -16.80
CA ASP A 1741 7.33 -52.92 -17.69
C ASP A 1741 6.73 -53.41 -19.00
N GLN A 1742 5.95 -52.53 -19.64
CA GLN A 1742 5.27 -52.78 -20.90
C GLN A 1742 6.23 -53.09 -22.04
N LEU A 1743 7.43 -52.52 -22.04
CA LEU A 1743 8.41 -52.80 -23.08
C LEU A 1743 9.69 -53.30 -22.43
N ARG A 1744 10.37 -54.19 -23.15
CA ARG A 1744 11.66 -54.73 -22.75
C ARG A 1744 12.71 -53.61 -22.73
N PRO A 1745 13.82 -53.77 -21.95
CA PRO A 1745 14.80 -52.68 -21.80
C PRO A 1745 15.46 -52.18 -23.09
N SER A 1746 15.54 -53.03 -24.12
CA SER A 1746 16.03 -52.57 -25.41
C SER A 1746 15.04 -51.62 -26.06
N GLN A 1747 13.75 -51.95 -26.01
CA GLN A 1747 12.74 -51.05 -26.57
C GLN A 1747 12.51 -49.83 -25.69
N LEU A 1748 12.90 -49.90 -24.41
CA LEU A 1748 12.82 -48.75 -23.52
C LEU A 1748 13.92 -47.74 -23.82
N LEU A 1749 15.13 -48.23 -24.11
CA LEU A 1749 16.23 -47.32 -24.42
C LEU A 1749 16.06 -46.76 -25.83
N HIS A 1750 15.42 -47.52 -26.71
CA HIS A 1750 15.03 -47.00 -28.02
C HIS A 1750 13.97 -45.91 -27.86
N LEU A 1751 13.07 -46.07 -26.89
CA LEU A 1751 12.10 -45.02 -26.57
C LEU A 1751 12.78 -43.79 -25.99
N PHE A 1752 13.89 -44.00 -25.27
CA PHE A 1752 14.70 -42.89 -24.77
C PHE A 1752 15.37 -42.15 -25.93
N CYS A 1753 15.69 -42.88 -27.00
CA CYS A 1753 16.33 -42.25 -28.16
C CYS A 1753 15.31 -41.43 -28.96
N GLN A 1754 14.06 -41.87 -29.00
CA GLN A 1754 13.04 -41.10 -29.72
C GLN A 1754 12.60 -39.89 -28.91
N GLN A 1755 12.56 -40.03 -27.58
CA GLN A 1755 12.07 -38.95 -26.73
C GLN A 1755 13.09 -37.81 -26.63
N HIS A 1756 14.36 -38.15 -26.44
CA HIS A 1756 15.41 -37.17 -26.21
C HIS A 1756 16.31 -36.96 -27.43
N ARG A 1757 15.87 -37.40 -28.62
CA ARG A 1757 16.53 -37.21 -29.91
C ARG A 1757 17.94 -37.80 -29.94
N VAL A 1758 18.16 -38.89 -29.20
CA VAL A 1758 19.42 -39.63 -29.30
C VAL A 1758 19.35 -40.52 -30.54
N LYS A 1759 20.53 -40.85 -31.09
CA LYS A 1759 20.61 -41.71 -32.27
C LYS A 1759 20.16 -43.13 -31.92
N ALA A 1760 19.56 -43.80 -32.90
CA ALA A 1760 18.95 -45.10 -32.67
C ALA A 1760 20.01 -46.16 -32.39
N PRO A 1761 19.75 -47.09 -31.47
CA PRO A 1761 20.77 -48.06 -31.06
C PRO A 1761 20.95 -49.18 -32.07
N VAL A 1762 22.08 -49.88 -31.91
CA VAL A 1762 22.40 -51.08 -32.68
C VAL A 1762 22.67 -52.21 -31.69
N TYR A 1763 22.01 -53.34 -31.90
CA TYR A 1763 22.07 -54.46 -30.95
C TYR A 1763 22.80 -55.64 -31.56
N ARG A 1764 23.71 -56.22 -30.78
CA ARG A 1764 24.41 -57.44 -31.15
C ARG A 1764 24.11 -58.49 -30.09
N THR A 1765 24.69 -59.68 -30.28
CA THR A 1765 24.57 -60.74 -29.29
C THR A 1765 25.29 -60.39 -28.00
N ASP A 1766 26.46 -59.76 -28.08
CA ASP A 1766 27.27 -59.47 -26.91
C ASP A 1766 27.25 -58.00 -26.48
N ARG A 1767 27.15 -57.06 -27.41
CA ARG A 1767 27.37 -55.66 -27.10
C ARG A 1767 26.17 -54.83 -27.53
N VAL A 1768 26.00 -53.69 -26.83
CA VAL A 1768 24.87 -52.79 -27.03
C VAL A 1768 25.39 -51.37 -27.16
N MET A 1769 24.94 -50.66 -28.19
CA MET A 1769 25.35 -49.28 -28.45
C MET A 1769 24.34 -48.30 -27.87
N PHE A 1770 24.85 -47.24 -27.24
CA PHE A 1770 24.05 -46.08 -26.87
C PHE A 1770 24.89 -44.83 -27.08
N GLN A 1771 24.28 -43.82 -27.72
CA GLN A 1771 24.96 -42.63 -28.26
C GLN A 1771 26.12 -42.99 -29.18
N ASP A 1772 25.94 -44.07 -29.97
CA ASP A 1772 26.97 -44.73 -30.78
C ASP A 1772 28.26 -45.02 -30.00
N LYS A 1773 28.15 -45.35 -28.71
CA LYS A 1773 29.28 -45.81 -27.93
C LYS A 1773 29.09 -47.26 -27.54
N GLU A 1774 30.19 -48.01 -27.54
CA GLU A 1774 30.15 -49.46 -27.47
C GLU A 1774 30.35 -49.94 -26.03
N TYR A 1775 29.34 -50.62 -25.49
CA TYR A 1775 29.39 -51.19 -24.15
C TYR A 1775 29.22 -52.70 -24.24
N SER A 1776 29.90 -53.42 -23.35
CA SER A 1776 29.94 -54.88 -23.41
C SER A 1776 29.48 -55.47 -22.08
N ILE A 1777 29.11 -56.75 -22.13
CA ILE A 1777 28.48 -57.43 -21.00
C ILE A 1777 29.48 -57.71 -19.88
N GLU A 1778 30.79 -57.60 -20.13
CA GLU A 1778 31.77 -57.83 -19.09
C GLU A 1778 31.82 -56.68 -18.07
N GLU A 1779 31.19 -55.55 -18.37
CA GLU A 1779 31.06 -54.49 -17.38
C GLU A 1779 30.04 -54.82 -16.29
N ILE A 1780 29.16 -55.79 -16.55
CA ILE A 1780 28.13 -56.18 -15.58
C ILE A 1780 28.51 -57.42 -14.81
N GLU A 1781 28.81 -58.51 -15.51
CA GLU A 1781 28.91 -59.83 -14.91
C GLU A 1781 30.33 -60.30 -14.66
N ALA A 1782 31.29 -59.38 -14.56
CA ALA A 1782 32.65 -59.76 -14.17
C ALA A 1782 32.70 -60.10 -12.69
N GLY A 1783 33.07 -61.33 -12.39
CA GLY A 1783 33.06 -61.78 -11.00
C GLY A 1783 31.67 -62.06 -10.46
N ARG A 1784 30.68 -62.24 -11.33
CA ARG A 1784 29.31 -62.49 -10.92
C ARG A 1784 28.81 -63.75 -11.61
N ILE A 1785 27.90 -64.44 -10.93
CA ILE A 1785 27.39 -65.72 -11.44
C ILE A 1785 26.37 -65.45 -12.54
N PRO A 1786 26.51 -66.04 -13.73
CA PRO A 1786 25.47 -65.94 -14.76
C PRO A 1786 24.27 -66.81 -14.45
N ASN A 1787 23.32 -66.27 -13.69
CA ASN A 1787 22.16 -67.02 -13.23
C ASN A 1787 21.27 -67.42 -14.40
N PRO A 1788 20.60 -68.59 -14.31
CA PRO A 1788 19.79 -69.05 -15.44
C PRO A 1788 18.50 -68.26 -15.66
N HIS A 1789 18.09 -67.41 -14.70
CA HIS A 1789 16.92 -66.58 -14.91
C HIS A 1789 17.18 -65.43 -15.88
N LEU A 1790 18.45 -65.13 -16.17
CA LEU A 1790 18.81 -63.95 -16.97
C LEU A 1790 18.32 -64.09 -18.40
N GLY A 1791 17.78 -62.99 -18.94
CA GLY A 1791 17.22 -62.99 -20.26
C GLY A 1791 18.25 -62.75 -21.34
N PRO A 1792 17.86 -62.06 -22.41
CA PRO A 1792 18.83 -61.72 -23.47
C PRO A 1792 19.87 -60.73 -22.98
N VAL A 1793 21.07 -60.83 -23.56
CA VAL A 1793 22.19 -59.97 -23.21
C VAL A 1793 21.90 -58.53 -23.63
N GLU A 1794 21.13 -58.34 -24.71
CA GLU A 1794 20.70 -57.02 -25.15
C GLU A 1794 19.87 -56.32 -24.10
N GLU A 1795 19.00 -57.06 -23.40
CA GLU A 1795 18.19 -56.47 -22.35
C GLU A 1795 18.99 -56.22 -21.08
N ARG A 1796 20.06 -57.00 -20.86
CA ARG A 1796 20.91 -56.79 -19.69
C ARG A 1796 21.71 -55.50 -19.81
N LEU A 1797 22.30 -55.26 -20.99
CA LEU A 1797 23.16 -54.09 -21.15
C LEU A 1797 22.35 -52.81 -21.29
N ALA A 1798 21.20 -52.86 -21.96
CA ALA A 1798 20.38 -51.67 -22.13
C ALA A 1798 19.79 -51.20 -20.80
N LEU A 1799 19.44 -52.15 -19.92
CA LEU A 1799 18.97 -51.80 -18.59
C LEU A 1799 20.07 -51.18 -17.75
N HIS A 1800 21.32 -51.59 -18.00
CA HIS A 1800 22.46 -51.00 -17.31
C HIS A 1800 22.69 -49.55 -17.75
N VAL A 1801 22.39 -49.25 -19.02
CA VAL A 1801 22.57 -47.90 -19.54
C VAL A 1801 21.57 -46.93 -18.91
N LEU A 1802 20.31 -47.38 -18.71
CA LEU A 1802 19.34 -46.53 -18.03
C LEU A 1802 19.67 -46.35 -16.55
N GLN A 1803 20.41 -47.30 -15.96
CA GLN A 1803 20.94 -47.09 -14.62
C GLN A 1803 21.98 -45.97 -14.61
N GLN A 1804 22.70 -45.79 -15.72
CA GLN A 1804 23.60 -44.66 -15.87
C GLN A 1804 22.86 -43.36 -16.22
N GLN A 1805 21.58 -43.44 -16.59
CA GLN A 1805 20.79 -42.27 -16.94
C GLN A 1805 20.12 -41.63 -15.72
N GLY A 1806 20.48 -42.04 -14.51
CA GLY A 1806 19.88 -41.46 -13.31
C GLY A 1806 18.54 -42.06 -12.93
N LEU A 1807 18.18 -43.21 -13.47
CA LEU A 1807 16.91 -43.84 -13.14
C LEU A 1807 16.98 -44.45 -11.74
N VAL A 1808 15.86 -44.40 -11.02
CA VAL A 1808 15.76 -44.92 -9.66
C VAL A 1808 15.76 -46.44 -9.71
N PRO A 1809 16.26 -47.14 -8.69
CA PRO A 1809 16.07 -48.59 -8.62
C PRO A 1809 14.64 -48.97 -8.27
N GLU A 1810 14.43 -50.28 -8.12
CA GLU A 1810 13.10 -50.83 -7.89
C GLU A 1810 12.56 -50.43 -6.52
N HIS A 1811 11.25 -50.20 -6.46
CA HIS A 1811 10.64 -49.45 -5.37
C HIS A 1811 9.70 -50.34 -4.56
N VAL A 1812 9.91 -50.35 -3.25
CA VAL A 1812 8.92 -50.78 -2.27
C VAL A 1812 8.91 -49.74 -1.17
N GLU A 1813 7.74 -49.14 -0.93
CA GLU A 1813 7.60 -48.01 -0.03
C GLU A 1813 7.05 -48.48 1.31
N SER A 1814 7.87 -48.37 2.35
CA SER A 1814 7.51 -48.71 3.72
C SER A 1814 7.23 -47.47 4.56
N ARG A 1815 6.53 -46.49 3.99
CA ARG A 1815 6.31 -45.12 4.45
C ARG A 1815 5.79 -45.02 5.88
N PRO A 1816 6.44 -44.19 6.71
CA PRO A 1816 5.92 -43.95 8.06
C PRO A 1816 4.66 -43.10 8.02
N LEU A 1817 3.65 -43.54 8.78
CA LEU A 1817 2.44 -42.76 8.96
C LEU A 1817 2.68 -41.62 9.94
N TYR A 1818 1.72 -40.71 10.01
CA TYR A 1818 1.76 -39.60 10.96
C TYR A 1818 0.41 -39.46 11.64
N SER A 1819 0.44 -39.05 12.91
CA SER A 1819 -0.75 -38.93 13.72
C SER A 1819 -1.56 -37.71 13.31
N PRO A 1820 -2.88 -37.83 13.18
CA PRO A 1820 -3.71 -36.62 12.97
C PRO A 1820 -3.74 -35.72 14.18
N LEU A 1821 -3.61 -36.27 15.39
CA LEU A 1821 -3.59 -35.47 16.61
C LEU A 1821 -2.28 -34.74 16.83
N GLN A 1822 -1.20 -35.19 16.18
CA GLN A 1822 0.10 -34.55 16.31
C GLN A 1822 0.93 -34.80 15.05
N PRO A 1823 1.25 -33.76 14.27
CA PRO A 1823 2.00 -33.97 13.03
C PRO A 1823 3.48 -34.29 13.23
N ASP A 1824 3.99 -34.24 14.45
CA ASP A 1824 5.38 -34.59 14.72
C ASP A 1824 5.55 -36.01 15.26
N ILE A 1825 4.50 -36.81 15.29
CA ILE A 1825 4.53 -38.15 15.87
C ILE A 1825 4.30 -39.16 14.76
N GLU A 1826 5.24 -40.10 14.60
CA GLU A 1826 5.08 -41.18 13.65
C GLU A 1826 4.23 -42.30 14.26
N GLN A 1827 3.53 -43.03 13.39
CA GLN A 1827 2.51 -43.99 13.80
C GLN A 1827 2.70 -45.32 13.06
N GLY A 1828 3.91 -45.85 13.08
CA GLY A 1828 4.21 -47.10 12.42
C GLY A 1828 4.58 -46.92 10.97
N LYS A 1829 4.95 -48.03 10.33
CA LYS A 1829 5.39 -48.03 8.95
C LYS A 1829 4.61 -49.08 8.16
N LEU A 1830 4.30 -48.77 6.90
CA LEU A 1830 3.41 -49.58 6.08
C LEU A 1830 4.05 -49.84 4.72
N GLN A 1831 4.34 -51.11 4.45
CA GLN A 1831 5.04 -51.53 3.24
C GLN A 1831 4.03 -51.81 2.14
N MET A 1832 4.36 -51.39 0.91
CA MET A 1832 3.52 -51.58 -0.25
C MET A 1832 4.38 -51.42 -1.50
N TRP A 1833 3.83 -51.86 -2.64
CA TRP A 1833 4.39 -51.48 -3.93
C TRP A 1833 3.26 -51.44 -4.95
N VAL A 1834 3.37 -50.50 -5.89
CA VAL A 1834 2.28 -50.14 -6.79
C VAL A 1834 2.77 -50.29 -8.22
N ASP A 1835 1.96 -50.91 -9.07
CA ASP A 1835 2.15 -50.90 -10.52
C ASP A 1835 1.34 -49.75 -11.11
N LEU A 1836 1.89 -49.12 -12.14
CA LEU A 1836 1.19 -48.02 -12.81
C LEU A 1836 1.75 -47.95 -14.23
N PHE A 1837 0.89 -48.20 -15.22
CA PHE A 1837 1.32 -48.21 -16.62
C PHE A 1837 0.21 -47.66 -17.51
N PRO A 1838 0.47 -46.59 -18.27
CA PRO A 1838 -0.54 -46.09 -19.22
C PRO A 1838 -0.71 -47.05 -20.39
N LYS A 1839 -1.96 -47.45 -20.65
CA LYS A 1839 -2.25 -48.59 -21.51
C LYS A 1839 -1.93 -48.34 -22.98
N ALA A 1840 -1.71 -47.09 -23.39
CA ALA A 1840 -1.46 -46.79 -24.79
C ALA A 1840 -0.06 -47.25 -25.23
N LEU A 1841 0.87 -47.37 -24.29
CA LEU A 1841 2.23 -47.76 -24.65
C LEU A 1841 2.33 -49.24 -24.99
N GLY A 1842 1.68 -50.09 -24.20
CA GLY A 1842 1.77 -51.53 -24.42
C GLY A 1842 1.15 -52.31 -23.30
N ARG A 1843 1.43 -53.60 -23.30
CA ARG A 1843 0.93 -54.49 -22.25
C ARG A 1843 2.02 -54.73 -21.21
N PRO A 1844 1.80 -54.39 -19.95
CA PRO A 1844 2.78 -54.73 -18.91
C PRO A 1844 2.75 -56.21 -18.58
N GLY A 1845 3.79 -56.65 -17.86
CA GLY A 1845 3.94 -58.02 -17.49
C GLY A 1845 2.90 -58.48 -16.49
N PRO A 1846 2.70 -59.80 -16.39
CA PRO A 1846 1.67 -60.33 -15.50
C PRO A 1846 2.08 -60.19 -14.04
N PRO A 1847 1.11 -60.06 -13.13
CA PRO A 1847 1.44 -59.99 -11.70
C PRO A 1847 1.92 -61.33 -11.17
N PHE A 1848 2.70 -61.25 -10.09
CA PHE A 1848 3.10 -62.46 -9.37
C PHE A 1848 2.53 -62.40 -7.96
N ASN A 1849 2.65 -63.51 -7.25
CA ASN A 1849 2.23 -63.56 -5.87
C ASN A 1849 3.24 -62.85 -4.97
N ILE A 1850 2.84 -62.62 -3.73
CA ILE A 1850 3.72 -61.98 -2.76
C ILE A 1850 4.76 -62.99 -2.27
#